data_1VZ8
#
_entry.id   1VZ8
#
_cell.length_a   60.792
_cell.length_b   180.194
_cell.length_c   73.326
_cell.angle_alpha   90.00
_cell.angle_beta   90.08
_cell.angle_gamma   90.00
#
_symmetry.space_group_name_H-M   'P 1 21 1'
#
loop_
_entity.id
_entity.type
_entity.pdbx_description
1 polymer 'ORNITHINE ACETYL-TRANSFERASE'
2 non-polymer 'SULFATE ION'
3 water water
#
_entity_poly.entity_id   1
_entity_poly.type   'polypeptide(L)'
_entity_poly.pdbx_seq_one_letter_code
;(MSE)SDSTPKTPRGFVVHTAPVGLADDGRDDFTVLASTAPATVSAVFTRSRFAGPSVVLCREAVADGQARGVVVLARNA
NVATGLEGEENAREVREAVARALGLPEGE(MSE)LIASTGVIGRQYP(MSE)ESIREHLKTLEWPAGEGGFDRAARAI
(MSE)TTDTRPKEVRVSVGGATLVGIAKGVG(MSE)LEPD(MSE)ATLLTFFATDARLDPAEQDRLFRRV(MSE)DRTFN
AVSIDTDTSTSDTAVLFANGLAGEVDAGEFEEALHTAALALVKDIASDGEGAAKLIEVQVTGARDDAQAKRVGKTVVNSP
LVKTAVHGCDPNWGRVA(MSE)AIGKCSDDTDIDQERVTIRFGEVEVYPPKARGDQADDALRAAVAEHLRGDEVVIGIDL
AIADGAFTVYGCDLTEGYVRLNSEYTT
;
_entity_poly.pdbx_strand_id   A,B,C,D
#
loop_
_chem_comp.id
_chem_comp.type
_chem_comp.name
_chem_comp.formula
SO4 non-polymer 'SULFATE ION' 'O4 S -2'
#
# COMPACT_ATOMS: atom_id res chain seq x y z
N THR A 8 -17.12 -33.87 -29.40
CA THR A 8 -17.79 -35.18 -29.15
C THR A 8 -19.08 -35.09 -28.33
N PRO A 9 -19.30 -33.98 -27.62
CA PRO A 9 -20.54 -33.89 -26.83
C PRO A 9 -21.78 -33.64 -27.69
N ARG A 10 -22.90 -34.25 -27.30
CA ARG A 10 -24.16 -34.12 -28.01
C ARG A 10 -24.78 -32.73 -27.94
N GLY A 11 -25.31 -32.27 -29.06
CA GLY A 11 -25.96 -30.98 -29.11
C GLY A 11 -25.14 -29.81 -29.61
N PHE A 12 -23.83 -29.99 -29.76
CA PHE A 12 -22.98 -28.92 -30.25
C PHE A 12 -22.59 -29.08 -31.72
N VAL A 13 -22.74 -28.00 -32.47
CA VAL A 13 -22.43 -27.99 -33.90
C VAL A 13 -21.52 -26.81 -34.13
N VAL A 14 -20.65 -26.89 -35.13
CA VAL A 14 -19.73 -25.79 -35.40
C VAL A 14 -19.80 -25.30 -36.83
N HIS A 15 -19.71 -23.99 -37.00
CA HIS A 15 -19.74 -23.38 -38.31
C HIS A 15 -18.49 -22.53 -38.46
N THR A 16 -17.68 -22.84 -39.46
CA THR A 16 -16.46 -22.08 -39.68
C THR A 16 -16.38 -21.66 -41.13
N ALA A 17 -16.12 -20.38 -41.36
CA ALA A 17 -16.07 -19.89 -42.72
C ALA A 17 -15.16 -18.68 -42.88
N PRO A 18 -14.48 -18.56 -44.04
CA PRO A 18 -13.58 -17.44 -44.31
C PRO A 18 -14.43 -16.22 -44.61
N VAL A 19 -14.11 -15.10 -43.98
CA VAL A 19 -14.87 -13.90 -44.23
C VAL A 19 -13.90 -12.78 -44.55
N GLY A 20 -12.62 -13.11 -44.60
CA GLY A 20 -11.61 -12.13 -44.94
C GLY A 20 -11.30 -11.06 -43.93
N LEU A 21 -11.13 -11.46 -42.67
CA LEU A 21 -10.77 -10.53 -41.61
C LEU A 21 -9.26 -10.33 -41.78
N ALA A 22 -8.78 -10.85 -42.91
CA ALA A 22 -7.39 -10.79 -43.33
C ALA A 22 -7.46 -11.28 -44.78
N ASP A 23 -6.54 -10.85 -45.62
CA ASP A 23 -6.57 -11.25 -47.02
C ASP A 23 -5.84 -12.57 -47.24
N ASP A 24 -6.51 -13.68 -46.94
CA ASP A 24 -5.87 -14.99 -47.10
C ASP A 24 -6.82 -16.18 -47.32
N GLY A 25 -8.12 -15.98 -47.15
CA GLY A 25 -9.05 -17.07 -47.37
C GLY A 25 -9.07 -18.18 -46.34
N ARG A 26 -8.44 -17.95 -45.19
CA ARG A 26 -8.43 -18.93 -44.12
C ARG A 26 -9.71 -18.71 -43.30
N ASP A 27 -10.18 -19.74 -42.61
CA ASP A 27 -11.38 -19.60 -41.80
C ASP A 27 -11.09 -18.64 -40.65
N ASP A 28 -12.00 -17.70 -40.41
CA ASP A 28 -11.80 -16.72 -39.35
C ASP A 28 -13.11 -16.32 -38.69
N PHE A 29 -14.21 -16.85 -39.21
CA PHE A 29 -15.53 -16.57 -38.68
C PHE A 29 -16.02 -17.90 -38.14
N THR A 30 -16.27 -17.95 -36.84
CA THR A 30 -16.72 -19.20 -36.22
C THR A 30 -17.96 -19.01 -35.37
N VAL A 31 -18.86 -19.97 -35.46
CA VAL A 31 -20.08 -19.95 -34.66
C VAL A 31 -20.24 -21.33 -34.05
N LEU A 32 -20.22 -21.35 -32.73
CA LEU A 32 -20.35 -22.58 -31.96
C LEU A 32 -21.67 -22.43 -31.25
N ALA A 33 -22.58 -23.37 -31.47
CA ALA A 33 -23.89 -23.29 -30.84
C ALA A 33 -24.42 -24.64 -30.36
N SER A 34 -25.29 -24.59 -29.35
CA SER A 34 -25.92 -25.79 -28.79
C SER A 34 -27.38 -25.89 -29.20
N THR A 35 -27.75 -27.04 -29.73
CA THR A 35 -29.11 -27.33 -30.19
C THR A 35 -30.18 -27.19 -29.10
N ALA A 36 -29.80 -26.77 -27.90
CA ALA A 36 -30.79 -26.64 -26.86
C ALA A 36 -30.32 -25.70 -25.77
N PRO A 37 -31.20 -25.28 -24.85
CA PRO A 37 -30.76 -24.38 -23.79
C PRO A 37 -29.56 -24.98 -23.05
N ALA A 38 -28.64 -24.11 -22.62
CA ALA A 38 -27.44 -24.54 -21.89
C ALA A 38 -27.08 -23.56 -20.79
N THR A 39 -26.62 -24.07 -19.65
CA THR A 39 -26.22 -23.18 -18.57
C THR A 39 -24.84 -22.68 -18.96
N VAL A 40 -24.63 -21.38 -18.86
CA VAL A 40 -23.35 -20.80 -19.24
C VAL A 40 -22.59 -20.10 -18.12
N SER A 41 -21.30 -20.37 -18.09
CA SER A 41 -20.40 -19.77 -17.11
C SER A 41 -19.31 -19.11 -17.94
N ALA A 42 -19.07 -17.83 -17.71
CA ALA A 42 -18.03 -17.12 -18.43
C ALA A 42 -17.35 -16.01 -17.61
N VAL A 43 -16.13 -15.69 -18.00
CA VAL A 43 -15.32 -14.64 -17.37
C VAL A 43 -14.71 -13.87 -18.53
N PHE A 44 -14.50 -12.58 -18.34
CA PHE A 44 -13.94 -11.76 -19.40
C PHE A 44 -12.80 -10.88 -18.92
N THR A 45 -12.14 -10.23 -19.85
CA THR A 45 -11.06 -9.34 -19.51
C THR A 45 -11.63 -8.20 -18.69
N ARG A 46 -10.78 -7.45 -17.99
CA ARG A 46 -11.28 -6.34 -17.21
C ARG A 46 -10.59 -5.06 -17.69
N SER A 47 -10.02 -5.12 -18.88
CA SER A 47 -9.31 -3.99 -19.47
C SER A 47 -10.14 -2.73 -19.46
N ARG A 48 -9.49 -1.58 -19.47
CA ARG A 48 -10.17 -0.30 -19.49
C ARG A 48 -10.48 -0.02 -20.95
N PHE A 49 -9.87 -0.80 -21.81
CA PHE A 49 -10.10 -0.65 -23.23
C PHE A 49 -10.81 -1.91 -23.73
N ALA A 50 -11.62 -2.52 -22.87
CA ALA A 50 -12.35 -3.71 -23.28
C ALA A 50 -13.21 -3.39 -24.50
N GLY A 51 -13.04 -4.17 -25.57
CA GLY A 51 -13.80 -3.97 -26.81
C GLY A 51 -15.30 -4.10 -26.64
N PRO A 52 -16.08 -3.64 -27.65
CA PRO A 52 -17.55 -3.74 -27.55
C PRO A 52 -18.07 -5.16 -27.36
N SER A 53 -17.42 -6.13 -28.00
CA SER A 53 -17.85 -7.52 -27.89
C SER A 53 -17.94 -8.01 -26.44
N VAL A 54 -16.89 -7.73 -25.67
CA VAL A 54 -16.84 -8.15 -24.29
C VAL A 54 -18.10 -7.75 -23.56
N VAL A 55 -18.39 -6.46 -23.59
CA VAL A 55 -19.57 -5.91 -22.91
C VAL A 55 -20.78 -6.75 -23.21
N LEU A 56 -21.01 -6.98 -24.49
CA LEU A 56 -22.14 -7.76 -24.91
C LEU A 56 -22.15 -9.13 -24.27
N CYS A 57 -20.98 -9.75 -24.21
CA CYS A 57 -20.87 -11.08 -23.61
C CYS A 57 -21.22 -11.01 -22.15
N ARG A 58 -20.79 -9.97 -21.46
CA ARG A 58 -21.13 -9.85 -20.06
C ARG A 58 -22.64 -9.85 -19.94
N GLU A 59 -23.31 -9.01 -20.73
CA GLU A 59 -24.77 -8.94 -20.68
C GLU A 59 -25.41 -10.29 -20.99
N ALA A 60 -25.00 -10.89 -22.11
CA ALA A 60 -25.53 -12.17 -22.57
C ALA A 60 -25.45 -13.31 -21.56
N VAL A 61 -24.54 -13.23 -20.60
CA VAL A 61 -24.39 -14.30 -19.63
C VAL A 61 -25.03 -14.07 -18.27
N ALA A 62 -25.52 -12.85 -18.04
CA ALA A 62 -26.15 -12.50 -16.77
C ALA A 62 -27.10 -13.55 -16.21
N ASP A 63 -28.06 -13.98 -17.02
CA ASP A 63 -29.04 -14.98 -16.62
C ASP A 63 -28.47 -16.42 -16.57
N GLY A 64 -27.17 -16.54 -16.82
CA GLY A 64 -26.53 -17.84 -16.78
C GLY A 64 -27.07 -18.77 -17.85
N GLN A 65 -27.75 -18.20 -18.83
CA GLN A 65 -28.34 -18.97 -19.93
C GLN A 65 -27.87 -18.42 -21.28
N ALA A 66 -27.37 -19.31 -22.13
CA ALA A 66 -26.91 -18.91 -23.47
C ALA A 66 -26.84 -20.12 -24.39
N ARG A 67 -26.81 -19.89 -25.70
CA ARG A 67 -26.75 -21.01 -26.63
C ARG A 67 -25.72 -20.94 -27.75
N GLY A 68 -24.76 -20.04 -27.65
CA GLY A 68 -23.79 -19.97 -28.71
C GLY A 68 -22.77 -18.85 -28.59
N VAL A 69 -21.89 -18.78 -29.57
CA VAL A 69 -20.90 -17.74 -29.57
C VAL A 69 -20.38 -17.63 -30.98
N VAL A 70 -20.27 -16.39 -31.47
CA VAL A 70 -19.71 -16.17 -32.80
C VAL A 70 -18.31 -15.62 -32.50
N VAL A 71 -17.31 -16.13 -33.19
CA VAL A 71 -15.94 -15.73 -32.95
C VAL A 71 -15.28 -15.27 -34.23
N LEU A 72 -14.73 -14.06 -34.18
CA LEU A 72 -14.04 -13.50 -35.34
C LEU A 72 -12.54 -13.32 -35.00
N ALA A 73 -11.68 -13.97 -35.76
CA ALA A 73 -10.24 -13.93 -35.51
C ALA A 73 -9.50 -13.12 -36.56
N ARG A 74 -8.49 -12.39 -36.10
CA ARG A 74 -7.64 -11.52 -36.91
C ARG A 74 -8.09 -10.07 -36.89
N ASN A 75 -9.11 -9.78 -36.08
CA ASN A 75 -9.61 -8.42 -35.90
C ASN A 75 -10.44 -8.43 -34.64
N ALA A 76 -9.98 -7.68 -33.65
CA ALA A 76 -10.65 -7.60 -32.36
C ALA A 76 -11.85 -6.65 -32.25
N ASN A 77 -11.99 -5.73 -33.20
CA ASN A 77 -13.08 -4.75 -33.17
C ASN A 77 -13.00 -4.05 -31.81
N VAL A 78 -11.82 -3.52 -31.54
CA VAL A 78 -11.50 -2.83 -30.30
C VAL A 78 -10.99 -1.45 -30.66
N ALA A 79 -11.56 -0.43 -30.02
CA ALA A 79 -11.15 0.96 -30.29
C ALA A 79 -11.66 1.38 -31.66
N THR A 80 -12.79 0.80 -32.06
CA THR A 80 -13.41 1.06 -33.36
C THR A 80 -14.57 2.06 -33.24
N GLY A 81 -14.72 2.65 -32.06
CA GLY A 81 -15.77 3.63 -31.83
C GLY A 81 -17.19 3.13 -31.94
N LEU A 82 -18.11 4.07 -32.14
CA LEU A 82 -19.53 3.78 -32.27
C LEU A 82 -19.75 2.85 -33.45
N GLU A 83 -19.09 3.15 -34.55
CA GLU A 83 -19.19 2.31 -35.72
C GLU A 83 -18.87 0.87 -35.33
N GLY A 84 -17.76 0.68 -34.61
CA GLY A 84 -17.37 -0.64 -34.16
C GLY A 84 -18.41 -1.28 -33.26
N GLU A 85 -19.00 -0.50 -32.38
CA GLU A 85 -20.02 -0.98 -31.45
C GLU A 85 -21.22 -1.55 -32.20
N GLU A 86 -21.73 -0.76 -33.14
CA GLU A 86 -22.90 -1.17 -33.91
C GLU A 86 -22.61 -2.46 -34.66
N ASN A 87 -21.50 -2.48 -35.40
CA ASN A 87 -21.12 -3.67 -36.16
C ASN A 87 -21.04 -4.87 -35.22
N ALA A 88 -20.95 -4.60 -33.93
CA ALA A 88 -20.87 -5.68 -32.93
C ALA A 88 -22.25 -6.25 -32.70
N ARG A 89 -23.21 -5.38 -32.40
CA ARG A 89 -24.59 -5.82 -32.18
C ARG A 89 -25.14 -6.40 -33.47
N GLU A 90 -24.74 -5.81 -34.59
CA GLU A 90 -25.21 -6.26 -35.90
C GLU A 90 -24.82 -7.70 -36.17
N VAL A 91 -23.53 -7.99 -36.15
CA VAL A 91 -23.07 -9.34 -36.41
C VAL A 91 -23.61 -10.30 -35.37
N ARG A 92 -23.80 -9.79 -34.16
CA ARG A 92 -24.30 -10.60 -33.06
C ARG A 92 -25.75 -11.03 -33.24
N GLU A 93 -26.63 -10.09 -33.58
CA GLU A 93 -28.06 -10.40 -33.74
C GLU A 93 -28.35 -11.14 -35.02
N ALA A 94 -27.57 -10.82 -36.05
CA ALA A 94 -27.72 -11.44 -37.36
C ALA A 94 -27.56 -12.94 -37.17
N VAL A 95 -26.47 -13.34 -36.51
CA VAL A 95 -26.21 -14.74 -36.25
C VAL A 95 -27.42 -15.32 -35.50
N ALA A 96 -27.81 -14.67 -34.41
CA ALA A 96 -28.96 -15.11 -33.63
C ALA A 96 -30.19 -15.26 -34.52
N ARG A 97 -30.46 -14.23 -35.34
CA ARG A 97 -31.60 -14.25 -36.23
C ARG A 97 -31.60 -15.48 -37.13
N ALA A 98 -30.43 -15.83 -37.67
CA ALA A 98 -30.33 -16.98 -38.55
C ALA A 98 -30.69 -18.28 -37.84
N LEU A 99 -30.26 -18.43 -36.60
CA LEU A 99 -30.52 -19.64 -35.85
C LEU A 99 -31.81 -19.67 -35.03
N GLY A 100 -32.55 -18.56 -35.03
CA GLY A 100 -33.77 -18.54 -34.27
C GLY A 100 -33.49 -18.54 -32.78
N LEU A 101 -32.32 -18.04 -32.43
CA LEU A 101 -31.91 -17.94 -31.04
C LEU A 101 -32.21 -16.52 -30.61
N PRO A 102 -32.50 -16.31 -29.32
CA PRO A 102 -32.76 -14.93 -28.93
C PRO A 102 -31.44 -14.17 -28.91
N GLU A 103 -31.48 -12.95 -29.42
CA GLU A 103 -30.31 -12.11 -29.47
C GLU A 103 -29.42 -12.28 -28.25
N GLY A 104 -30.05 -12.23 -27.07
CA GLY A 104 -29.32 -12.32 -25.82
C GLY A 104 -28.75 -13.67 -25.42
N GLU A 105 -28.90 -14.68 -26.26
CA GLU A 105 -28.34 -15.96 -25.89
C GLU A 105 -27.26 -16.30 -26.87
N MSE A 106 -26.68 -15.24 -27.44
CA MSE A 106 -25.62 -15.36 -28.42
C MSE A 106 -24.43 -14.43 -28.05
O MSE A 106 -24.53 -13.21 -28.16
CB MSE A 106 -26.20 -15.04 -29.80
CG MSE A 106 -25.24 -15.22 -30.97
SE MSE A 106 -24.36 -16.95 -31.11
CE MSE A 106 -25.85 -18.03 -30.54
N LEU A 107 -23.33 -15.02 -27.60
CA LEU A 107 -22.17 -14.21 -27.26
C LEU A 107 -21.37 -13.98 -28.53
N ILE A 108 -20.44 -13.05 -28.46
CA ILE A 108 -19.61 -12.73 -29.60
C ILE A 108 -18.22 -12.50 -29.00
N ALA A 109 -17.22 -13.07 -29.63
CA ALA A 109 -15.87 -12.94 -29.12
C ALA A 109 -15.03 -12.55 -30.30
N SER A 110 -14.11 -11.62 -30.10
CA SER A 110 -13.27 -11.16 -31.18
C SER A 110 -11.83 -10.90 -30.75
N THR A 111 -10.92 -11.60 -31.39
CA THR A 111 -9.49 -11.51 -31.13
C THR A 111 -8.85 -11.01 -32.40
N GLY A 112 -7.78 -10.24 -32.26
CA GLY A 112 -7.10 -9.74 -33.44
C GLY A 112 -6.56 -8.32 -33.44
N VAL A 113 -6.49 -7.73 -34.63
CA VAL A 113 -5.98 -6.38 -34.80
C VAL A 113 -6.88 -5.31 -34.20
N ILE A 114 -6.26 -4.44 -33.43
CA ILE A 114 -6.95 -3.36 -32.77
C ILE A 114 -7.09 -2.12 -33.69
N GLY A 115 -8.14 -1.32 -33.49
CA GLY A 115 -8.29 -0.13 -34.28
C GLY A 115 -8.91 -0.19 -35.67
N ARG A 116 -8.94 -1.38 -36.29
CA ARG A 116 -9.52 -1.52 -37.62
C ARG A 116 -10.98 -2.00 -37.57
N GLN A 117 -11.81 -1.43 -38.43
CA GLN A 117 -13.23 -1.78 -38.49
C GLN A 117 -13.46 -3.15 -39.15
N TYR A 118 -14.59 -3.79 -38.85
CA TYR A 118 -14.90 -5.09 -39.44
C TYR A 118 -15.21 -4.91 -40.93
N PRO A 119 -14.95 -5.92 -41.76
CA PRO A 119 -15.24 -5.78 -43.20
C PRO A 119 -16.72 -6.19 -43.40
N MSE A 120 -17.63 -5.40 -42.84
CA MSE A 120 -19.06 -5.65 -42.91
C MSE A 120 -19.52 -6.08 -44.29
O MSE A 120 -20.49 -6.80 -44.42
CB MSE A 120 -19.86 -4.43 -42.45
CG MSE A 120 -19.65 -4.14 -40.97
SE MSE A 120 -19.75 -5.75 -39.86
CE MSE A 120 -21.57 -5.54 -39.24
N GLU A 121 -18.81 -5.59 -45.30
CA GLU A 121 -19.09 -5.94 -46.67
C GLU A 121 -19.14 -7.46 -46.74
N SER A 122 -17.97 -8.08 -46.60
CA SER A 122 -17.83 -9.53 -46.65
C SER A 122 -18.66 -10.28 -45.60
N ILE A 123 -18.71 -9.75 -44.38
CA ILE A 123 -19.46 -10.40 -43.29
C ILE A 123 -20.97 -10.43 -43.53
N ARG A 124 -21.50 -9.31 -44.01
CA ARG A 124 -22.92 -9.23 -44.30
C ARG A 124 -23.30 -10.29 -45.30
N GLU A 125 -22.48 -10.45 -46.34
CA GLU A 125 -22.77 -11.47 -47.34
C GLU A 125 -22.97 -12.80 -46.65
N HIS A 126 -21.88 -13.38 -46.17
CA HIS A 126 -21.89 -14.68 -45.48
C HIS A 126 -23.05 -14.85 -44.50
N LEU A 127 -23.36 -13.81 -43.75
CA LEU A 127 -24.45 -13.87 -42.78
C LEU A 127 -25.78 -14.19 -43.46
N LYS A 128 -25.93 -13.71 -44.69
CA LYS A 128 -27.15 -13.95 -45.45
C LYS A 128 -27.34 -15.45 -45.71
N THR A 129 -26.24 -16.20 -45.69
CA THR A 129 -26.30 -17.63 -45.96
C THR A 129 -26.22 -18.56 -44.74
N LEU A 130 -26.04 -17.99 -43.56
CA LEU A 130 -25.93 -18.76 -42.32
C LEU A 130 -27.17 -19.58 -41.93
N GLU A 131 -26.95 -20.84 -41.57
CA GLU A 131 -28.03 -21.75 -41.16
C GLU A 131 -27.43 -22.83 -40.27
N TRP A 132 -28.26 -23.57 -39.55
CA TRP A 132 -27.76 -24.61 -38.67
C TRP A 132 -27.00 -25.63 -39.48
N PRO A 133 -25.74 -25.88 -39.13
CA PRO A 133 -25.00 -26.85 -39.92
C PRO A 133 -25.56 -28.23 -39.63
N ALA A 134 -25.74 -29.04 -40.67
CA ALA A 134 -26.24 -30.40 -40.49
C ALA A 134 -25.14 -31.21 -39.84
N GLY A 135 -25.48 -32.13 -38.95
CA GLY A 135 -24.44 -32.91 -38.30
C GLY A 135 -23.82 -32.15 -37.15
N GLU A 136 -23.43 -32.88 -36.11
CA GLU A 136 -22.83 -32.26 -34.93
C GLU A 136 -21.31 -32.33 -35.01
N GLY A 137 -20.64 -31.80 -33.99
CA GLY A 137 -19.19 -31.83 -33.97
C GLY A 137 -18.53 -30.73 -34.75
N GLY A 138 -17.21 -30.86 -34.91
CA GLY A 138 -16.44 -29.89 -35.66
C GLY A 138 -15.57 -28.96 -34.82
N PHE A 139 -15.26 -29.35 -33.60
CA PHE A 139 -14.42 -28.52 -32.72
C PHE A 139 -13.00 -28.51 -33.25
N ASP A 140 -12.71 -29.45 -34.14
CA ASP A 140 -11.39 -29.53 -34.76
C ASP A 140 -11.19 -28.26 -35.59
N ARG A 141 -12.17 -27.94 -36.44
CA ARG A 141 -12.05 -26.74 -37.27
C ARG A 141 -12.36 -25.43 -36.55
N ALA A 142 -13.01 -25.49 -35.39
CA ALA A 142 -13.28 -24.25 -34.68
C ALA A 142 -11.98 -23.82 -34.01
N ALA A 143 -11.17 -24.79 -33.62
CA ALA A 143 -9.90 -24.49 -32.97
C ALA A 143 -8.93 -23.83 -33.95
N ARG A 144 -9.14 -24.04 -35.25
CA ARG A 144 -8.28 -23.49 -36.30
C ARG A 144 -8.72 -22.12 -36.78
N ALA A 145 -10.02 -21.87 -36.73
CA ALA A 145 -10.54 -20.61 -37.21
C ALA A 145 -10.51 -19.50 -36.18
N ILE A 146 -10.02 -19.79 -34.97
CA ILE A 146 -9.95 -18.77 -33.93
C ILE A 146 -8.52 -18.28 -33.75
N MSE A 147 -7.56 -19.07 -34.20
CA MSE A 147 -6.15 -18.72 -34.08
C MSE A 147 -5.84 -17.40 -34.77
O MSE A 147 -6.49 -17.05 -35.74
CB MSE A 147 -5.26 -19.80 -34.74
CG MSE A 147 -5.46 -21.23 -34.26
SE MSE A 147 -4.33 -22.48 -35.28
CE MSE A 147 -4.95 -22.00 -37.06
N THR A 148 -4.85 -16.68 -34.24
CA THR A 148 -4.38 -15.41 -34.83
C THR A 148 -2.87 -15.57 -35.04
N THR A 149 -2.11 -15.47 -33.96
CA THR A 149 -0.66 -15.63 -34.07
C THR A 149 -0.23 -17.00 -33.56
N ASP A 150 -1.19 -17.88 -33.32
CA ASP A 150 -0.92 -19.22 -32.82
C ASP A 150 -0.28 -20.06 -33.89
N THR A 151 0.75 -20.83 -33.54
CA THR A 151 1.40 -21.68 -34.54
C THR A 151 0.75 -23.06 -34.67
N ARG A 152 -0.10 -23.42 -33.72
CA ARG A 152 -0.76 -24.73 -33.75
C ARG A 152 -2.06 -24.65 -32.98
N PRO A 153 -3.13 -25.29 -33.48
CA PRO A 153 -4.41 -25.25 -32.78
C PRO A 153 -4.32 -25.87 -31.39
N LYS A 154 -5.33 -25.67 -30.56
CA LYS A 154 -5.29 -26.18 -29.21
C LYS A 154 -6.66 -26.67 -28.79
N GLU A 155 -6.78 -27.99 -28.70
CA GLU A 155 -8.03 -28.65 -28.36
C GLU A 155 -7.79 -29.69 -27.26
N VAL A 156 -8.85 -30.10 -26.58
CA VAL A 156 -8.74 -31.08 -25.51
C VAL A 156 -10.10 -31.73 -25.21
N ARG A 157 -10.13 -33.06 -25.22
CA ARG A 157 -11.36 -33.80 -24.92
C ARG A 157 -11.18 -34.62 -23.65
N VAL A 158 -12.25 -34.69 -22.84
CA VAL A 158 -12.26 -35.42 -21.58
C VAL A 158 -13.59 -36.10 -21.35
N SER A 159 -13.55 -37.36 -20.92
CA SER A 159 -14.75 -38.12 -20.62
C SER A 159 -15.10 -38.02 -19.13
N VAL A 160 -16.38 -37.81 -18.82
CA VAL A 160 -16.82 -37.70 -17.43
C VAL A 160 -18.25 -38.19 -17.27
N GLY A 161 -18.49 -38.91 -16.17
CA GLY A 161 -19.81 -39.42 -15.87
C GLY A 161 -20.65 -39.84 -17.06
N GLY A 162 -20.01 -40.22 -18.16
CA GLY A 162 -20.76 -40.60 -19.34
C GLY A 162 -20.82 -39.47 -20.34
N ALA A 163 -20.73 -38.24 -19.83
CA ALA A 163 -20.74 -37.03 -20.67
C ALA A 163 -19.37 -36.78 -21.28
N THR A 164 -19.29 -35.76 -22.13
CA THR A 164 -18.05 -35.40 -22.80
C THR A 164 -17.78 -33.92 -22.67
N LEU A 165 -16.53 -33.59 -22.36
CA LEU A 165 -16.16 -32.19 -22.22
C LEU A 165 -15.15 -31.88 -23.29
N VAL A 166 -15.37 -30.80 -24.01
CA VAL A 166 -14.44 -30.37 -25.04
C VAL A 166 -14.05 -28.93 -24.84
N GLY A 167 -12.82 -28.60 -25.19
CA GLY A 167 -12.34 -27.26 -25.02
C GLY A 167 -11.32 -26.90 -26.06
N ILE A 168 -11.37 -25.65 -26.50
CA ILE A 168 -10.44 -25.13 -27.49
C ILE A 168 -9.99 -23.75 -27.03
N ALA A 169 -8.70 -23.47 -27.18
CA ALA A 169 -8.18 -22.16 -26.80
C ALA A 169 -7.26 -21.67 -27.89
N LYS A 170 -6.86 -20.41 -27.78
CA LYS A 170 -5.95 -19.80 -28.75
C LYS A 170 -5.39 -18.56 -28.07
N GLY A 171 -4.23 -18.10 -28.51
CA GLY A 171 -3.64 -16.91 -27.92
C GLY A 171 -2.23 -17.12 -27.40
N VAL A 172 -1.27 -16.41 -27.99
CA VAL A 172 0.12 -16.56 -27.62
C VAL A 172 0.89 -15.25 -27.47
N GLY A 173 0.19 -14.14 -27.64
CA GLY A 173 0.81 -12.84 -27.51
C GLY A 173 -0.21 -11.94 -26.88
N MSE A 174 0.23 -10.94 -26.13
CA MSE A 174 -0.73 -10.05 -25.46
C MSE A 174 -1.52 -11.00 -24.57
O MSE A 174 -2.76 -11.04 -24.60
CB MSE A 174 -1.66 -9.39 -26.50
CG MSE A 174 -2.40 -8.15 -26.00
SE MSE A 174 -3.81 -7.48 -27.14
CE MSE A 174 -2.91 -5.88 -27.70
N LEU A 175 -0.79 -11.79 -23.79
CA LEU A 175 -1.42 -12.79 -22.97
C LEU A 175 -0.96 -12.98 -21.53
N GLU A 176 -1.87 -12.60 -20.64
CA GLU A 176 -1.73 -12.74 -19.21
C GLU A 176 -3.13 -12.43 -18.73
N PRO A 177 -4.03 -13.41 -18.81
CA PRO A 177 -5.38 -13.12 -18.36
C PRO A 177 -5.53 -12.87 -16.86
N ASP A 178 -6.48 -11.98 -16.56
CA ASP A 178 -6.85 -11.57 -15.21
C ASP A 178 -8.38 -11.44 -15.30
N MSE A 179 -9.00 -12.43 -15.90
CA MSE A 179 -10.45 -12.42 -16.13
C MSE A 179 -11.36 -12.60 -14.94
O MSE A 179 -10.91 -12.98 -13.86
CB MSE A 179 -10.78 -13.47 -17.18
CG MSE A 179 -9.80 -13.47 -18.33
SE MSE A 179 -10.17 -14.98 -19.45
CE MSE A 179 -11.75 -14.37 -20.27
N ALA A 180 -12.64 -12.34 -15.14
CA ALA A 180 -13.62 -12.44 -14.09
C ALA A 180 -15.05 -12.25 -14.61
N THR A 181 -4.25 -11.93 -26.95
CA THR A 181 -5.61 -12.19 -26.48
C THR A 181 -5.86 -13.66 -26.27
N LEU A 182 -6.55 -13.96 -25.18
CA LEU A 182 -6.88 -15.33 -24.89
C LEU A 182 -8.38 -15.56 -25.05
N LEU A 183 -8.71 -16.42 -26.01
CA LEU A 183 -10.08 -16.83 -26.24
C LEU A 183 -10.06 -18.33 -26.00
N THR A 184 -10.92 -18.81 -25.10
CA THR A 184 -11.03 -20.24 -24.83
C THR A 184 -12.51 -20.51 -24.53
N PHE A 185 -13.02 -21.58 -25.13
CA PHE A 185 -14.41 -22.00 -25.00
C PHE A 185 -14.52 -23.46 -24.64
N PHE A 186 -15.46 -23.78 -23.75
CA PHE A 186 -15.70 -25.15 -23.33
C PHE A 186 -17.18 -25.56 -23.55
N ALA A 187 -17.39 -26.79 -24.02
CA ALA A 187 -18.74 -27.28 -24.27
C ALA A 187 -18.90 -28.70 -23.74
N THR A 188 -20.05 -28.99 -23.14
CA THR A 188 -20.32 -30.32 -22.60
C THR A 188 -21.81 -30.61 -22.53
N ASP A 189 -22.17 -31.89 -22.54
CA ASP A 189 -23.57 -32.26 -22.43
C ASP A 189 -23.78 -32.66 -20.99
N ALA A 190 -22.82 -32.30 -20.15
CA ALA A 190 -22.93 -32.62 -18.75
C ALA A 190 -24.07 -31.80 -18.17
N ARG A 191 -24.76 -32.36 -17.18
CA ARG A 191 -25.83 -31.62 -16.54
C ARG A 191 -25.33 -31.22 -15.17
N LEU A 192 -25.16 -29.92 -14.95
CA LEU A 192 -24.65 -29.37 -13.70
C LEU A 192 -25.67 -28.44 -13.06
N ASP A 193 -25.54 -28.22 -11.74
CA ASP A 193 -26.44 -27.26 -11.11
C ASP A 193 -25.88 -25.91 -11.49
N PRO A 194 -26.72 -25.00 -11.96
CA PRO A 194 -26.20 -23.69 -12.34
C PRO A 194 -25.24 -23.05 -11.33
N ALA A 195 -25.71 -22.80 -10.11
CA ALA A 195 -24.88 -22.18 -9.07
C ALA A 195 -23.52 -22.85 -8.85
N GLU A 196 -23.43 -24.17 -9.02
CA GLU A 196 -22.19 -24.90 -8.83
C GLU A 196 -21.27 -24.75 -10.03
N GLN A 197 -21.81 -25.02 -11.21
CA GLN A 197 -21.03 -24.90 -12.43
C GLN A 197 -20.23 -23.61 -12.30
N ASP A 198 -20.88 -22.55 -11.82
CA ASP A 198 -20.21 -21.27 -11.66
C ASP A 198 -19.03 -21.31 -10.69
N ARG A 199 -19.24 -21.76 -9.45
CA ARG A 199 -18.12 -21.81 -8.50
C ARG A 199 -17.02 -22.75 -9.04
N LEU A 200 -17.45 -23.76 -9.79
CA LEU A 200 -16.57 -24.74 -10.38
C LEU A 200 -15.71 -24.04 -11.43
N PHE A 201 -16.39 -23.44 -12.41
CA PHE A 201 -15.73 -22.74 -13.49
C PHE A 201 -14.70 -21.72 -13.03
N ARG A 202 -15.14 -20.84 -12.12
CA ARG A 202 -14.29 -19.80 -11.58
C ARG A 202 -13.02 -20.35 -10.94
N ARG A 203 -13.16 -21.40 -10.13
CA ARG A 203 -12.03 -22.02 -9.46
C ARG A 203 -10.98 -22.50 -10.43
N VAL A 204 -11.43 -23.19 -11.46
CA VAL A 204 -10.52 -23.72 -12.47
C VAL A 204 -9.85 -22.63 -13.25
N MSE A 205 -10.61 -21.59 -13.61
CA MSE A 205 -10.08 -20.45 -14.37
C MSE A 205 -8.92 -19.77 -13.64
O MSE A 205 -7.91 -19.41 -14.22
CB MSE A 205 -11.19 -19.41 -14.63
CG MSE A 205 -12.27 -19.84 -15.67
SE MSE A 205 -11.58 -20.26 -17.46
CE MSE A 205 -11.34 -22.17 -17.20
N ASP A 206 -9.10 -19.63 -12.33
CA ASP A 206 -8.12 -19.00 -11.48
C ASP A 206 -6.83 -19.78 -11.36
N ARG A 207 -6.93 -21.11 -11.51
CA ARG A 207 -5.75 -21.95 -11.39
C ARG A 207 -5.14 -22.31 -12.74
N THR A 208 -5.83 -21.96 -13.81
CA THR A 208 -5.30 -22.30 -15.12
C THR A 208 -5.02 -21.10 -16.01
N PHE A 209 -6.04 -20.61 -16.71
CA PHE A 209 -5.86 -19.47 -17.61
C PHE A 209 -5.53 -18.18 -16.88
N ASN A 210 -6.04 -18.02 -15.66
CA ASN A 210 -5.78 -16.84 -14.86
C ASN A 210 -4.43 -16.97 -14.19
N ALA A 211 -3.67 -17.99 -14.57
CA ALA A 211 -2.36 -18.25 -14.00
C ALA A 211 -1.26 -18.40 -15.06
N VAL A 212 -1.55 -18.01 -16.31
CA VAL A 212 -0.57 -18.07 -17.38
C VAL A 212 -0.16 -16.66 -17.83
N SER A 213 1.11 -16.47 -18.16
CA SER A 213 1.58 -15.16 -18.59
C SER A 213 2.71 -15.24 -19.62
N ILE A 214 2.42 -14.80 -20.84
CA ILE A 214 3.41 -14.79 -21.91
C ILE A 214 4.24 -13.50 -21.88
N ASP A 215 3.57 -12.34 -21.93
CA ASP A 215 4.26 -11.05 -21.92
C ASP A 215 3.61 -10.01 -21.03
N THR A 216 2.90 -10.45 -19.99
CA THR A 216 2.22 -9.54 -19.03
C THR A 216 1.26 -8.53 -19.65
N ASP A 217 0.99 -8.64 -20.95
CA ASP A 217 0.10 -7.68 -21.62
C ASP A 217 -1.38 -8.11 -21.68
N THR A 218 -2.09 -7.96 -20.56
CA THR A 218 -3.50 -8.34 -20.52
C THR A 218 -4.31 -7.71 -21.65
N SER A 219 -4.79 -8.56 -22.55
CA SER A 219 -5.56 -8.15 -23.72
C SER A 219 -6.87 -7.44 -23.45
N THR A 220 -7.32 -6.69 -24.45
CA THR A 220 -8.57 -5.95 -24.39
C THR A 220 -9.74 -6.86 -24.74
N SER A 221 -9.45 -8.10 -25.12
CA SER A 221 -10.49 -9.02 -25.54
C SER A 221 -10.63 -10.38 -24.85
N ASP A 222 -9.81 -10.67 -23.84
CA ASP A 222 -9.89 -11.97 -23.15
C ASP A 222 -11.30 -12.47 -22.83
N THR A 223 -11.63 -13.64 -23.35
CA THR A 223 -12.95 -14.22 -23.12
C THR A 223 -12.74 -15.71 -22.82
N ALA A 224 -13.51 -16.24 -21.86
CA ALA A 224 -13.45 -17.66 -21.48
C ALA A 224 -14.87 -18.13 -21.16
N VAL A 225 -15.33 -19.16 -21.86
CA VAL A 225 -16.70 -19.61 -21.64
C VAL A 225 -16.90 -21.12 -21.56
N LEU A 226 -17.79 -21.54 -20.66
CA LEU A 226 -18.15 -22.95 -20.52
C LEU A 226 -19.66 -23.13 -20.76
N PHE A 227 -19.99 -23.83 -21.85
CA PHE A 227 -21.38 -24.12 -22.25
C PHE A 227 -21.78 -25.52 -21.81
N ALA A 228 -22.93 -25.64 -21.17
CA ALA A 228 -23.32 -26.96 -20.73
C ALA A 228 -24.79 -27.29 -20.93
N ASN A 229 -25.16 -27.76 -22.12
CA ASN A 229 -26.54 -28.19 -22.34
C ASN A 229 -26.48 -29.48 -21.55
N GLY A 230 -27.60 -30.12 -21.24
CA GLY A 230 -27.43 -31.33 -20.45
C GLY A 230 -27.92 -32.62 -21.08
N LEU A 231 -27.71 -32.77 -22.38
CA LEU A 231 -28.17 -33.97 -23.05
C LEU A 231 -27.63 -35.26 -22.44
N ALA A 232 -26.38 -35.24 -21.99
CA ALA A 232 -25.78 -36.45 -21.43
C ALA A 232 -26.23 -36.86 -20.03
N GLY A 233 -27.00 -36.01 -19.37
CA GLY A 233 -27.47 -36.35 -18.04
C GLY A 233 -26.62 -35.79 -16.90
N GLU A 234 -27.13 -35.90 -15.68
CA GLU A 234 -26.41 -35.39 -14.53
C GLU A 234 -25.04 -36.03 -14.41
N VAL A 235 -24.08 -35.23 -13.96
CA VAL A 235 -22.70 -35.65 -13.75
C VAL A 235 -22.28 -35.02 -12.43
N ASP A 236 -21.42 -35.72 -11.70
CA ASP A 236 -20.95 -35.22 -10.42
C ASP A 236 -20.14 -33.94 -10.53
N ALA A 237 -20.58 -32.92 -9.79
CA ALA A 237 -19.91 -31.63 -9.80
C ALA A 237 -18.43 -31.79 -9.50
N GLY A 238 -18.12 -32.64 -8.54
CA GLY A 238 -16.75 -32.86 -8.14
C GLY A 238 -15.89 -33.47 -9.22
N GLU A 239 -16.47 -34.38 -10.00
CA GLU A 239 -15.71 -35.03 -11.04
C GLU A 239 -15.59 -34.18 -12.29
N PHE A 240 -16.62 -33.39 -12.57
CA PHE A 240 -16.59 -32.55 -13.75
C PHE A 240 -15.51 -31.52 -13.51
N GLU A 241 -15.54 -30.93 -12.32
CA GLU A 241 -14.57 -29.91 -11.97
C GLU A 241 -13.16 -30.39 -12.23
N GLU A 242 -12.90 -31.65 -11.90
CA GLU A 242 -11.59 -32.19 -12.14
C GLU A 242 -11.39 -32.35 -13.64
N ALA A 243 -12.38 -32.89 -14.31
CA ALA A 243 -12.28 -33.06 -15.74
C ALA A 243 -12.02 -31.69 -16.34
N LEU A 244 -12.76 -30.69 -15.88
CA LEU A 244 -12.56 -29.35 -16.40
C LEU A 244 -11.13 -28.93 -16.12
N HIS A 245 -10.63 -29.21 -14.92
CA HIS A 245 -9.27 -28.82 -14.57
C HIS A 245 -8.25 -29.42 -15.54
N THR A 246 -8.36 -30.72 -15.78
CA THR A 246 -7.45 -31.38 -16.70
C THR A 246 -7.46 -30.62 -18.03
N ALA A 247 -8.65 -30.43 -18.59
CA ALA A 247 -8.82 -29.72 -19.87
C ALA A 247 -8.16 -28.34 -19.89
N ALA A 248 -8.60 -27.47 -18.98
CA ALA A 248 -8.08 -26.11 -18.85
C ALA A 248 -6.58 -26.05 -18.67
N LEU A 249 -6.01 -26.95 -17.88
CA LEU A 249 -4.59 -26.95 -17.63
C LEU A 249 -3.86 -27.46 -18.86
N ALA A 250 -4.45 -28.43 -19.54
CA ALA A 250 -3.80 -28.97 -20.74
C ALA A 250 -3.65 -27.84 -21.75
N LEU A 251 -4.71 -27.07 -21.94
CA LEU A 251 -4.71 -25.95 -22.88
C LEU A 251 -3.74 -24.85 -22.42
N VAL A 252 -3.76 -24.53 -21.13
CA VAL A 252 -2.87 -23.50 -20.63
C VAL A 252 -1.44 -23.87 -20.94
N LYS A 253 -1.13 -25.17 -20.85
CA LYS A 253 0.22 -25.61 -21.16
C LYS A 253 0.51 -25.57 -22.67
N ASP A 254 -0.53 -25.72 -23.50
CA ASP A 254 -0.33 -25.64 -24.95
C ASP A 254 0.03 -24.19 -25.25
N ILE A 255 -0.63 -23.28 -24.54
CA ILE A 255 -0.42 -21.86 -24.70
C ILE A 255 1.00 -21.37 -24.37
N ALA A 256 1.41 -21.51 -23.10
CA ALA A 256 2.74 -21.07 -22.68
C ALA A 256 3.83 -21.80 -23.44
N SER A 257 3.43 -22.86 -24.13
CA SER A 257 4.35 -23.67 -24.89
C SER A 257 4.41 -23.21 -26.33
N ASP A 258 3.39 -22.46 -26.75
CA ASP A 258 3.33 -21.94 -28.11
C ASP A 258 3.58 -20.45 -28.07
N GLY A 259 4.05 -19.96 -26.92
CA GLY A 259 4.33 -18.54 -26.74
C GLY A 259 5.04 -17.97 -27.94
N GLU A 260 4.64 -16.78 -28.38
CA GLU A 260 5.25 -16.14 -29.54
C GLU A 260 6.77 -16.17 -29.41
N GLY A 261 7.42 -16.91 -30.31
CA GLY A 261 8.86 -17.03 -30.30
C GLY A 261 9.45 -17.79 -29.11
N ALA A 262 8.60 -18.32 -28.23
CA ALA A 262 9.08 -19.06 -27.05
C ALA A 262 9.75 -20.41 -27.40
N ALA A 263 10.77 -20.78 -26.65
CA ALA A 263 11.45 -22.04 -26.90
C ALA A 263 11.13 -22.98 -25.77
N LYS A 264 11.41 -22.55 -24.56
CA LYS A 264 11.12 -23.38 -23.39
C LYS A 264 9.87 -22.87 -22.69
N LEU A 265 9.30 -23.71 -21.83
CA LEU A 265 8.12 -23.34 -21.09
C LEU A 265 8.56 -23.24 -19.65
N ILE A 266 8.09 -22.21 -18.96
CA ILE A 266 8.49 -22.07 -17.58
C ILE A 266 7.32 -22.26 -16.64
N GLU A 267 7.54 -23.08 -15.62
CA GLU A 267 6.54 -23.37 -14.61
C GLU A 267 7.14 -22.97 -13.27
N VAL A 268 6.47 -22.08 -12.54
CA VAL A 268 6.99 -21.66 -11.24
C VAL A 268 6.08 -22.16 -10.14
N GLN A 269 6.63 -23.00 -9.28
CA GLN A 269 5.84 -23.56 -8.19
C GLN A 269 6.24 -22.95 -6.88
N VAL A 270 5.37 -22.13 -6.31
CA VAL A 270 5.67 -21.48 -5.06
C VAL A 270 4.87 -22.14 -3.92
N THR A 271 5.59 -22.47 -2.83
CA THR A 271 4.97 -23.07 -1.66
C THR A 271 5.61 -22.39 -0.46
N GLY A 272 4.92 -22.42 0.66
CA GLY A 272 5.45 -21.79 1.85
C GLY A 272 4.99 -20.35 2.02
N ALA A 273 4.13 -19.84 1.13
CA ALA A 273 3.67 -18.45 1.26
C ALA A 273 2.78 -18.23 2.49
N ARG A 274 2.52 -16.98 2.88
CA ARG A 274 1.65 -16.79 4.04
C ARG A 274 0.29 -17.27 3.62
N ASP A 275 0.11 -17.39 2.32
CA ASP A 275 -1.13 -17.89 1.72
C ASP A 275 -0.99 -18.03 0.21
N ASP A 276 -2.08 -18.42 -0.45
CA ASP A 276 -2.08 -18.61 -1.90
C ASP A 276 -1.97 -17.34 -2.73
N ALA A 277 -2.68 -16.29 -2.33
CA ALA A 277 -2.58 -15.05 -3.10
C ALA A 277 -1.11 -14.63 -3.20
N GLN A 278 -0.39 -14.67 -2.08
CA GLN A 278 1.00 -14.27 -2.07
C GLN A 278 1.88 -15.23 -2.86
N ALA A 279 1.52 -16.51 -2.80
CA ALA A 279 2.29 -17.50 -3.53
C ALA A 279 2.20 -17.13 -5.00
N LYS A 280 0.99 -16.79 -5.46
CA LYS A 280 0.79 -16.42 -6.87
C LYS A 280 1.47 -15.10 -7.21
N ARG A 281 1.59 -14.24 -6.22
CA ARG A 281 2.22 -12.94 -6.42
C ARG A 281 3.71 -13.16 -6.73
N VAL A 282 4.37 -13.96 -5.91
CA VAL A 282 5.79 -14.26 -6.09
C VAL A 282 5.98 -15.12 -7.35
N GLY A 283 4.99 -15.95 -7.62
CA GLY A 283 5.05 -16.81 -8.78
C GLY A 283 5.14 -16.04 -10.07
N LYS A 284 4.19 -15.13 -10.29
CA LYS A 284 4.17 -14.30 -11.51
C LYS A 284 5.39 -13.41 -11.62
N THR A 285 5.78 -12.75 -10.52
CA THR A 285 6.93 -11.86 -10.54
C THR A 285 8.15 -12.54 -11.11
N VAL A 286 8.31 -13.81 -10.75
CA VAL A 286 9.44 -14.56 -11.23
C VAL A 286 9.27 -14.82 -12.73
N VAL A 287 8.14 -15.41 -13.10
CA VAL A 287 7.86 -15.76 -14.48
C VAL A 287 7.85 -14.61 -15.46
N ASN A 288 7.46 -13.43 -15.00
CA ASN A 288 7.43 -12.25 -15.86
C ASN A 288 8.73 -11.47 -15.90
N SER A 289 9.61 -11.73 -14.93
CA SER A 289 10.91 -11.05 -14.87
C SER A 289 11.67 -11.24 -16.17
N PRO A 290 11.93 -10.15 -16.90
CA PRO A 290 12.68 -10.37 -18.14
C PRO A 290 14.04 -11.03 -17.91
N LEU A 291 14.69 -10.68 -16.80
CA LEU A 291 16.01 -11.24 -16.51
C LEU A 291 15.97 -12.73 -16.19
N VAL A 292 14.81 -13.21 -15.76
CA VAL A 292 14.63 -14.61 -15.48
C VAL A 292 14.27 -15.26 -16.81
N LYS A 293 13.30 -14.69 -17.51
CA LYS A 293 12.87 -15.24 -18.79
C LYS A 293 14.04 -15.45 -19.74
N THR A 294 14.98 -14.50 -19.78
CA THR A 294 16.13 -14.60 -20.67
C THR A 294 17.16 -15.58 -20.16
N ALA A 295 17.29 -15.70 -18.84
CA ALA A 295 18.25 -16.64 -18.29
C ALA A 295 17.86 -18.04 -18.75
N VAL A 296 16.59 -18.39 -18.53
CA VAL A 296 16.05 -19.70 -18.91
C VAL A 296 16.28 -19.95 -20.39
N HIS A 297 16.04 -18.92 -21.18
CA HIS A 297 16.23 -19.00 -22.61
C HIS A 297 17.67 -19.39 -22.93
N GLY A 298 18.63 -18.91 -22.14
CA GLY A 298 20.01 -19.24 -22.36
C GLY A 298 20.43 -20.46 -21.55
N CYS A 299 19.45 -21.30 -21.20
CA CYS A 299 19.69 -22.52 -20.41
C CYS A 299 20.53 -22.35 -19.16
N ASP A 300 20.48 -21.17 -18.55
CA ASP A 300 21.25 -20.91 -17.33
C ASP A 300 20.35 -20.97 -16.11
N PRO A 301 20.72 -21.77 -15.11
CA PRO A 301 19.91 -21.87 -13.90
C PRO A 301 20.29 -20.75 -12.94
N ASN A 302 20.03 -19.51 -13.34
CA ASN A 302 20.40 -18.34 -12.53
C ASN A 302 19.53 -18.07 -11.30
N TRP A 303 19.80 -18.75 -10.18
CA TRP A 303 18.95 -18.50 -9.01
C TRP A 303 19.11 -17.04 -8.58
N GLY A 304 20.26 -16.46 -8.89
CA GLY A 304 20.50 -15.08 -8.52
C GLY A 304 19.41 -14.18 -9.06
N ARG A 305 19.05 -14.38 -10.31
CA ARG A 305 17.98 -13.60 -10.92
C ARG A 305 16.60 -13.95 -10.35
N VAL A 306 16.39 -15.21 -9.96
CA VAL A 306 15.11 -15.59 -9.37
C VAL A 306 15.01 -14.94 -7.99
N ALA A 307 16.16 -14.82 -7.32
CA ALA A 307 16.19 -14.21 -6.00
C ALA A 307 15.84 -12.74 -6.12
N MSE A 308 16.56 -12.06 -7.01
CA MSE A 308 16.32 -10.65 -7.28
C MSE A 308 14.83 -10.56 -7.56
O MSE A 308 14.10 -9.79 -6.92
CB MSE A 308 17.16 -10.23 -8.51
CG MSE A 308 16.89 -8.83 -9.09
SE MSE A 308 15.31 -8.79 -10.21
CE MSE A 308 15.92 -9.73 -11.79
N ALA A 309 14.37 -11.38 -8.50
CA ALA A 309 12.97 -11.39 -8.85
C ALA A 309 12.13 -11.45 -7.60
N ILE A 310 12.31 -12.52 -6.82
CA ILE A 310 11.54 -12.64 -5.61
C ILE A 310 11.62 -11.40 -4.73
N GLY A 311 12.81 -10.80 -4.60
CA GLY A 311 12.93 -9.62 -3.76
C GLY A 311 12.14 -8.40 -4.21
N LYS A 312 11.58 -8.49 -5.41
CA LYS A 312 10.80 -7.40 -5.97
C LYS A 312 9.52 -7.28 -5.20
N CYS A 313 9.05 -8.39 -4.66
CA CYS A 313 7.82 -8.35 -3.87
C CYS A 313 8.27 -7.69 -2.56
N SER A 314 8.65 -6.43 -2.66
CA SER A 314 9.16 -5.65 -1.54
C SER A 314 8.20 -5.33 -0.41
N ASP A 315 6.89 -5.46 -0.63
CA ASP A 315 5.94 -5.19 0.43
C ASP A 315 5.69 -6.47 1.23
N ASP A 316 6.21 -7.58 0.71
CA ASP A 316 6.05 -8.84 1.37
C ASP A 316 7.18 -9.04 2.37
N THR A 317 7.17 -8.18 3.38
CA THR A 317 8.17 -8.19 4.43
C THR A 317 8.36 -9.53 5.15
N ASP A 318 7.44 -10.48 4.98
CA ASP A 318 7.59 -11.76 5.65
C ASP A 318 8.44 -12.72 4.82
N ILE A 319 8.75 -12.32 3.59
CA ILE A 319 9.61 -13.14 2.75
C ILE A 319 11.01 -12.86 3.25
N ASP A 320 11.70 -13.90 3.72
CA ASP A 320 13.03 -13.71 4.26
C ASP A 320 14.16 -14.16 3.38
N GLN A 321 15.05 -13.22 3.09
CA GLN A 321 16.21 -13.47 2.25
C GLN A 321 16.86 -14.81 2.54
N GLU A 322 16.92 -15.20 3.81
CA GLU A 322 17.57 -16.45 4.16
C GLU A 322 16.73 -17.59 4.69
N ARG A 323 15.47 -17.69 4.27
CA ARG A 323 14.60 -18.77 4.68
C ARG A 323 13.98 -19.27 3.40
N VAL A 324 14.35 -18.62 2.31
CA VAL A 324 13.85 -18.96 0.99
C VAL A 324 14.72 -20.06 0.37
N THR A 325 14.12 -20.94 -0.41
CA THR A 325 14.89 -21.95 -1.10
C THR A 325 14.35 -21.92 -2.52
N ILE A 326 15.26 -21.88 -3.47
CA ILE A 326 14.91 -21.84 -4.89
C ILE A 326 15.45 -23.11 -5.49
N ARG A 327 14.73 -23.67 -6.45
CA ARG A 327 15.21 -24.88 -7.09
C ARG A 327 14.84 -24.94 -8.56
N PHE A 328 15.66 -25.66 -9.32
CA PHE A 328 15.43 -25.85 -10.74
C PHE A 328 15.24 -27.35 -10.81
N GLY A 329 14.19 -27.79 -11.49
CA GLY A 329 13.94 -29.22 -11.55
C GLY A 329 13.66 -29.65 -10.12
N GLU A 330 14.32 -30.70 -9.68
CA GLU A 330 14.13 -31.20 -8.32
C GLU A 330 15.30 -30.76 -7.42
N VAL A 331 16.40 -30.40 -8.05
CA VAL A 331 17.60 -30.00 -7.34
C VAL A 331 17.53 -28.62 -6.70
N GLU A 332 17.89 -28.53 -5.43
CA GLU A 332 17.91 -27.26 -4.73
C GLU A 332 19.22 -26.54 -5.05
N VAL A 333 19.12 -25.31 -5.56
CA VAL A 333 20.28 -24.51 -5.92
C VAL A 333 20.41 -23.28 -5.04
N TYR A 334 19.52 -23.14 -4.06
CA TYR A 334 19.57 -22.02 -3.12
C TYR A 334 18.97 -22.39 -1.77
N PRO A 335 19.71 -22.20 -0.66
CA PRO A 335 21.07 -21.67 -0.55
C PRO A 335 22.09 -22.55 -1.25
N PRO A 336 23.16 -21.95 -1.80
CA PRO A 336 24.22 -22.66 -2.51
C PRO A 336 24.73 -23.83 -1.68
N ASP A 344 27.48 -33.34 -5.84
CA ASP A 344 27.77 -31.98 -6.30
C ASP A 344 27.89 -31.94 -7.83
N ASP A 345 28.96 -32.55 -8.36
CA ASP A 345 29.17 -32.55 -9.80
C ASP A 345 27.98 -33.16 -10.52
N ALA A 346 27.55 -34.33 -10.06
CA ALA A 346 26.42 -35.02 -10.67
C ALA A 346 25.18 -34.14 -10.71
N LEU A 347 24.94 -33.41 -9.63
CA LEU A 347 23.77 -32.54 -9.54
C LEU A 347 23.86 -31.29 -10.40
N ARG A 348 25.07 -30.76 -10.57
CA ARG A 348 25.23 -29.56 -11.41
C ARG A 348 24.80 -29.92 -12.82
N ALA A 349 25.30 -31.06 -13.31
CA ALA A 349 24.94 -31.51 -14.66
C ALA A 349 23.45 -31.82 -14.77
N ALA A 350 22.85 -32.19 -13.65
CA ALA A 350 21.42 -32.53 -13.62
C ALA A 350 20.59 -31.27 -13.86
N VAL A 351 20.94 -30.19 -13.15
CA VAL A 351 20.26 -28.93 -13.31
C VAL A 351 20.56 -28.42 -14.72
N ALA A 352 21.85 -28.45 -15.06
CA ALA A 352 22.31 -28.02 -16.38
C ALA A 352 21.47 -28.68 -17.46
N GLU A 353 21.24 -29.98 -17.27
CA GLU A 353 20.46 -30.77 -18.20
C GLU A 353 19.00 -30.38 -18.21
N HIS A 354 18.46 -30.06 -17.04
CA HIS A 354 17.07 -29.68 -16.92
C HIS A 354 16.78 -28.44 -17.75
N LEU A 355 17.57 -27.39 -17.52
CA LEU A 355 17.40 -26.14 -18.21
C LEU A 355 17.60 -26.22 -19.71
N ARG A 356 18.16 -27.32 -20.21
CA ARG A 356 18.34 -27.45 -21.64
C ARG A 356 17.04 -27.96 -22.27
N GLY A 357 16.17 -28.49 -21.43
CA GLY A 357 14.90 -29.01 -21.90
C GLY A 357 13.92 -27.90 -22.21
N ASP A 358 12.73 -28.25 -22.70
CA ASP A 358 11.78 -27.19 -23.00
C ASP A 358 10.64 -27.07 -22.01
N GLU A 359 10.81 -27.63 -20.81
CA GLU A 359 9.83 -27.49 -19.75
C GLU A 359 10.60 -27.32 -18.46
N VAL A 360 10.99 -26.07 -18.21
CA VAL A 360 11.76 -25.73 -17.04
C VAL A 360 10.89 -25.37 -15.84
N VAL A 361 11.14 -26.10 -14.74
CA VAL A 361 10.42 -25.92 -13.48
C VAL A 361 11.26 -25.17 -12.44
N ILE A 362 10.71 -24.12 -11.88
CA ILE A 362 11.40 -23.35 -10.86
C ILE A 362 10.55 -23.42 -9.59
N GLY A 363 11.05 -24.13 -8.59
CA GLY A 363 10.35 -24.27 -7.33
C GLY A 363 10.88 -23.21 -6.39
N ILE A 364 10.00 -22.66 -5.57
CA ILE A 364 10.38 -21.62 -4.65
C ILE A 364 9.62 -21.87 -3.38
N ASP A 365 10.32 -21.91 -2.26
CA ASP A 365 9.61 -22.10 -1.00
C ASP A 365 9.93 -20.90 -0.14
N LEU A 366 8.91 -20.23 0.34
CA LEU A 366 9.12 -19.04 1.14
C LEU A 366 9.20 -19.34 2.62
N ALA A 367 8.64 -20.46 3.04
CA ALA A 367 8.71 -20.84 4.44
C ALA A 367 8.08 -19.83 5.38
N ILE A 368 6.81 -19.54 5.16
CA ILE A 368 6.09 -18.60 5.99
C ILE A 368 4.89 -19.31 6.55
N ALA A 369 4.15 -19.97 5.65
CA ALA A 369 2.95 -20.71 6.01
C ALA A 369 2.75 -21.85 5.00
N ASP A 370 1.52 -22.35 4.90
CA ASP A 370 1.19 -23.45 4.00
C ASP A 370 0.69 -23.03 2.61
N GLY A 371 0.77 -21.73 2.29
CA GLY A 371 0.33 -21.21 1.00
C GLY A 371 1.07 -21.71 -0.25
N ALA A 372 0.32 -22.12 -1.27
CA ALA A 372 0.90 -22.63 -2.51
C ALA A 372 0.16 -22.21 -3.79
N PHE A 373 0.93 -22.00 -4.86
CA PHE A 373 0.35 -21.61 -6.12
C PHE A 373 1.32 -21.80 -7.27
N THR A 374 0.78 -22.16 -8.44
CA THR A 374 1.60 -22.36 -9.62
C THR A 374 1.15 -21.50 -10.80
N VAL A 375 2.12 -20.89 -11.49
CA VAL A 375 1.85 -20.05 -12.65
C VAL A 375 2.61 -20.63 -13.84
N TYR A 376 2.27 -20.19 -15.04
CA TYR A 376 2.93 -20.71 -16.23
C TYR A 376 3.37 -19.57 -17.12
N GLY A 377 4.50 -19.77 -17.80
CA GLY A 377 4.99 -18.75 -18.68
C GLY A 377 5.94 -19.32 -19.70
N CYS A 378 6.94 -18.54 -20.08
CA CYS A 378 7.92 -18.98 -21.05
C CYS A 378 9.13 -18.03 -21.09
N ASP A 379 10.16 -18.48 -21.81
CA ASP A 379 11.37 -17.71 -21.93
C ASP A 379 11.11 -16.54 -22.86
N LEU A 380 12.07 -15.63 -22.95
CA LEU A 380 11.99 -14.48 -23.84
C LEU A 380 13.08 -14.69 -24.89
N THR A 381 12.65 -14.89 -26.12
CA THR A 381 13.59 -15.16 -27.21
C THR A 381 13.78 -13.95 -28.11
N GLU A 382 14.62 -14.12 -29.12
CA GLU A 382 14.83 -13.05 -30.05
C GLU A 382 13.65 -13.06 -31.00
N GLY A 383 13.09 -14.26 -31.18
CA GLY A 383 11.94 -14.41 -32.05
C GLY A 383 10.74 -13.58 -31.63
N TYR A 384 10.52 -13.46 -30.31
CA TYR A 384 9.39 -12.67 -29.84
C TYR A 384 9.65 -11.23 -30.27
N VAL A 385 10.91 -10.82 -30.19
CA VAL A 385 11.26 -9.46 -30.58
C VAL A 385 11.02 -9.30 -32.05
N ARG A 386 11.57 -10.21 -32.85
CA ARG A 386 11.38 -10.16 -34.31
C ARG A 386 9.90 -10.13 -34.66
N LEU A 387 9.15 -11.10 -34.15
CA LEU A 387 7.72 -11.17 -34.40
C LEU A 387 6.98 -9.87 -34.17
N ASN A 388 7.11 -9.31 -32.98
CA ASN A 388 6.40 -8.08 -32.64
C ASN A 388 7.05 -6.75 -33.06
N SER A 389 8.22 -6.83 -33.69
CA SER A 389 8.93 -5.64 -34.18
C SER A 389 8.68 -5.51 -35.67
N GLU A 390 8.06 -6.55 -36.24
CA GLU A 390 7.74 -6.60 -37.66
C GLU A 390 6.30 -6.16 -37.89
N THR B 8 34.89 19.04 -9.77
CA THR B 8 34.97 20.52 -9.62
C THR B 8 34.53 20.99 -8.23
N PRO B 9 33.59 20.29 -7.57
CA PRO B 9 33.17 20.73 -6.22
C PRO B 9 34.27 20.63 -5.17
N ARG B 10 34.59 21.75 -4.54
CA ARG B 10 35.63 21.82 -3.51
C ARG B 10 35.50 20.73 -2.44
N GLY B 11 36.64 20.18 -2.03
CA GLY B 11 36.64 19.16 -0.99
C GLY B 11 36.37 17.70 -1.35
N PHE B 12 36.11 17.40 -2.61
CA PHE B 12 35.85 16.02 -2.99
C PHE B 12 36.99 15.41 -3.81
N VAL B 13 37.46 14.27 -3.34
CA VAL B 13 38.54 13.55 -4.00
C VAL B 13 38.01 12.22 -4.45
N VAL B 14 38.66 11.64 -5.47
CA VAL B 14 38.25 10.36 -6.01
C VAL B 14 39.39 9.37 -6.18
N HIS B 15 39.27 8.21 -5.54
CA HIS B 15 40.27 7.15 -5.66
C HIS B 15 39.68 6.03 -6.52
N THR B 16 40.43 5.56 -7.51
CA THR B 16 39.94 4.48 -8.36
C THR B 16 41.09 3.55 -8.68
N ALA B 17 40.85 2.25 -8.55
CA ALA B 17 41.89 1.28 -8.82
C ALA B 17 41.29 -0.05 -9.22
N PRO B 18 42.10 -0.92 -9.82
CA PRO B 18 41.69 -2.25 -10.26
C PRO B 18 41.93 -3.31 -9.17
N VAL B 19 40.86 -3.76 -8.52
CA VAL B 19 40.97 -4.77 -7.46
C VAL B 19 40.65 -6.16 -8.02
N GLY B 20 40.24 -6.20 -9.27
CA GLY B 20 39.97 -7.48 -9.89
C GLY B 20 38.70 -8.20 -9.53
N LEU B 21 37.59 -7.46 -9.50
CA LEU B 21 36.30 -8.08 -9.21
C LEU B 21 35.87 -8.80 -10.48
N ALA B 22 36.61 -8.51 -11.56
CA ALA B 22 36.44 -9.11 -12.87
C ALA B 22 37.88 -9.17 -13.34
N ASP B 23 38.28 -10.28 -13.94
CA ASP B 23 39.66 -10.41 -14.36
C ASP B 23 39.98 -9.71 -15.67
N ASP B 24 40.09 -8.39 -15.63
CA ASP B 24 40.42 -7.64 -16.84
C ASP B 24 41.26 -6.41 -16.56
N GLY B 25 41.73 -6.27 -15.32
CA GLY B 25 42.58 -5.15 -14.95
C GLY B 25 41.96 -3.76 -14.92
N ARG B 26 40.67 -3.65 -15.22
CA ARG B 26 39.95 -2.37 -15.25
C ARG B 26 39.69 -1.84 -13.83
N ASP B 27 39.57 -0.51 -13.67
CA ASP B 27 39.30 0.08 -12.36
C ASP B 27 37.91 -0.36 -11.90
N ASP B 28 37.84 -1.18 -10.86
CA ASP B 28 36.55 -1.63 -10.36
C ASP B 28 36.35 -1.30 -8.86
N PHE B 29 37.31 -0.57 -8.29
CA PHE B 29 37.32 -0.17 -6.89
C PHE B 29 37.44 1.36 -6.82
N THR B 30 36.36 2.01 -6.41
CA THR B 30 36.29 3.47 -6.33
C THR B 30 35.97 3.96 -4.92
N VAL B 31 36.57 5.09 -4.55
CA VAL B 31 36.32 5.70 -3.27
C VAL B 31 36.10 7.19 -3.47
N LEU B 32 34.89 7.60 -3.14
CA LEU B 32 34.50 8.98 -3.25
C LEU B 32 34.45 9.54 -1.84
N ALA B 33 35.22 10.58 -1.58
CA ALA B 33 35.21 11.16 -0.25
C ALA B 33 35.38 12.68 -0.23
N SER B 34 34.87 13.29 0.85
CA SER B 34 34.98 14.73 1.05
C SER B 34 35.98 14.98 2.17
N THR B 35 36.91 15.89 1.93
CA THR B 35 37.92 16.25 2.91
C THR B 35 37.26 16.94 4.10
N ALA B 36 36.05 17.42 3.90
CA ALA B 36 35.30 18.12 4.93
C ALA B 36 34.03 17.37 5.27
N PRO B 37 33.41 17.70 6.43
CA PRO B 37 32.18 17.07 6.86
C PRO B 37 31.07 17.30 5.84
N ALA B 38 30.19 16.31 5.67
CA ALA B 38 29.12 16.41 4.70
C ALA B 38 27.78 15.93 5.22
N THR B 39 26.73 16.71 4.95
CA THR B 39 25.39 16.32 5.34
C THR B 39 24.94 15.41 4.20
N VAL B 40 24.41 14.23 4.53
CA VAL B 40 24.01 13.29 3.49
C VAL B 40 22.52 12.96 3.36
N SER B 41 22.11 12.67 2.13
CA SER B 41 20.72 12.29 1.81
C SER B 41 20.85 11.08 0.92
N ALA B 42 20.17 9.99 1.28
CA ALA B 42 20.24 8.75 0.50
C ALA B 42 18.93 7.99 0.50
N VAL B 43 18.74 7.16 -0.52
CA VAL B 43 17.56 6.33 -0.65
C VAL B 43 18.07 5.01 -1.20
N PHE B 44 17.45 3.89 -0.85
CA PHE B 44 17.93 2.59 -1.34
C PHE B 44 16.86 1.59 -1.69
N THR B 45 17.23 0.62 -2.51
CA THR B 45 16.31 -0.43 -2.88
C THR B 45 15.60 -1.00 -1.65
N ARG B 46 14.49 -1.69 -1.91
CA ARG B 46 13.71 -2.28 -0.83
C ARG B 46 13.60 -3.79 -1.02
N SER B 47 14.35 -4.27 -1.99
CA SER B 47 14.39 -5.68 -2.30
C SER B 47 14.42 -6.54 -1.05
N ARG B 48 13.68 -7.63 -1.08
CA ARG B 48 13.66 -8.56 0.05
C ARG B 48 15.02 -9.23 0.06
N PHE B 49 15.73 -9.15 -1.06
CA PHE B 49 17.05 -9.73 -1.21
C PHE B 49 18.12 -8.63 -1.22
N ALA B 50 17.97 -7.61 -0.40
CA ALA B 50 18.94 -6.52 -0.41
C ALA B 50 20.26 -6.92 0.24
N GLY B 51 21.34 -6.75 -0.49
CA GLY B 51 22.66 -7.10 0.01
C GLY B 51 23.12 -6.38 1.26
N PRO B 52 24.08 -6.95 2.00
CA PRO B 52 24.56 -6.30 3.23
C PRO B 52 25.02 -4.88 2.96
N SER B 53 25.59 -4.63 1.79
CA SER B 53 26.03 -3.28 1.46
C SER B 53 24.94 -2.24 1.73
N VAL B 54 23.72 -2.49 1.26
CA VAL B 54 22.64 -1.53 1.47
C VAL B 54 22.30 -1.31 2.94
N VAL B 55 22.37 -2.37 3.73
CA VAL B 55 22.05 -2.29 5.15
C VAL B 55 22.96 -1.31 5.90
N LEU B 56 24.26 -1.40 5.63
CA LEU B 56 25.21 -0.51 6.29
C LEU B 56 24.95 0.95 5.95
N CYS B 57 24.69 1.21 4.66
CA CYS B 57 24.41 2.56 4.18
C CYS B 57 23.23 3.16 4.93
N ARG B 58 22.14 2.41 5.05
CA ARG B 58 20.98 2.91 5.77
C ARG B 58 21.37 3.39 7.17
N GLU B 59 22.19 2.59 7.84
CA GLU B 59 22.64 2.92 9.19
C GLU B 59 23.64 4.06 9.18
N ALA B 60 24.51 4.07 8.18
CA ALA B 60 25.53 5.11 8.07
C ALA B 60 24.91 6.49 7.85
N VAL B 61 23.83 6.53 7.06
CA VAL B 61 23.16 7.79 6.73
C VAL B 61 22.04 8.19 7.70
N ALA B 62 21.78 7.35 8.68
CA ALA B 62 20.73 7.62 9.67
C ALA B 62 20.90 8.97 10.39
N ASP B 63 22.10 9.25 10.88
CA ASP B 63 22.34 10.51 11.60
C ASP B 63 22.50 11.72 10.68
N GLY B 64 22.44 11.50 9.37
CA GLY B 64 22.57 12.59 8.43
C GLY B 64 24.01 13.01 8.18
N GLN B 65 24.95 12.33 8.81
CA GLN B 65 26.36 12.67 8.64
C GLN B 65 27.13 11.51 8.02
N ALA B 66 27.85 11.81 6.94
CA ALA B 66 28.65 10.82 6.23
C ALA B 66 29.69 11.57 5.41
N ARG B 67 30.84 10.96 5.19
CA ARG B 67 31.86 11.66 4.44
C ARG B 67 32.26 11.12 3.08
N GLY B 68 31.84 9.90 2.75
CA GLY B 68 32.21 9.37 1.44
C GLY B 68 31.56 8.04 1.12
N VAL B 69 32.03 7.41 0.05
CA VAL B 69 31.49 6.10 -0.34
C VAL B 69 32.54 5.32 -1.13
N VAL B 70 32.60 4.02 -0.86
CA VAL B 70 33.52 3.13 -1.54
C VAL B 70 32.59 2.27 -2.36
N VAL B 71 32.94 2.05 -3.62
CA VAL B 71 32.08 1.28 -4.51
C VAL B 71 32.84 0.16 -5.19
N LEU B 72 32.18 -0.99 -5.32
CA LEU B 72 32.82 -2.12 -5.96
C LEU B 72 31.93 -2.53 -7.12
N ALA B 73 32.55 -2.65 -8.29
CA ALA B 73 31.82 -3.00 -9.51
C ALA B 73 32.19 -4.37 -10.07
N ARG B 74 31.21 -5.05 -10.65
CA ARG B 74 31.37 -6.39 -11.22
C ARG B 74 31.05 -7.52 -10.25
N ASN B 75 30.66 -7.16 -9.01
CA ASN B 75 30.30 -8.14 -7.99
C ASN B 75 29.46 -7.45 -6.92
N ALA B 76 28.17 -7.72 -6.93
CA ALA B 76 27.25 -7.08 -5.99
C ALA B 76 27.42 -7.45 -4.52
N ASN B 77 27.97 -8.61 -4.24
CA ASN B 77 28.10 -9.07 -2.85
C ASN B 77 26.71 -9.14 -2.23
N VAL B 78 25.87 -9.97 -2.83
CA VAL B 78 24.49 -10.19 -2.42
C VAL B 78 24.28 -11.69 -2.26
N ALA B 79 23.49 -12.08 -1.25
CA ALA B 79 23.20 -13.50 -0.98
C ALA B 79 24.53 -14.22 -0.91
N THR B 80 25.44 -13.63 -0.14
CA THR B 80 26.79 -14.15 0.06
C THR B 80 27.00 -14.52 1.54
N GLY B 81 25.90 -14.89 2.19
CA GLY B 81 25.92 -15.30 3.58
C GLY B 81 26.58 -14.38 4.60
N LEU B 82 27.02 -14.99 5.70
CA LEU B 82 27.66 -14.24 6.78
C LEU B 82 29.04 -13.78 6.40
N GLU B 83 29.66 -14.53 5.48
CA GLU B 83 30.99 -14.20 4.98
C GLU B 83 30.91 -12.90 4.17
N GLY B 84 29.83 -12.71 3.44
CA GLY B 84 29.66 -11.50 2.66
C GLY B 84 29.37 -10.30 3.53
N GLU B 85 28.68 -10.53 4.65
CA GLU B 85 28.34 -9.46 5.61
C GLU B 85 29.60 -8.98 6.33
N GLU B 86 30.51 -9.89 6.60
CA GLU B 86 31.74 -9.52 7.27
C GLU B 86 32.67 -8.91 6.26
N ASN B 87 32.43 -9.19 4.99
CA ASN B 87 33.25 -8.62 3.93
C ASN B 87 32.78 -7.19 3.64
N ALA B 88 31.48 -6.94 3.76
CA ALA B 88 30.97 -5.61 3.52
C ALA B 88 31.47 -4.73 4.65
N ARG B 89 31.38 -5.27 5.86
CA ARG B 89 31.79 -4.58 7.09
C ARG B 89 33.30 -4.30 7.08
N GLU B 90 34.07 -5.29 6.67
CA GLU B 90 35.51 -5.18 6.63
C GLU B 90 36.03 -4.13 5.66
N VAL B 91 35.62 -4.22 4.41
CA VAL B 91 36.09 -3.26 3.43
C VAL B 91 35.64 -1.87 3.83
N ARG B 92 34.38 -1.74 4.18
CA ARG B 92 33.85 -0.45 4.58
C ARG B 92 34.73 0.21 5.65
N GLU B 93 35.10 -0.54 6.68
CA GLU B 93 35.91 -0.01 7.77
C GLU B 93 37.31 0.34 7.29
N ALA B 94 37.92 -0.59 6.55
CA ALA B 94 39.27 -0.38 6.05
C ALA B 94 39.44 1.02 5.46
N VAL B 95 38.64 1.32 4.45
CA VAL B 95 38.68 2.60 3.78
C VAL B 95 38.56 3.70 4.81
N ALA B 96 37.64 3.51 5.76
CA ALA B 96 37.43 4.47 6.83
C ALA B 96 38.73 4.64 7.64
N ARG B 97 39.31 3.52 8.08
CA ARG B 97 40.55 3.55 8.85
C ARG B 97 41.68 4.15 8.03
N ALA B 98 41.73 3.82 6.74
CA ALA B 98 42.80 4.32 5.89
C ALA B 98 42.77 5.83 5.70
N LEU B 99 41.60 6.41 5.51
CA LEU B 99 41.51 7.87 5.32
C LEU B 99 41.37 8.67 6.59
N GLY B 100 41.24 7.99 7.73
CA GLY B 100 41.09 8.71 8.98
C GLY B 100 39.72 9.35 9.19
N LEU B 101 38.64 8.69 8.78
CA LEU B 101 37.31 9.24 9.01
C LEU B 101 36.59 8.26 9.93
N PRO B 102 35.47 8.67 10.51
CA PRO B 102 34.82 7.69 11.37
C PRO B 102 34.09 6.62 10.53
N GLU B 103 34.16 5.38 10.99
CA GLU B 103 33.54 4.25 10.31
C GLU B 103 32.09 4.54 9.91
N GLY B 104 31.27 4.89 10.89
CA GLY B 104 29.87 5.15 10.64
C GLY B 104 29.63 6.18 9.57
N GLU B 105 30.67 6.93 9.20
CA GLU B 105 30.50 7.97 8.19
C GLU B 105 31.02 7.60 6.78
N MSE B 106 31.13 6.31 6.48
CA MSE B 106 31.59 5.89 5.16
C MSE B 106 30.57 4.94 4.55
O MSE B 106 30.32 3.90 5.10
CB MSE B 106 32.94 5.17 5.29
CG MSE B 106 33.36 4.42 4.03
SE MSE B 106 33.72 5.54 2.46
CE MSE B 106 35.35 6.37 3.15
N LEU B 107 29.95 5.30 3.45
CA LEU B 107 28.99 4.37 2.87
C LEU B 107 29.74 3.35 2.02
N ILE B 108 29.01 2.34 1.56
CA ILE B 108 29.59 1.32 0.70
C ILE B 108 28.49 0.86 -0.27
N ALA B 109 28.85 0.78 -1.55
CA ALA B 109 27.91 0.36 -2.60
C ALA B 109 28.56 -0.71 -3.47
N SER B 110 27.81 -1.79 -3.73
CA SER B 110 28.33 -2.90 -4.54
C SER B 110 27.34 -3.29 -5.67
N THR B 111 27.89 -3.49 -6.86
CA THR B 111 27.11 -3.82 -8.06
C THR B 111 27.79 -4.88 -8.91
N GLY B 112 26.99 -5.69 -9.59
CA GLY B 112 27.54 -6.74 -10.43
C GLY B 112 26.87 -8.07 -10.15
N VAL B 113 27.64 -9.15 -10.29
CA VAL B 113 27.13 -10.50 -10.06
C VAL B 113 26.64 -10.83 -8.66
N ILE B 114 25.55 -11.59 -8.60
CA ILE B 114 24.95 -12.02 -7.33
C ILE B 114 25.52 -13.39 -6.94
N GLY B 115 25.51 -13.72 -5.65
CA GLY B 115 26.00 -15.00 -5.20
C GLY B 115 27.51 -15.29 -5.25
N ARG B 116 28.33 -14.27 -5.48
CA ARG B 116 29.77 -14.52 -5.53
C ARG B 116 30.58 -13.71 -4.51
N GLN B 117 31.29 -14.39 -3.62
CA GLN B 117 32.12 -13.74 -2.59
C GLN B 117 33.17 -12.83 -3.21
N TYR B 118 33.61 -11.82 -2.46
CA TYR B 118 34.63 -10.87 -2.94
C TYR B 118 36.03 -11.45 -3.00
N PRO B 119 36.88 -10.89 -3.87
CA PRO B 119 38.26 -11.35 -4.00
C PRO B 119 39.02 -10.62 -2.88
N MSE B 120 38.63 -10.92 -1.64
CA MSE B 120 39.20 -10.32 -0.46
C MSE B 120 40.72 -10.29 -0.46
O MSE B 120 41.34 -9.31 -0.01
CB MSE B 120 38.67 -11.04 0.78
CG MSE B 120 37.19 -10.77 1.02
SE MSE B 120 36.78 -8.87 0.94
CE MSE B 120 37.57 -8.26 2.60
N GLU B 121 41.29 -11.38 -0.93
CA GLU B 121 42.74 -11.53 -1.06
C GLU B 121 43.29 -10.24 -1.65
N SER B 122 42.87 -9.97 -2.88
CA SER B 122 43.26 -8.79 -3.64
C SER B 122 42.88 -7.46 -2.99
N ILE B 123 41.64 -7.36 -2.54
CA ILE B 123 41.12 -6.14 -1.91
C ILE B 123 41.96 -5.73 -0.71
N ARG B 124 42.35 -6.70 0.10
CA ARG B 124 43.16 -6.42 1.27
C ARG B 124 44.53 -5.91 0.82
N GLU B 125 45.14 -6.59 -0.16
CA GLU B 125 46.43 -6.15 -0.64
C GLU B 125 46.29 -4.69 -0.98
N HIS B 126 45.23 -4.35 -1.72
CA HIS B 126 45.00 -2.96 -2.08
C HIS B 126 44.77 -2.10 -0.84
N LEU B 127 43.70 -2.40 -0.09
CA LEU B 127 43.37 -1.63 1.12
C LEU B 127 44.59 -1.22 1.92
N LYS B 128 45.53 -2.14 2.11
CA LYS B 128 46.72 -1.83 2.88
C LYS B 128 47.50 -0.66 2.25
N THR B 129 47.14 -0.26 1.03
CA THR B 129 47.85 0.83 0.34
C THR B 129 47.03 2.11 0.16
N LEU B 130 45.72 2.01 0.39
CA LEU B 130 44.84 3.16 0.23
C LEU B 130 45.36 4.43 0.89
N GLU B 131 45.19 5.55 0.21
CA GLU B 131 45.61 6.84 0.72
C GLU B 131 44.75 7.93 0.13
N TRP B 132 44.70 9.08 0.82
CA TRP B 132 43.94 10.22 0.33
C TRP B 132 44.61 10.62 -0.97
N PRO B 133 43.84 10.80 -2.04
CA PRO B 133 44.56 11.20 -3.24
C PRO B 133 45.07 12.63 -3.08
N ALA B 134 46.03 13.02 -3.91
CA ALA B 134 46.58 14.38 -3.88
C ALA B 134 45.80 15.09 -4.97
N GLY B 135 45.25 16.25 -4.68
CA GLY B 135 44.48 16.93 -5.71
C GLY B 135 43.05 16.44 -5.69
N GLU B 136 42.12 17.34 -5.99
CA GLU B 136 40.71 17.02 -5.97
C GLU B 136 40.16 16.64 -7.33
N GLY B 137 38.90 16.20 -7.35
CA GLY B 137 38.28 15.82 -8.60
C GLY B 137 38.51 14.37 -8.98
N GLY B 138 38.10 14.04 -10.20
CA GLY B 138 38.24 12.70 -10.73
C GLY B 138 36.93 11.97 -10.93
N PHE B 139 35.85 12.71 -11.16
CA PHE B 139 34.52 12.14 -11.36
C PHE B 139 34.35 11.41 -12.68
N ASP B 140 35.26 11.68 -13.61
CA ASP B 140 35.26 11.05 -14.91
C ASP B 140 35.60 9.56 -14.71
N ARG B 141 36.70 9.28 -14.01
CA ARG B 141 37.09 7.90 -13.78
C ARG B 141 36.22 7.19 -12.78
N ALA B 142 35.64 7.96 -11.86
CA ALA B 142 34.76 7.37 -10.88
C ALA B 142 33.59 6.83 -11.70
N ALA B 143 33.01 7.71 -12.51
CA ALA B 143 31.90 7.32 -13.36
C ALA B 143 32.27 6.07 -14.13
N ARG B 144 33.52 6.00 -14.60
CA ARG B 144 33.99 4.85 -15.37
C ARG B 144 34.25 3.58 -14.59
N ALA B 145 34.75 3.72 -13.37
CA ALA B 145 35.05 2.55 -12.56
C ALA B 145 33.84 1.90 -11.89
N ILE B 146 32.67 2.55 -11.94
CA ILE B 146 31.46 1.98 -11.35
C ILE B 146 30.57 1.28 -12.37
N MSE B 147 30.98 1.32 -13.64
CA MSE B 147 30.19 0.68 -14.69
C MSE B 147 30.24 -0.85 -14.62
O MSE B 147 31.18 -1.44 -14.11
CB MSE B 147 30.68 1.09 -16.07
CG MSE B 147 30.62 2.59 -16.40
SE MSE B 147 31.34 2.98 -18.16
CE MSE B 147 33.19 3.21 -17.76
N THR B 148 29.19 -1.49 -15.13
CA THR B 148 29.15 -2.94 -15.20
C THR B 148 28.82 -3.23 -16.65
N THR B 149 27.54 -3.18 -17.00
CA THR B 149 27.12 -3.45 -18.38
C THR B 149 26.90 -2.17 -19.19
N ASP B 150 27.27 -1.04 -18.62
CA ASP B 150 27.11 0.23 -19.30
C ASP B 150 28.09 0.31 -20.46
N THR B 151 27.68 0.91 -21.58
CA THR B 151 28.57 1.03 -22.73
C THR B 151 29.19 2.42 -22.76
N ARG B 152 28.81 3.24 -21.79
CA ARG B 152 29.31 4.61 -21.75
C ARG B 152 29.20 5.16 -20.32
N PRO B 153 30.21 5.93 -19.89
CA PRO B 153 30.19 6.51 -18.53
C PRO B 153 29.10 7.58 -18.45
N LYS B 154 28.50 7.74 -17.28
CA LYS B 154 27.42 8.70 -17.12
C LYS B 154 27.76 9.69 -16.04
N GLU B 155 27.93 10.94 -16.43
CA GLU B 155 28.30 11.97 -15.49
C GLU B 155 27.79 13.33 -15.90
N VAL B 156 27.48 14.18 -14.93
CA VAL B 156 27.01 15.51 -15.27
C VAL B 156 27.43 16.54 -14.22
N ARG B 157 27.59 17.79 -14.64
CA ARG B 157 28.01 18.86 -13.74
C ARG B 157 27.16 20.11 -13.91
N VAL B 158 26.83 20.79 -12.83
CA VAL B 158 26.03 21.99 -12.91
C VAL B 158 26.49 22.99 -11.88
N SER B 159 26.38 24.27 -12.22
CA SER B 159 26.77 25.35 -11.33
C SER B 159 25.52 25.88 -10.70
N VAL B 160 25.56 26.10 -9.39
CA VAL B 160 24.41 26.62 -8.68
C VAL B 160 24.84 27.75 -7.75
N GLY B 161 24.82 28.97 -8.29
CA GLY B 161 25.19 30.15 -7.52
C GLY B 161 26.45 30.06 -6.69
N GLY B 162 27.58 29.90 -7.35
CA GLY B 162 28.84 29.82 -6.64
C GLY B 162 29.26 28.42 -6.24
N ALA B 163 28.28 27.52 -6.10
CA ALA B 163 28.61 26.17 -5.71
C ALA B 163 28.72 25.31 -6.96
N THR B 164 29.21 24.09 -6.78
CA THR B 164 29.33 23.16 -7.88
C THR B 164 28.68 21.85 -7.48
N LEU B 165 27.93 21.27 -8.41
CA LEU B 165 27.26 20.01 -8.17
C LEU B 165 27.70 19.07 -9.25
N VAL B 166 27.98 17.83 -8.86
CA VAL B 166 28.41 16.83 -9.82
C VAL B 166 27.74 15.51 -9.49
N GLY B 167 27.38 14.79 -10.53
CA GLY B 167 26.73 13.53 -10.35
C GLY B 167 27.22 12.51 -11.35
N ILE B 168 27.20 11.26 -10.92
CA ILE B 168 27.58 10.19 -11.80
C ILE B 168 26.49 9.16 -11.57
N ALA B 169 26.29 8.27 -12.53
CA ALA B 169 25.28 7.22 -12.39
C ALA B 169 25.71 6.01 -13.18
N LYS B 170 25.16 4.86 -12.84
CA LYS B 170 25.53 3.66 -13.55
C LYS B 170 24.33 2.71 -13.56
N GLY B 171 24.29 1.80 -14.51
CA GLY B 171 23.19 0.85 -14.55
C GLY B 171 22.30 1.03 -15.75
N VAL B 172 22.18 -0.02 -16.55
CA VAL B 172 21.37 0.00 -17.75
C VAL B 172 20.72 -1.39 -17.92
N GLY B 173 20.70 -2.16 -16.84
CA GLY B 173 20.11 -3.48 -16.85
C GLY B 173 19.66 -3.79 -15.45
N MSE B 174 18.73 -4.72 -15.25
CA MSE B 174 18.21 -5.05 -13.91
C MSE B 174 17.95 -3.70 -13.29
O MSE B 174 18.49 -3.38 -12.24
CB MSE B 174 19.26 -5.79 -13.08
CG MSE B 174 18.73 -6.15 -11.70
SE MSE B 174 19.93 -7.10 -10.48
CE MSE B 174 20.13 -8.75 -11.47
N LEU B 175 17.08 -2.92 -13.94
CA LEU B 175 16.85 -1.56 -13.51
C LEU B 175 15.46 -0.94 -13.61
N GLU B 176 14.97 -0.48 -12.46
CA GLU B 176 13.69 0.20 -12.25
C GLU B 176 13.66 0.47 -10.76
N PRO B 177 14.47 1.45 -10.31
CA PRO B 177 14.47 1.72 -8.87
C PRO B 177 13.13 2.03 -8.30
N ASP B 178 13.00 1.74 -7.02
CA ASP B 178 11.80 1.97 -6.23
C ASP B 178 12.35 2.21 -4.83
N MSE B 179 13.31 3.14 -4.78
CA MSE B 179 14.03 3.51 -3.56
C MSE B 179 13.34 4.41 -2.58
O MSE B 179 12.66 5.35 -2.97
CB MSE B 179 15.36 4.15 -3.96
CG MSE B 179 16.21 3.26 -4.82
SE MSE B 179 17.65 4.15 -5.76
CE MSE B 179 18.87 4.44 -4.36
N ALA B 180 13.55 4.14 -1.29
CA ALA B 180 12.98 4.96 -0.21
C ALA B 180 13.99 5.12 0.93
N THR B 181 21.10 -2.90 -11.74
CA THR B 181 21.34 -2.14 -10.52
C THR B 181 21.66 -0.68 -10.81
N LEU B 182 21.04 0.21 -10.05
CA LEU B 182 21.26 1.62 -10.21
C LEU B 182 22.11 2.12 -9.08
N LEU B 183 23.26 2.72 -9.43
CA LEU B 183 24.16 3.31 -8.44
C LEU B 183 24.43 4.71 -8.96
N THR B 184 24.05 5.71 -8.16
CA THR B 184 24.27 7.09 -8.54
C THR B 184 24.61 7.92 -7.32
N PHE B 185 25.63 8.76 -7.48
CA PHE B 185 26.11 9.63 -6.41
C PHE B 185 26.20 11.09 -6.84
N PHE B 186 25.89 11.98 -5.91
CA PHE B 186 25.94 13.43 -6.13
C PHE B 186 26.84 14.11 -5.10
N ALA B 187 27.69 15.01 -5.56
CA ALA B 187 28.59 15.72 -4.66
C ALA B 187 28.56 17.22 -4.96
N THR B 188 28.24 18.01 -3.95
CA THR B 188 28.22 19.46 -4.09
C THR B 188 28.91 20.14 -2.92
N ASP B 189 29.51 21.30 -3.19
CA ASP B 189 30.17 22.04 -2.13
C ASP B 189 29.23 23.10 -1.56
N ALA B 190 27.94 22.94 -1.83
CA ALA B 190 26.94 23.87 -1.32
C ALA B 190 26.58 23.56 0.14
N ARG B 191 26.18 24.58 0.88
CA ARG B 191 25.77 24.42 2.27
C ARG B 191 24.26 24.38 2.22
N LEU B 192 23.68 23.24 2.60
CA LEU B 192 22.22 23.08 2.58
C LEU B 192 21.68 22.71 3.95
N ASP B 193 20.53 23.26 4.33
CA ASP B 193 19.94 22.89 5.61
C ASP B 193 19.70 21.39 5.50
N PRO B 194 20.07 20.62 6.54
CA PRO B 194 19.89 19.17 6.56
C PRO B 194 18.49 18.65 6.25
N ALA B 195 17.47 19.13 6.95
CA ALA B 195 16.12 18.66 6.72
C ALA B 195 15.68 18.97 5.30
N GLU B 196 16.01 20.17 4.84
CA GLU B 196 15.64 20.62 3.50
C GLU B 196 16.23 19.70 2.46
N GLN B 197 17.55 19.56 2.50
CA GLN B 197 18.29 18.71 1.57
C GLN B 197 17.62 17.36 1.41
N ASP B 198 17.17 16.80 2.53
CA ASP B 198 16.53 15.49 2.50
C ASP B 198 15.18 15.45 1.77
N ARG B 199 14.37 16.46 1.97
CA ARG B 199 13.07 16.49 1.29
C ARG B 199 13.39 16.75 -0.18
N LEU B 200 14.26 17.71 -0.39
CA LEU B 200 14.72 18.11 -1.71
C LEU B 200 15.16 16.87 -2.47
N PHE B 201 16.12 16.16 -1.88
CA PHE B 201 16.67 14.97 -2.48
C PHE B 201 15.61 13.97 -2.91
N ARG B 202 14.71 13.66 -1.99
CA ARG B 202 13.68 12.68 -2.26
C ARG B 202 12.71 13.12 -3.34
N ARG B 203 12.42 14.41 -3.41
CA ARG B 203 11.50 14.90 -4.42
C ARG B 203 12.11 14.73 -5.81
N VAL B 204 13.37 15.09 -5.95
CA VAL B 204 14.02 14.93 -7.25
C VAL B 204 14.09 13.44 -7.59
N MSE B 205 14.36 12.58 -6.59
CA MSE B 205 14.44 11.14 -6.82
C MSE B 205 13.12 10.57 -7.33
O MSE B 205 13.09 9.71 -8.20
CB MSE B 205 14.83 10.37 -5.54
CG MSE B 205 16.26 10.59 -5.02
SE MSE B 205 17.71 10.17 -6.26
CE MSE B 205 17.89 11.91 -7.14
N ASP B 206 12.01 11.06 -6.78
CA ASP B 206 10.72 10.57 -7.21
C ASP B 206 10.35 10.91 -8.63
N ARG B 207 10.97 11.95 -9.17
CA ARG B 207 10.64 12.37 -10.55
C ARG B 207 11.68 11.93 -11.56
N THR B 208 12.77 11.36 -11.08
CA THR B 208 13.81 10.95 -12.00
C THR B 208 14.15 9.47 -11.90
N PHE B 209 15.14 9.15 -11.06
CA PHE B 209 15.57 7.76 -10.87
C PHE B 209 14.44 6.80 -10.59
N ASN B 210 13.54 7.14 -9.69
CA ASN B 210 12.39 6.29 -9.40
C ASN B 210 11.33 6.39 -10.53
N ALA B 211 11.71 6.99 -11.65
CA ALA B 211 10.79 7.18 -12.77
C ALA B 211 11.25 6.50 -14.04
N VAL B 212 12.46 5.94 -14.03
CA VAL B 212 12.98 5.25 -15.20
C VAL B 212 13.00 3.73 -15.00
N SER B 213 12.78 3.01 -16.10
CA SER B 213 12.74 1.57 -16.05
C SER B 213 13.09 0.96 -17.41
N ILE B 214 14.14 0.14 -17.44
CA ILE B 214 14.58 -0.52 -18.66
C ILE B 214 13.84 -1.87 -18.78
N ASP B 215 14.01 -2.72 -17.77
CA ASP B 215 13.42 -4.07 -17.75
C ASP B 215 12.50 -4.42 -16.55
N THR B 216 12.14 -3.43 -15.75
CA THR B 216 11.28 -3.63 -14.58
C THR B 216 11.91 -4.47 -13.48
N ASP B 217 13.14 -4.95 -13.67
CA ASP B 217 13.77 -5.80 -12.64
C ASP B 217 14.48 -5.11 -11.49
N THR B 218 13.71 -4.59 -10.53
CA THR B 218 14.27 -3.90 -9.38
C THR B 218 15.36 -4.66 -8.65
N SER B 219 16.57 -4.12 -8.75
CA SER B 219 17.78 -4.66 -8.17
C SER B 219 17.84 -4.78 -6.66
N THR B 220 18.78 -5.59 -6.20
CA THR B 220 19.02 -5.85 -4.78
C THR B 220 20.09 -4.90 -4.25
N SER B 221 20.49 -3.93 -5.06
CA SER B 221 21.56 -3.07 -4.61
C SER B 221 21.44 -1.59 -4.95
N ASP B 222 20.37 -1.24 -5.67
CA ASP B 222 20.11 0.14 -6.09
C ASP B 222 20.42 1.14 -4.98
N THR B 223 21.40 2.02 -5.22
CA THR B 223 21.74 3.07 -4.24
C THR B 223 21.77 4.48 -4.83
N ALA B 224 21.36 5.47 -4.04
CA ALA B 224 21.36 6.86 -4.49
C ALA B 224 21.82 7.82 -3.36
N VAL B 225 22.83 8.62 -3.64
CA VAL B 225 23.34 9.51 -2.61
C VAL B 225 23.72 10.95 -3.01
N LEU B 226 23.43 11.88 -2.10
CA LEU B 226 23.78 13.28 -2.29
C LEU B 226 24.70 13.63 -1.11
N PHE B 227 25.94 13.98 -1.41
CA PHE B 227 26.95 14.37 -0.40
C PHE B 227 27.12 15.88 -0.47
N ALA B 228 26.90 16.57 0.64
CA ALA B 228 27.06 18.02 0.65
C ALA B 228 27.92 18.57 1.77
N ASN B 229 29.01 19.25 1.41
CA ASN B 229 29.88 19.89 2.42
C ASN B 229 29.75 21.38 2.10
N GLY B 230 29.50 22.21 3.09
CA GLY B 230 29.32 23.62 2.78
C GLY B 230 30.52 24.41 2.28
N LEU B 231 31.58 23.73 1.85
CA LEU B 231 32.79 24.41 1.39
C LEU B 231 32.63 25.54 0.38
N ALA B 232 31.42 25.75 -0.12
CA ALA B 232 31.22 26.83 -1.07
C ALA B 232 30.15 27.81 -0.59
N GLY B 233 29.74 27.63 0.66
CA GLY B 233 28.75 28.53 1.23
C GLY B 233 27.30 28.28 0.86
N GLU B 234 26.43 28.87 1.67
CA GLU B 234 24.98 28.76 1.50
C GLU B 234 24.56 28.92 0.05
N VAL B 235 23.57 28.12 -0.34
CA VAL B 235 22.97 28.14 -1.67
C VAL B 235 21.47 28.00 -1.41
N ASP B 236 20.68 28.83 -2.08
CA ASP B 236 19.22 28.78 -1.93
C ASP B 236 18.70 27.37 -2.27
N ALA B 237 17.98 26.76 -1.33
CA ALA B 237 17.46 25.40 -1.53
C ALA B 237 16.64 25.32 -2.80
N GLY B 238 15.71 26.25 -2.95
CA GLY B 238 14.87 26.26 -4.14
C GLY B 238 15.75 26.05 -5.36
N GLU B 239 16.75 26.92 -5.52
CA GLU B 239 17.66 26.82 -6.64
C GLU B 239 18.35 25.47 -6.68
N PHE B 240 18.91 25.06 -5.56
CA PHE B 240 19.59 23.78 -5.54
C PHE B 240 18.71 22.64 -6.04
N GLU B 241 17.43 22.67 -5.72
CA GLU B 241 16.56 21.60 -6.17
C GLU B 241 16.42 21.64 -7.70
N GLU B 242 16.37 22.83 -8.29
CA GLU B 242 16.26 22.90 -9.74
C GLU B 242 17.52 22.32 -10.36
N ALA B 243 18.65 22.65 -9.76
CA ALA B 243 19.94 22.18 -10.23
C ALA B 243 20.04 20.67 -10.18
N LEU B 244 19.82 20.11 -8.99
CA LEU B 244 19.89 18.67 -8.81
C LEU B 244 18.93 17.95 -9.75
N HIS B 245 17.74 18.51 -9.91
CA HIS B 245 16.74 17.89 -10.76
C HIS B 245 17.24 17.84 -12.20
N THR B 246 18.01 18.84 -12.59
CA THR B 246 18.54 18.83 -13.95
C THR B 246 19.62 17.79 -14.04
N ALA B 247 20.51 17.82 -13.06
CA ALA B 247 21.61 16.88 -13.01
C ALA B 247 21.10 15.45 -13.01
N ALA B 248 20.13 15.17 -12.15
CA ALA B 248 19.57 13.83 -12.02
C ALA B 248 18.81 13.41 -13.27
N LEU B 249 18.14 14.36 -13.91
CA LEU B 249 17.38 14.05 -15.10
C LEU B 249 18.32 13.79 -16.27
N ALA B 250 19.42 14.52 -16.32
CA ALA B 250 20.38 14.32 -17.39
C ALA B 250 20.85 12.85 -17.37
N LEU B 251 21.19 12.34 -16.17
CA LEU B 251 21.65 10.97 -16.00
C LEU B 251 20.55 9.92 -16.24
N VAL B 252 19.30 10.24 -15.91
CA VAL B 252 18.20 9.32 -16.14
C VAL B 252 18.09 9.05 -17.63
N LYS B 253 18.09 10.12 -18.41
CA LYS B 253 18.02 9.97 -19.85
C LYS B 253 19.23 9.18 -20.31
N ASP B 254 20.39 9.49 -19.74
CA ASP B 254 21.60 8.75 -20.09
C ASP B 254 21.37 7.26 -19.95
N ILE B 255 20.71 6.88 -18.87
CA ILE B 255 20.41 5.49 -18.59
C ILE B 255 19.41 4.92 -19.58
N ALA B 256 18.38 5.69 -19.92
CA ALA B 256 17.37 5.19 -20.84
C ALA B 256 17.92 5.01 -22.24
N SER B 257 18.90 5.84 -22.58
CA SER B 257 19.52 5.79 -23.90
C SER B 257 20.54 4.68 -23.98
N ASP B 258 21.12 4.32 -22.83
CA ASP B 258 22.13 3.28 -22.75
C ASP B 258 21.55 1.97 -22.27
N GLY B 259 20.23 1.83 -22.37
CA GLY B 259 19.60 0.61 -21.94
C GLY B 259 20.34 -0.52 -22.63
N GLU B 260 20.47 -1.66 -21.96
CA GLU B 260 21.15 -2.80 -22.55
C GLU B 260 20.47 -3.08 -23.87
N GLY B 261 21.29 -3.27 -24.91
CA GLY B 261 20.76 -3.55 -26.23
C GLY B 261 19.69 -2.58 -26.72
N ALA B 262 19.50 -1.44 -26.05
CA ALA B 262 18.46 -0.47 -26.43
C ALA B 262 18.86 0.40 -27.61
N ALA B 263 17.90 0.68 -28.47
CA ALA B 263 18.15 1.49 -29.66
C ALA B 263 17.41 2.80 -29.65
N LYS B 264 16.57 3.01 -28.64
CA LYS B 264 15.82 4.24 -28.55
C LYS B 264 15.07 4.44 -27.25
N LEU B 265 15.28 5.60 -26.66
CA LEU B 265 14.68 5.98 -25.40
C LEU B 265 13.19 6.22 -25.52
N ILE B 266 12.44 5.71 -24.56
CA ILE B 266 11.01 5.94 -24.56
C ILE B 266 10.65 6.79 -23.37
N GLU B 267 9.93 7.86 -23.69
CA GLU B 267 9.49 8.79 -22.68
C GLU B 267 7.97 8.81 -22.79
N VAL B 268 7.28 8.62 -21.66
CA VAL B 268 5.83 8.64 -21.63
C VAL B 268 5.29 9.77 -20.77
N GLN B 269 4.59 10.71 -21.40
CA GLN B 269 4.05 11.83 -20.66
C GLN B 269 2.56 11.61 -20.47
N VAL B 270 2.16 11.44 -19.21
CA VAL B 270 0.76 11.20 -18.85
C VAL B 270 0.19 12.42 -18.17
N THR B 271 -0.93 12.91 -18.70
CA THR B 271 -1.61 14.08 -18.15
C THR B 271 -3.09 13.74 -18.00
N GLY B 272 -3.80 14.48 -17.17
CA GLY B 272 -5.21 14.21 -16.99
C GLY B 272 -5.51 13.11 -15.97
N ALA B 273 -4.47 12.43 -15.50
CA ALA B 273 -4.65 11.38 -14.52
C ALA B 273 -5.46 11.96 -13.36
N ARG B 274 -6.09 11.10 -12.56
CA ARG B 274 -6.87 11.59 -11.44
C ARG B 274 -5.96 12.20 -10.40
N ASP B 275 -4.66 11.95 -10.54
CA ASP B 275 -3.67 12.49 -9.64
C ASP B 275 -2.31 11.96 -10.13
N ASP B 276 -1.22 12.43 -9.55
CA ASP B 276 0.10 11.98 -9.98
C ASP B 276 0.33 10.49 -9.89
N ALA B 277 0.09 9.94 -8.70
CA ALA B 277 0.27 8.51 -8.48
C ALA B 277 -0.27 7.73 -9.68
N GLN B 278 -1.45 8.08 -10.11
CA GLN B 278 -2.03 7.39 -11.24
C GLN B 278 -1.18 7.66 -12.46
N ALA B 279 -0.94 8.92 -12.77
CA ALA B 279 -0.15 9.27 -13.95
C ALA B 279 1.11 8.41 -14.05
N LYS B 280 1.79 8.20 -12.93
CA LYS B 280 2.98 7.38 -12.98
C LYS B 280 2.59 5.93 -13.26
N ARG B 281 1.52 5.45 -12.63
CA ARG B 281 1.04 4.08 -12.84
C ARG B 281 0.87 3.77 -14.35
N VAL B 282 0.10 4.61 -15.05
CA VAL B 282 -0.14 4.43 -16.48
C VAL B 282 1.16 4.50 -17.27
N GLY B 283 2.00 5.48 -16.98
CA GLY B 283 3.24 5.58 -17.71
C GLY B 283 4.12 4.33 -17.59
N LYS B 284 4.29 3.83 -16.37
CA LYS B 284 5.12 2.64 -16.16
C LYS B 284 4.52 1.46 -16.87
N THR B 285 3.20 1.33 -16.83
CA THR B 285 2.54 0.21 -17.50
C THR B 285 2.76 0.29 -19.00
N VAL B 286 2.75 1.51 -19.54
CA VAL B 286 2.97 1.74 -20.96
C VAL B 286 4.44 1.49 -21.31
N VAL B 287 5.35 2.11 -20.56
CA VAL B 287 6.79 1.96 -20.79
C VAL B 287 7.27 0.53 -20.53
N ASN B 288 6.58 -0.23 -19.66
CA ASN B 288 7.00 -1.62 -19.38
C ASN B 288 6.29 -2.69 -20.24
N SER B 289 5.40 -2.26 -21.10
CA SER B 289 4.66 -3.18 -21.99
C SER B 289 5.55 -3.72 -23.10
N PRO B 290 5.92 -5.01 -23.03
CA PRO B 290 6.79 -5.63 -24.06
C PRO B 290 6.27 -5.34 -25.47
N LEU B 291 4.96 -5.45 -25.66
CA LEU B 291 4.37 -5.17 -26.95
C LEU B 291 4.58 -3.72 -27.34
N VAL B 292 4.59 -2.82 -26.36
CA VAL B 292 4.83 -1.41 -26.65
C VAL B 292 6.32 -1.29 -26.99
N LYS B 293 7.19 -1.82 -26.13
CA LYS B 293 8.62 -1.73 -26.35
C LYS B 293 9.10 -2.34 -27.68
N THR B 294 8.60 -3.50 -28.05
CA THR B 294 9.01 -4.14 -29.29
C THR B 294 8.53 -3.36 -30.50
N ALA B 295 7.27 -2.88 -30.45
CA ALA B 295 6.72 -2.09 -31.54
C ALA B 295 7.57 -0.84 -31.76
N VAL B 296 7.86 -0.11 -30.67
CA VAL B 296 8.70 1.07 -30.77
C VAL B 296 10.01 0.66 -31.42
N HIS B 297 10.53 -0.50 -31.03
CA HIS B 297 11.78 -0.98 -31.60
C HIS B 297 11.67 -1.11 -33.11
N GLY B 298 10.44 -1.25 -33.60
CA GLY B 298 10.23 -1.39 -35.02
C GLY B 298 9.83 -0.12 -35.72
N CYS B 299 9.74 0.99 -34.97
CA CYS B 299 9.34 2.28 -35.52
C CYS B 299 7.84 2.28 -35.79
N ASP B 300 7.16 1.26 -35.30
CA ASP B 300 5.73 1.15 -35.50
C ASP B 300 5.01 2.04 -34.50
N PRO B 301 4.31 3.08 -34.97
CA PRO B 301 3.58 3.99 -34.09
C PRO B 301 2.28 3.34 -33.66
N ASN B 302 2.40 2.13 -33.13
CA ASN B 302 1.26 1.33 -32.70
C ASN B 302 0.45 1.92 -31.54
N TRP B 303 -0.51 2.79 -31.82
CA TRP B 303 -1.30 3.33 -30.72
C TRP B 303 -2.16 2.22 -30.12
N GLY B 304 -2.48 1.23 -30.94
CA GLY B 304 -3.27 0.12 -30.48
C GLY B 304 -2.64 -0.51 -29.26
N ARG B 305 -1.37 -0.84 -29.36
CA ARG B 305 -0.68 -1.44 -28.23
C ARG B 305 -0.65 -0.50 -27.02
N VAL B 306 -0.35 0.78 -27.23
CA VAL B 306 -0.31 1.74 -26.13
C VAL B 306 -1.65 1.73 -25.41
N ALA B 307 -2.72 1.75 -26.18
CA ALA B 307 -4.06 1.75 -25.60
C ALA B 307 -4.19 0.56 -24.68
N MSE B 308 -3.87 -0.61 -25.22
CA MSE B 308 -3.92 -1.88 -24.49
C MSE B 308 -3.17 -1.75 -23.18
O MSE B 308 -3.66 -2.15 -22.13
CB MSE B 308 -3.30 -2.97 -25.37
CG MSE B 308 -3.25 -4.39 -24.76
SE MSE B 308 -1.76 -4.72 -23.55
CE MSE B 308 -0.32 -4.68 -24.84
N ALA B 309 -1.95 -1.20 -23.24
CA ALA B 309 -1.19 -1.05 -22.02
C ALA B 309 -2.02 -0.29 -21.02
N ILE B 310 -2.57 0.85 -21.43
CA ILE B 310 -3.37 1.62 -20.51
C ILE B 310 -4.44 0.69 -19.95
N GLY B 311 -5.13 -0.01 -20.84
CA GLY B 311 -6.19 -0.91 -20.44
C GLY B 311 -5.80 -1.78 -19.27
N LYS B 312 -4.52 -2.14 -19.17
CA LYS B 312 -4.02 -3.02 -18.12
C LYS B 312 -4.28 -2.55 -16.70
N CYS B 313 -4.41 -1.23 -16.52
CA CYS B 313 -4.68 -0.69 -15.19
C CYS B 313 -6.17 -0.89 -14.95
N SER B 314 -6.62 -2.14 -14.79
CA SER B 314 -8.03 -2.42 -14.59
C SER B 314 -8.66 -1.93 -13.28
N ASP B 315 -7.86 -1.48 -12.32
CA ASP B 315 -8.41 -0.98 -11.07
C ASP B 315 -8.77 0.50 -11.15
N ASP B 316 -8.21 1.19 -12.12
CA ASP B 316 -8.51 2.59 -12.31
C ASP B 316 -9.74 2.69 -13.20
N THR B 317 -10.88 2.39 -12.63
CA THR B 317 -12.12 2.44 -13.38
C THR B 317 -12.53 3.86 -13.74
N ASP B 318 -11.71 4.84 -13.38
CA ASP B 318 -12.04 6.22 -13.72
C ASP B 318 -11.37 6.56 -15.04
N ILE B 319 -10.75 5.54 -15.64
CA ILE B 319 -10.10 5.69 -16.93
C ILE B 319 -11.10 5.26 -18.02
N ASP B 320 -11.60 6.26 -18.74
CA ASP B 320 -12.59 6.02 -19.78
C ASP B 320 -11.98 5.98 -21.17
N GLN B 321 -12.07 4.81 -21.75
CA GLN B 321 -11.56 4.55 -23.09
C GLN B 321 -11.92 5.65 -24.11
N GLU B 322 -13.05 6.32 -23.91
CA GLU B 322 -13.48 7.36 -24.85
C GLU B 322 -12.87 8.74 -24.64
N ARG B 323 -12.42 9.00 -23.41
CA ARG B 323 -11.83 10.28 -23.10
C ARG B 323 -10.33 10.28 -23.29
N VAL B 324 -9.75 9.10 -23.43
CA VAL B 324 -8.31 9.00 -23.62
C VAL B 324 -7.80 9.48 -24.98
N THR B 325 -6.65 10.14 -24.98
CA THR B 325 -6.06 10.57 -26.23
C THR B 325 -4.61 10.11 -26.18
N ILE B 326 -4.06 9.69 -27.30
CA ILE B 326 -2.69 9.20 -27.36
C ILE B 326 -1.96 9.91 -28.50
N ARG B 327 -0.72 10.28 -28.25
CA ARG B 327 0.03 10.94 -29.29
C ARG B 327 1.49 10.51 -29.27
N PHE B 328 2.09 10.51 -30.45
CA PHE B 328 3.49 10.18 -30.64
C PHE B 328 4.09 11.49 -31.09
N GLY B 329 5.08 11.96 -30.36
CA GLY B 329 5.63 13.26 -30.71
C GLY B 329 4.50 14.18 -30.31
N GLU B 330 4.24 15.22 -31.10
CA GLU B 330 3.16 16.17 -30.80
C GLU B 330 1.91 15.80 -31.60
N VAL B 331 2.09 14.93 -32.59
CA VAL B 331 0.99 14.49 -33.44
C VAL B 331 0.10 13.49 -32.74
N GLU B 332 -1.19 13.82 -32.60
CA GLU B 332 -2.14 12.93 -31.93
C GLU B 332 -2.69 11.87 -32.90
N VAL B 333 -2.55 10.60 -32.51
CA VAL B 333 -3.03 9.49 -33.33
C VAL B 333 -4.19 8.71 -32.74
N TYR B 334 -4.77 9.23 -31.67
CA TYR B 334 -5.93 8.62 -31.02
C TYR B 334 -6.70 9.62 -30.15
N PRO B 335 -8.02 9.70 -30.35
CA PRO B 335 -8.82 8.92 -31.31
C PRO B 335 -8.37 9.09 -32.76
N PRO B 336 -8.66 8.10 -33.60
CA PRO B 336 -8.28 8.12 -35.03
C PRO B 336 -9.00 9.25 -35.79
N ASP B 344 -3.40 14.82 -42.91
CA ASP B 344 -3.48 13.40 -43.24
C ASP B 344 -2.09 12.91 -43.61
N ASP B 345 -1.81 12.85 -44.90
CA ASP B 345 -0.53 12.39 -45.40
C ASP B 345 0.65 12.94 -44.60
N ALA B 346 0.73 14.27 -44.53
CA ALA B 346 1.81 14.97 -43.84
C ALA B 346 2.08 14.54 -42.41
N LEU B 347 1.02 14.44 -41.62
CA LEU B 347 1.14 14.06 -40.23
C LEU B 347 1.62 12.63 -39.99
N ARG B 348 0.99 11.67 -40.66
CA ARG B 348 1.41 10.27 -40.51
C ARG B 348 2.90 10.15 -40.82
N ALA B 349 3.37 10.89 -41.82
CA ALA B 349 4.79 10.85 -42.19
C ALA B 349 5.62 11.51 -41.09
N ALA B 350 4.98 12.36 -40.31
CA ALA B 350 5.65 13.06 -39.23
C ALA B 350 5.85 12.07 -38.09
N VAL B 351 4.81 11.31 -37.78
CA VAL B 351 4.92 10.33 -36.72
C VAL B 351 6.02 9.38 -37.19
N ALA B 352 5.93 8.95 -38.44
CA ALA B 352 6.92 8.05 -39.01
C ALA B 352 8.37 8.48 -38.70
N GLU B 353 8.75 9.71 -39.02
CA GLU B 353 10.11 10.17 -38.75
C GLU B 353 10.41 10.26 -37.26
N HIS B 354 9.41 10.58 -36.45
CA HIS B 354 9.63 10.66 -35.02
C HIS B 354 9.99 9.27 -34.49
N LEU B 355 9.29 8.27 -35.01
CA LEU B 355 9.50 6.90 -34.59
C LEU B 355 10.77 6.22 -35.09
N ARG B 356 11.44 6.83 -36.07
CA ARG B 356 12.68 6.25 -36.58
C ARG B 356 13.86 6.80 -35.77
N GLY B 357 13.63 7.89 -35.05
CA GLY B 357 14.69 8.50 -34.27
C GLY B 357 14.92 7.76 -32.98
N ASP B 358 15.98 8.14 -32.25
CA ASP B 358 16.32 7.48 -30.99
C ASP B 358 15.63 8.03 -29.74
N GLU B 359 14.65 8.92 -29.94
CA GLU B 359 13.90 9.45 -28.81
C GLU B 359 12.45 9.57 -29.24
N VAL B 360 11.61 8.74 -28.61
CA VAL B 360 10.19 8.64 -28.91
C VAL B 360 9.34 9.07 -27.72
N VAL B 361 8.41 9.98 -27.97
CA VAL B 361 7.53 10.50 -26.93
C VAL B 361 6.07 10.05 -27.05
N ILE B 362 5.63 9.24 -26.09
CA ILE B 362 4.26 8.76 -26.08
C ILE B 362 3.51 9.64 -25.10
N GLY B 363 2.64 10.50 -25.63
CA GLY B 363 1.86 11.39 -24.80
C GLY B 363 0.50 10.79 -24.59
N ILE B 364 0.07 10.73 -23.34
CA ILE B 364 -1.23 10.16 -23.03
C ILE B 364 -2.02 11.08 -22.10
N ASP B 365 -3.28 11.34 -22.44
CA ASP B 365 -4.10 12.16 -21.57
C ASP B 365 -5.37 11.41 -21.17
N LEU B 366 -5.58 11.32 -19.87
CA LEU B 366 -6.73 10.59 -19.36
C LEU B 366 -8.01 11.37 -19.14
N ALA B 367 -7.96 12.69 -19.30
CA ALA B 367 -9.15 13.51 -19.14
C ALA B 367 -9.92 13.18 -17.87
N ILE B 368 -9.24 13.19 -16.73
CA ILE B 368 -9.89 12.89 -15.46
C ILE B 368 -9.69 14.09 -14.53
N ALA B 369 -8.42 14.45 -14.33
CA ALA B 369 -8.05 15.57 -13.47
C ALA B 369 -6.76 16.21 -13.96
N ASP B 370 -6.08 16.95 -13.08
CA ASP B 370 -4.85 17.61 -13.48
C ASP B 370 -3.59 16.88 -13.06
N GLY B 371 -3.70 15.59 -12.72
CA GLY B 371 -2.56 14.79 -12.31
C GLY B 371 -1.71 14.32 -13.48
N ALA B 372 -0.39 14.51 -13.38
CA ALA B 372 0.54 14.11 -14.44
C ALA B 372 1.91 13.62 -13.92
N PHE B 373 2.61 12.89 -14.77
CA PHE B 373 3.92 12.35 -14.40
C PHE B 373 4.55 11.83 -15.69
N THR B 374 5.87 11.81 -15.73
CA THR B 374 6.56 11.31 -16.91
C THR B 374 7.54 10.21 -16.49
N VAL B 375 7.60 9.13 -17.26
CA VAL B 375 8.54 8.06 -16.94
C VAL B 375 9.40 7.80 -18.16
N TYR B 376 10.60 7.29 -17.92
CA TYR B 376 11.50 7.01 -19.01
C TYR B 376 11.83 5.55 -19.09
N GLY B 377 12.05 5.07 -20.32
CA GLY B 377 12.38 3.68 -20.55
C GLY B 377 13.04 3.52 -21.89
N CYS B 378 13.05 2.31 -22.42
CA CYS B 378 13.65 2.08 -23.72
C CYS B 378 12.93 0.94 -24.40
N ASP B 379 13.21 0.76 -25.70
CA ASP B 379 12.57 -0.28 -26.46
C ASP B 379 13.19 -1.64 -26.15
N LEU B 380 12.46 -2.71 -26.50
CA LEU B 380 12.95 -4.06 -26.28
C LEU B 380 13.55 -4.49 -27.61
N THR B 381 14.81 -4.90 -27.60
CA THR B 381 15.48 -5.29 -28.83
C THR B 381 16.10 -6.67 -28.76
N GLU B 382 16.46 -7.21 -29.92
CA GLU B 382 17.09 -8.52 -29.96
C GLU B 382 18.38 -8.48 -29.15
N GLY B 383 19.00 -7.30 -29.09
CA GLY B 383 20.24 -7.14 -28.36
C GLY B 383 20.09 -7.40 -26.87
N TYR B 384 18.96 -7.01 -26.28
CA TYR B 384 18.73 -7.24 -24.85
C TYR B 384 18.59 -8.72 -24.53
N VAL B 385 17.82 -9.43 -25.35
CA VAL B 385 17.64 -10.85 -25.13
C VAL B 385 18.99 -11.56 -25.25
N ARG B 386 19.71 -11.25 -26.33
CA ARG B 386 21.01 -11.84 -26.57
C ARG B 386 22.01 -11.66 -25.42
N LEU B 387 22.09 -10.45 -24.88
CA LEU B 387 23.03 -10.15 -23.79
C LEU B 387 22.69 -10.86 -22.50
N ASN B 388 21.47 -10.65 -22.03
CA ASN B 388 21.00 -11.27 -20.80
C ASN B 388 20.70 -12.74 -20.94
N SER B 389 20.96 -13.30 -22.12
CA SER B 389 20.75 -14.73 -22.34
C SER B 389 22.11 -15.44 -22.37
N GLU B 390 23.17 -14.71 -22.72
CA GLU B 390 24.52 -15.25 -22.84
C GLU B 390 25.54 -14.80 -21.78
N TYR B 391 25.26 -13.71 -21.07
CA TYR B 391 26.15 -13.21 -19.99
C TYR B 391 25.26 -13.01 -18.76
N THR B 392 25.23 -14.02 -17.90
CA THR B 392 24.37 -14.06 -16.73
C THR B 392 24.63 -13.40 -15.36
N THR B 393 23.49 -12.89 -14.83
CA THR B 393 23.25 -12.14 -13.58
C THR B 393 23.18 -10.65 -13.85
N THR C 8 -27.75 -22.80 1.22
CA THR C 8 -28.48 -24.00 1.72
C THR C 8 -29.66 -23.64 2.64
N PRO C 9 -30.00 -22.34 2.81
CA PRO C 9 -31.14 -22.04 3.69
C PRO C 9 -32.42 -21.91 2.87
N ARG C 10 -33.43 -22.68 3.23
CA ARG C 10 -34.70 -22.67 2.50
C ARG C 10 -35.44 -21.35 2.59
N GLY C 11 -35.91 -20.85 1.45
CA GLY C 11 -36.66 -19.61 1.44
C GLY C 11 -36.01 -18.35 0.89
N PHE C 12 -34.69 -18.35 0.73
CA PHE C 12 -34.03 -17.13 0.23
C PHE C 12 -33.47 -17.19 -1.20
N VAL C 13 -33.77 -16.17 -1.98
CA VAL C 13 -33.27 -16.03 -3.35
C VAL C 13 -32.35 -14.79 -3.40
N VAL C 14 -31.35 -14.81 -4.29
CA VAL C 14 -30.44 -13.68 -4.38
C VAL C 14 -30.31 -13.06 -5.76
N HIS C 15 -30.76 -11.81 -5.94
CA HIS C 15 -30.60 -11.14 -7.23
C HIS C 15 -29.31 -10.29 -7.14
N THR C 16 -28.52 -10.32 -8.21
CA THR C 16 -27.28 -9.56 -8.25
C THR C 16 -27.08 -9.14 -9.69
N ALA C 17 -26.59 -7.93 -9.90
CA ALA C 17 -26.40 -7.42 -11.25
C ALA C 17 -25.65 -6.09 -11.36
N PRO C 18 -24.97 -5.89 -12.49
CA PRO C 18 -24.24 -4.64 -12.66
C PRO C 18 -25.17 -3.49 -13.05
N VAL C 19 -25.21 -2.48 -12.20
CA VAL C 19 -26.03 -1.31 -12.47
C VAL C 19 -25.04 -0.17 -12.63
N GLY C 20 -23.78 -0.54 -12.82
CA GLY C 20 -22.72 0.42 -13.03
C GLY C 20 -22.48 1.49 -11.99
N LEU C 21 -22.57 1.14 -10.71
CA LEU C 21 -22.31 2.11 -9.66
C LEU C 21 -20.85 2.53 -9.84
N ALA C 22 -20.10 1.61 -10.46
CA ALA C 22 -18.70 1.80 -10.79
C ALA C 22 -18.67 1.42 -12.26
N ASP C 23 -17.70 1.91 -13.01
CA ASP C 23 -17.63 1.60 -14.43
C ASP C 23 -16.78 0.40 -14.75
N ASP C 24 -17.28 -0.78 -14.46
CA ASP C 24 -16.55 -2.02 -14.72
C ASP C 24 -17.45 -3.23 -14.96
N GLY C 25 -18.77 -2.99 -15.02
CA GLY C 25 -19.70 -4.07 -15.26
C GLY C 25 -19.76 -5.19 -14.23
N ARG C 26 -18.97 -5.08 -13.16
CA ARG C 26 -18.98 -6.08 -12.12
C ARG C 26 -20.33 -6.02 -11.42
N ASP C 27 -20.72 -7.09 -10.72
CA ASP C 27 -22.00 -7.10 -10.01
C ASP C 27 -21.92 -6.16 -8.82
N ASP C 28 -22.69 -5.06 -8.85
CA ASP C 28 -22.67 -4.10 -7.75
C ASP C 28 -24.06 -3.79 -7.17
N PHE C 29 -25.05 -4.53 -7.65
CA PHE C 29 -26.44 -4.40 -7.23
C PHE C 29 -26.87 -5.77 -6.74
N THR C 30 -27.28 -5.86 -5.49
CA THR C 30 -27.65 -7.14 -4.92
C THR C 30 -28.95 -7.05 -4.16
N VAL C 31 -29.84 -8.00 -4.40
CA VAL C 31 -31.08 -8.02 -3.67
C VAL C 31 -31.16 -9.35 -2.96
N LEU C 32 -31.73 -9.32 -1.77
CA LEU C 32 -31.86 -10.52 -1.00
C LEU C 32 -33.26 -10.54 -0.43
N ALA C 33 -33.98 -11.63 -0.65
CA ALA C 33 -35.34 -11.73 -0.15
C ALA C 33 -35.72 -13.14 0.27
N SER C 34 -36.75 -13.21 1.10
CA SER C 34 -37.27 -14.48 1.60
C SER C 34 -38.65 -14.75 1.03
N THR C 35 -38.92 -16.03 0.80
CA THR C 35 -40.20 -16.49 0.26
C THR C 35 -41.39 -16.09 1.14
N ALA C 36 -41.12 -15.86 2.42
CA ALA C 36 -42.17 -15.49 3.36
C ALA C 36 -41.77 -14.26 4.17
N PRO C 37 -42.64 -13.85 5.12
CA PRO C 37 -42.29 -12.69 5.94
C PRO C 37 -41.21 -13.24 6.87
N ALA C 38 -40.37 -12.36 7.41
CA ALA C 38 -39.31 -12.85 8.28
C ALA C 38 -38.99 -11.98 9.48
N THR C 39 -38.72 -12.64 10.60
CA THR C 39 -38.35 -11.95 11.83
C THR C 39 -36.99 -11.31 11.52
N VAL C 40 -36.83 -10.04 11.87
CA VAL C 40 -35.60 -9.32 11.55
C VAL C 40 -34.96 -8.52 12.68
N SER C 41 -33.78 -8.98 13.12
CA SER C 41 -33.03 -8.30 14.17
C SER C 41 -31.92 -7.52 13.47
N ALA C 42 -31.78 -6.24 13.77
CA ALA C 42 -30.76 -5.44 13.11
C ALA C 42 -30.23 -4.26 13.92
N VAL C 43 -28.95 -3.94 13.69
CA VAL C 43 -28.28 -2.82 14.34
C VAL C 43 -27.61 -2.01 13.24
N PHE C 44 -27.40 -0.71 13.48
CA PHE C 44 -26.77 0.14 12.48
C PHE C 44 -25.85 1.20 13.09
N THR C 45 -25.01 1.79 12.25
CA THR C 45 -24.08 2.82 12.68
C THR C 45 -24.80 3.94 13.42
N ARG C 46 -24.04 4.89 13.94
CA ARG C 46 -24.61 6.01 14.67
C ARG C 46 -23.91 7.31 14.28
N SER C 47 -23.09 7.24 13.24
CA SER C 47 -22.36 8.40 12.76
C SER C 47 -23.27 9.61 12.72
N ARG C 48 -22.74 10.79 12.99
CA ARG C 48 -23.57 11.98 12.92
C ARG C 48 -23.90 12.15 11.46
N PHE C 49 -23.12 11.49 10.62
CA PHE C 49 -23.32 11.56 9.18
C PHE C 49 -23.97 10.31 8.59
N ALA C 50 -24.77 9.60 9.37
CA ALA C 50 -25.40 8.40 8.82
C ALA C 50 -26.19 8.73 7.54
N GLY C 51 -26.12 7.83 6.56
CA GLY C 51 -26.80 8.05 5.30
C GLY C 51 -28.27 7.64 5.29
N PRO C 52 -29.09 8.29 4.44
CA PRO C 52 -30.52 8.03 4.30
C PRO C 52 -30.81 6.55 4.26
N SER C 53 -29.90 5.81 3.65
CA SER C 53 -30.04 4.37 3.55
C SER C 53 -30.33 3.81 4.95
N VAL C 54 -29.51 4.18 5.91
CA VAL C 54 -29.63 3.73 7.30
C VAL C 54 -30.98 4.01 7.97
N VAL C 55 -31.47 5.24 7.85
CA VAL C 55 -32.73 5.59 8.46
C VAL C 55 -33.84 4.69 7.94
N LEU C 56 -33.97 4.61 6.63
CA LEU C 56 -35.00 3.78 6.02
C LEU C 56 -35.00 2.37 6.61
N CYS C 57 -33.81 1.85 6.88
CA CYS C 57 -33.69 0.52 7.46
C CYS C 57 -34.28 0.53 8.85
N ARG C 58 -33.88 1.53 9.64
CA ARG C 58 -34.35 1.67 11.01
C ARG C 58 -35.88 1.57 11.10
N GLU C 59 -36.56 2.38 10.32
CA GLU C 59 -38.00 2.38 10.32
C GLU C 59 -38.51 1.03 9.82
N ALA C 60 -37.95 0.60 8.69
CA ALA C 60 -38.34 -0.66 8.08
C ALA C 60 -38.25 -1.83 9.06
N VAL C 61 -37.16 -1.88 9.82
CA VAL C 61 -36.96 -2.96 10.79
C VAL C 61 -37.73 -2.74 12.09
N ALA C 62 -38.15 -1.51 12.33
CA ALA C 62 -38.88 -1.19 13.56
C ALA C 62 -40.07 -2.13 13.86
N ASP C 63 -40.84 -2.50 12.83
CA ASP C 63 -42.01 -3.36 12.99
C ASP C 63 -41.70 -4.79 13.47
N GLY C 64 -40.57 -5.34 13.01
CA GLY C 64 -40.18 -6.69 13.36
C GLY C 64 -40.18 -7.57 12.11
N GLN C 65 -40.88 -7.08 11.09
CA GLN C 65 -41.00 -7.78 9.83
C GLN C 65 -40.40 -6.99 8.68
N ALA C 66 -39.78 -7.71 7.75
CA ALA C 66 -39.14 -7.14 6.57
C ALA C 66 -38.89 -8.31 5.63
N ARG C 67 -39.22 -8.13 4.36
CA ARG C 67 -39.05 -9.22 3.39
C ARG C 67 -37.80 -9.19 2.51
N GLY C 68 -36.83 -8.32 2.82
CA GLY C 68 -35.62 -8.26 2.01
C GLY C 68 -34.74 -7.04 2.20
N VAL C 69 -33.63 -7.02 1.48
CA VAL C 69 -32.66 -5.91 1.54
C VAL C 69 -31.95 -5.72 0.19
N VAL C 70 -31.86 -4.48 -0.27
CA VAL C 70 -31.20 -4.19 -1.55
C VAL C 70 -29.91 -3.37 -1.36
N VAL C 71 -28.79 -4.07 -1.53
CA VAL C 71 -27.46 -3.49 -1.36
C VAL C 71 -26.84 -2.94 -2.64
N LEU C 72 -26.22 -1.77 -2.53
CA LEU C 72 -25.54 -1.15 -3.66
C LEU C 72 -24.10 -0.81 -3.26
N ALA C 73 -23.14 -1.53 -3.85
CA ALA C 73 -21.70 -1.36 -3.57
C ALA C 73 -21.01 -0.44 -4.56
N ARG C 74 -20.12 0.40 -4.05
CA ARG C 74 -19.35 1.39 -4.82
C ARG C 74 -19.94 2.80 -4.77
N ASN C 75 -21.04 2.96 -4.04
CA ASN C 75 -21.67 4.25 -3.87
C ASN C 75 -22.50 4.13 -2.59
N ALA C 76 -22.03 4.77 -1.51
CA ALA C 76 -22.71 4.69 -0.23
C ALA C 76 -23.93 5.59 -0.13
N ASN C 77 -24.06 6.53 -1.07
CA ASN C 77 -25.21 7.43 -1.08
C ASN C 77 -25.28 8.20 0.25
N VAL C 78 -24.18 8.88 0.58
CA VAL C 78 -24.08 9.66 1.81
C VAL C 78 -23.70 11.10 1.49
N ALA C 79 -24.19 12.03 2.31
CA ALA C 79 -23.91 13.45 2.11
C ALA C 79 -24.36 13.85 0.71
N THR C 80 -25.42 13.22 0.23
CA THR C 80 -25.94 13.51 -1.10
C THR C 80 -27.24 14.33 -1.07
N GLY C 81 -27.17 15.49 -0.41
CA GLY C 81 -28.31 16.39 -0.29
C GLY C 81 -29.70 15.81 -0.32
N LEU C 82 -30.66 16.62 -0.79
CA LEU C 82 -32.05 16.20 -0.86
C LEU C 82 -32.23 15.07 -1.88
N GLU C 83 -31.60 15.22 -3.04
CA GLU C 83 -31.70 14.22 -4.11
C GLU C 83 -31.26 12.85 -3.60
N GLY C 84 -30.23 12.85 -2.74
CA GLY C 84 -29.74 11.61 -2.19
C GLY C 84 -30.86 10.86 -1.52
N GLU C 85 -31.62 11.56 -0.69
CA GLU C 85 -32.75 10.95 0.02
C GLU C 85 -33.83 10.50 -0.93
N GLU C 86 -34.10 11.31 -1.95
CA GLU C 86 -35.13 10.99 -2.94
C GLU C 86 -34.77 9.73 -3.73
N ASN C 87 -33.57 9.69 -4.30
CA ASN C 87 -33.16 8.50 -5.07
C ASN C 87 -33.11 7.30 -4.13
N ALA C 88 -32.65 7.54 -2.92
CA ALA C 88 -32.55 6.50 -1.91
C ALA C 88 -33.90 5.84 -1.71
N ARG C 89 -34.94 6.66 -1.65
CA ARG C 89 -36.31 6.18 -1.46
C ARG C 89 -36.84 5.50 -2.71
N GLU C 90 -36.55 6.08 -3.87
CA GLU C 90 -37.00 5.53 -5.15
C GLU C 90 -36.49 4.11 -5.30
N VAL C 91 -35.17 3.95 -5.30
CA VAL C 91 -34.56 2.64 -5.43
C VAL C 91 -35.13 1.68 -4.39
N ARG C 92 -35.37 2.21 -3.19
CA ARG C 92 -35.90 1.42 -2.09
C ARG C 92 -37.29 0.90 -2.45
N GLU C 93 -38.22 1.83 -2.65
CA GLU C 93 -39.61 1.49 -3.01
C GLU C 93 -39.67 0.62 -4.25
N ALA C 94 -38.89 0.99 -5.26
CA ALA C 94 -38.87 0.24 -6.51
C ALA C 94 -38.73 -1.25 -6.23
N VAL C 95 -37.50 -1.70 -5.96
CA VAL C 95 -37.26 -3.12 -5.69
C VAL C 95 -38.40 -3.79 -4.94
N ALA C 96 -39.10 -3.01 -4.11
CA ALA C 96 -40.21 -3.51 -3.31
C ALA C 96 -41.38 -4.03 -4.15
N ARG C 97 -42.16 -3.12 -4.71
CA ARG C 97 -43.29 -3.51 -5.54
C ARG C 97 -42.71 -4.42 -6.61
N ALA C 98 -41.50 -4.09 -7.05
CA ALA C 98 -40.79 -4.86 -8.06
C ALA C 98 -40.90 -6.36 -7.77
N LEU C 99 -40.17 -6.83 -6.75
CA LEU C 99 -40.21 -8.24 -6.38
C LEU C 99 -41.58 -8.54 -5.77
N GLY C 100 -42.40 -7.51 -5.70
CA GLY C 100 -43.72 -7.66 -5.13
C GLY C 100 -43.61 -7.88 -3.65
N LEU C 101 -43.51 -6.79 -2.89
CA LEU C 101 -43.41 -6.84 -1.44
C LEU C 101 -43.90 -5.57 -0.76
N PRO C 102 -44.14 -5.62 0.54
CA PRO C 102 -44.61 -4.42 1.24
C PRO C 102 -43.50 -3.37 1.38
N GLU C 103 -43.72 -2.20 0.78
CA GLU C 103 -42.77 -1.10 0.83
C GLU C 103 -41.98 -1.08 2.13
N GLY C 104 -42.69 -1.02 3.25
CA GLY C 104 -42.04 -0.98 4.56
C GLY C 104 -41.41 -2.29 5.02
N GLU C 105 -41.17 -3.20 4.10
CA GLU C 105 -40.56 -4.48 4.43
C GLU C 105 -39.26 -4.67 3.64
N MSE C 106 -38.94 -3.70 2.80
CA MSE C 106 -37.72 -3.76 2.01
C MSE C 106 -36.61 -2.90 2.64
O MSE C 106 -36.73 -1.68 2.70
CB MSE C 106 -38.01 -3.28 0.57
CG MSE C 106 -36.83 -3.48 -0.38
SE MSE C 106 -36.14 -5.31 -0.40
CE MSE C 106 -37.22 -6.05 -1.83
N LEU C 107 -35.56 -3.57 3.13
CA LEU C 107 -34.42 -2.87 3.72
C LEU C 107 -33.51 -2.49 2.58
N ILE C 108 -32.68 -1.46 2.78
CA ILE C 108 -31.77 -1.02 1.73
C ILE C 108 -30.44 -0.54 2.28
N ALA C 109 -29.36 -1.11 1.78
CA ALA C 109 -28.01 -0.75 2.21
C ALA C 109 -27.18 -0.24 1.03
N SER C 110 -26.39 0.81 1.27
CA SER C 110 -25.57 1.40 0.22
C SER C 110 -24.16 1.62 0.75
N THR C 111 -23.16 1.07 0.08
CA THR C 111 -21.79 1.23 0.55
C THR C 111 -20.83 1.66 -0.54
N GLY C 112 -19.87 2.50 -0.17
CA GLY C 112 -18.87 2.97 -1.11
C GLY C 112 -18.48 4.43 -0.95
N VAL C 113 -18.38 5.09 -2.10
CA VAL C 113 -18.01 6.49 -2.20
C VAL C 113 -19.00 7.41 -1.50
N ILE C 114 -18.48 8.51 -0.96
CA ILE C 114 -19.33 9.48 -0.27
C ILE C 114 -19.43 10.78 -1.09
N GLY C 115 -20.59 11.42 -1.02
CA GLY C 115 -20.80 12.67 -1.71
C GLY C 115 -20.99 12.55 -3.21
N ARG C 116 -21.54 11.43 -3.68
CA ARG C 116 -21.74 11.23 -5.10
C ARG C 116 -23.09 10.58 -5.35
N GLN C 117 -23.94 11.26 -6.10
CA GLN C 117 -25.29 10.78 -6.43
C GLN C 117 -25.26 9.47 -7.20
N TYR C 118 -26.23 8.61 -6.94
CA TYR C 118 -26.32 7.33 -7.65
C TYR C 118 -26.40 7.58 -9.15
N PRO C 119 -26.24 6.53 -9.98
CA PRO C 119 -26.31 6.68 -11.44
C PRO C 119 -27.73 6.34 -11.90
N MSE C 120 -28.72 6.94 -11.25
CA MSE C 120 -30.14 6.71 -11.52
C MSE C 120 -30.52 6.38 -12.95
O MSE C 120 -31.34 5.48 -13.18
CB MSE C 120 -30.95 7.91 -11.02
CG MSE C 120 -30.90 8.09 -9.52
SE MSE C 120 -31.34 6.47 -8.53
CE MSE C 120 -33.23 6.77 -8.28
N GLU C 121 -29.95 7.12 -13.89
CA GLU C 121 -30.21 6.89 -15.31
C GLU C 121 -30.16 5.38 -15.59
N SER C 122 -29.05 4.75 -15.20
CA SER C 122 -28.87 3.33 -15.41
C SER C 122 -29.61 2.46 -14.39
N ILE C 123 -29.73 2.97 -13.16
CA ILE C 123 -30.37 2.23 -12.09
C ILE C 123 -31.85 1.99 -12.37
N ARG C 124 -32.58 3.08 -12.67
CA ARG C 124 -34.00 2.94 -12.96
C ARG C 124 -34.14 1.90 -14.08
N GLU C 125 -33.47 2.18 -15.19
CA GLU C 125 -33.47 1.33 -16.38
C GLU C 125 -33.41 -0.17 -16.08
N HIS C 126 -32.65 -0.56 -15.07
CA HIS C 126 -32.54 -1.96 -14.69
C HIS C 126 -33.71 -2.32 -13.81
N LEU C 127 -33.90 -1.50 -12.78
CA LEU C 127 -34.96 -1.67 -11.80
C LEU C 127 -36.24 -2.26 -12.36
N LYS C 128 -36.58 -1.86 -13.59
CA LYS C 128 -37.79 -2.37 -14.22
C LYS C 128 -37.58 -3.73 -14.90
N THR C 129 -36.96 -4.69 -14.21
CA THR C 129 -36.73 -6.03 -14.79
C THR C 129 -36.26 -7.08 -13.75
N LEU C 130 -36.79 -7.04 -12.52
CA LEU C 130 -36.35 -7.98 -11.48
C LEU C 130 -37.30 -9.14 -11.13
N GLU C 131 -36.77 -10.16 -10.44
CA GLU C 131 -37.54 -11.34 -10.02
C GLU C 131 -36.72 -12.32 -9.17
N PHE C 139 -26.00 -16.62 -2.73
CA PHE C 139 -25.27 -16.12 -1.57
C PHE C 139 -23.79 -15.97 -1.86
N ASP C 140 -23.23 -16.99 -2.51
CA ASP C 140 -21.82 -16.98 -2.86
C ASP C 140 -21.58 -15.74 -3.70
N ARG C 141 -22.56 -15.38 -4.52
CA ARG C 141 -22.46 -14.22 -5.41
C ARG C 141 -23.00 -12.93 -4.80
N ALA C 142 -23.89 -13.07 -3.83
CA ALA C 142 -24.41 -11.89 -3.15
C ALA C 142 -23.17 -11.32 -2.46
N ALA C 143 -22.45 -12.20 -1.78
CA ALA C 143 -21.24 -11.81 -1.08
C ALA C 143 -20.33 -11.02 -2.03
N ARG C 144 -20.06 -11.59 -3.19
CA ARG C 144 -19.19 -10.96 -4.19
C ARG C 144 -19.69 -9.64 -4.78
N ALA C 145 -21.01 -9.47 -4.86
CA ALA C 145 -21.56 -8.25 -5.45
C ALA C 145 -21.71 -7.05 -4.50
N ILE C 146 -21.39 -7.23 -3.23
CA ILE C 146 -21.47 -6.12 -2.28
C ILE C 146 -20.08 -5.68 -1.85
N MSE C 147 -19.06 -6.35 -2.39
CA MSE C 147 -17.68 -6.02 -2.08
C MSE C 147 -17.30 -4.67 -2.68
O MSE C 147 -17.94 -4.19 -3.63
CB MSE C 147 -16.71 -7.06 -2.68
CG MSE C 147 -16.92 -8.51 -2.24
SE MSE C 147 -15.44 -9.69 -2.76
CE MSE C 147 -15.54 -9.51 -4.70
N THR C 148 -16.30 -4.04 -2.10
CA THR C 148 -15.76 -2.78 -2.58
C THR C 148 -14.25 -2.98 -2.56
N THR C 149 -13.64 -2.69 -1.42
CA THR C 149 -12.20 -2.84 -1.26
C THR C 149 -11.83 -4.23 -0.79
N ASP C 150 -12.84 -5.07 -0.55
CA ASP C 150 -12.59 -6.43 -0.08
C ASP C 150 -11.82 -7.21 -1.15
N THR C 151 -10.69 -7.77 -0.75
CA THR C 151 -9.85 -8.54 -1.69
C THR C 151 -10.36 -9.98 -1.87
N ARG C 152 -11.29 -10.42 -1.02
CA ARG C 152 -11.83 -11.77 -1.10
C ARG C 152 -13.25 -11.75 -0.51
N PRO C 153 -14.23 -12.38 -1.19
CA PRO C 153 -15.61 -12.39 -0.68
C PRO C 153 -15.68 -13.09 0.66
N LYS C 154 -16.67 -12.73 1.46
CA LYS C 154 -16.79 -13.33 2.78
C LYS C 154 -18.17 -13.96 3.01
N GLU C 155 -18.19 -15.28 3.06
CA GLU C 155 -19.41 -16.07 3.26
C GLU C 155 -19.16 -17.10 4.34
N VAL C 156 -20.22 -17.74 4.84
CA VAL C 156 -20.07 -18.74 5.90
C VAL C 156 -21.39 -19.44 6.23
N ARG C 157 -21.35 -20.76 6.32
CA ARG C 157 -22.57 -21.53 6.60
C ARG C 157 -22.47 -22.40 7.86
N VAL C 158 -23.61 -22.57 8.53
CA VAL C 158 -23.67 -23.36 9.75
C VAL C 158 -25.05 -23.99 9.91
N SER C 159 -25.07 -25.32 10.04
CA SER C 159 -26.32 -26.06 10.22
C SER C 159 -26.63 -26.11 11.72
N VAL C 160 -27.89 -25.83 12.07
CA VAL C 160 -28.32 -25.84 13.46
C VAL C 160 -29.74 -26.37 13.54
N GLY C 161 -29.95 -27.37 14.40
CA GLY C 161 -31.28 -27.95 14.54
C GLY C 161 -31.89 -28.24 13.18
N GLY C 162 -31.04 -28.54 12.20
CA GLY C 162 -31.55 -28.84 10.87
C GLY C 162 -31.77 -27.63 9.99
N ALA C 163 -31.79 -26.44 10.59
CA ALA C 163 -31.97 -25.21 9.83
C ALA C 163 -30.64 -24.74 9.27
N THR C 164 -30.68 -23.76 8.39
CA THR C 164 -29.46 -23.25 7.79
C THR C 164 -29.14 -21.82 8.21
N LEU C 165 -27.92 -21.62 8.70
CA LEU C 165 -27.45 -20.31 9.10
C LEU C 165 -26.44 -19.84 8.07
N VAL C 166 -26.83 -18.86 7.27
CA VAL C 166 -25.98 -18.29 6.23
C VAL C 166 -25.38 -16.99 6.74
N GLY C 167 -24.23 -16.62 6.19
CA GLY C 167 -23.57 -15.39 6.62
C GLY C 167 -22.60 -14.81 5.61
N ILE C 168 -22.71 -13.52 5.36
CA ILE C 168 -21.84 -12.81 4.42
C ILE C 168 -21.47 -11.45 5.00
N ALA C 169 -20.18 -11.13 5.01
CA ALA C 169 -19.74 -9.84 5.54
C ALA C 169 -18.91 -9.07 4.53
N LYS C 170 -18.87 -7.75 4.68
CA LYS C 170 -18.10 -6.90 3.76
C LYS C 170 -17.50 -5.69 4.48
N GLY C 171 -16.37 -5.21 4.00
CA GLY C 171 -15.76 -4.05 4.64
C GLY C 171 -14.39 -4.31 5.22
N VAL C 172 -13.38 -3.62 4.70
CA VAL C 172 -12.01 -3.79 5.17
C VAL C 172 -11.24 -2.50 5.41
N GLY C 173 -11.94 -1.38 5.30
CA GLY C 173 -11.37 -0.06 5.52
C GLY C 173 -12.48 0.77 6.15
N MSE C 174 -12.21 1.98 6.62
CA MSE C 174 -13.30 2.75 7.25
C MSE C 174 -14.08 1.73 8.08
O MSE C 174 -15.25 1.48 7.81
CB MSE C 174 -14.20 3.37 6.17
CG MSE C 174 -15.40 4.15 6.72
SE MSE C 174 -16.60 5.01 5.42
CE MSE C 174 -15.45 6.51 5.01
N LEU C 175 -13.44 1.13 9.09
CA LEU C 175 -14.15 0.10 9.83
C LEU C 175 -13.81 -0.26 11.28
N GLU C 176 -14.69 0.18 12.18
CA GLU C 176 -14.64 -0.11 13.61
C GLU C 176 -16.08 0.17 14.06
N PRO C 177 -17.02 -0.74 13.75
CA PRO C 177 -18.43 -0.57 14.13
C PRO C 177 -18.75 -0.39 15.61
N ASP C 178 -19.71 0.49 15.84
CA ASP C 178 -20.23 0.87 17.16
C ASP C 178 -21.72 0.95 16.85
N MSE C 179 -22.25 -0.18 16.39
CA MSE C 179 -23.63 -0.35 15.94
C MSE C 179 -24.73 -0.55 16.98
O MSE C 179 -24.48 -1.01 18.09
CB MSE C 179 -23.70 -1.50 14.95
CG MSE C 179 -22.56 -1.50 13.92
SE MSE C 179 -22.94 -2.69 12.42
CE MSE C 179 -24.07 -1.46 11.51
N ALA C 180 -25.97 -0.23 16.60
CA ALA C 180 -27.14 -0.37 17.46
C ALA C 180 -28.42 0.02 16.74
N THR C 181 -16.61 0.62 5.54
CA THR C 181 -18.00 0.39 5.90
C THR C 181 -18.23 -1.10 6.01
N LEU C 182 -18.91 -1.51 7.06
CA LEU C 182 -19.22 -2.91 7.25
C LEU C 182 -20.70 -3.11 6.93
N LEU C 183 -20.97 -4.17 6.18
CA LEU C 183 -22.33 -4.56 5.82
C LEU C 183 -22.26 -6.05 5.95
N THR C 184 -23.03 -6.59 6.88
CA THR C 184 -23.05 -8.01 7.10
C THR C 184 -24.50 -8.47 7.27
N PHE C 185 -24.88 -9.50 6.50
CA PHE C 185 -26.24 -10.04 6.55
C PHE C 185 -26.25 -11.52 6.88
N PHE C 186 -27.14 -11.92 7.79
CA PHE C 186 -27.28 -13.32 8.16
C PHE C 186 -28.69 -13.83 7.80
N ALA C 187 -28.75 -15.04 7.26
CA ALA C 187 -30.03 -15.62 6.85
C ALA C 187 -30.22 -17.03 7.37
N THR C 188 -31.35 -17.24 8.03
CA THR C 188 -31.69 -18.55 8.59
C THR C 188 -33.16 -18.83 8.29
N ASP C 189 -33.52 -20.11 8.20
CA ASP C 189 -34.91 -20.49 7.94
C ASP C 189 -35.54 -21.08 9.20
N ALA C 190 -34.91 -20.84 10.34
CA ALA C 190 -35.42 -21.32 11.60
C ALA C 190 -36.40 -20.29 12.15
N ARG C 191 -37.26 -20.75 13.05
CA ARG C 191 -38.23 -19.88 13.71
C ARG C 191 -37.59 -19.55 15.03
N LEU C 192 -37.58 -18.27 15.36
CA LEU C 192 -36.97 -17.80 16.61
C LEU C 192 -37.77 -16.68 17.24
N ASP C 193 -38.26 -16.91 18.46
CA ASP C 193 -39.03 -15.90 19.16
C ASP C 193 -38.41 -14.52 18.99
N PRO C 194 -39.13 -13.59 18.31
CA PRO C 194 -38.67 -12.23 18.04
C PRO C 194 -37.78 -11.60 19.11
N ALA C 195 -38.25 -11.60 20.36
CA ALA C 195 -37.49 -11.04 21.46
C ALA C 195 -36.12 -11.71 21.60
N GLU C 196 -36.10 -12.97 22.00
CA GLU C 196 -34.84 -13.70 22.17
C GLU C 196 -33.90 -13.51 20.99
N GLN C 197 -34.45 -13.50 19.78
CA GLN C 197 -33.68 -13.33 18.56
C GLN C 197 -32.98 -11.97 18.54
N ASP C 198 -33.71 -10.93 18.91
CA ASP C 198 -33.17 -9.57 18.94
C ASP C 198 -32.17 -9.41 20.09
N ARG C 199 -32.48 -10.03 21.23
CA ARG C 199 -31.61 -9.95 22.39
C ARG C 199 -30.39 -10.80 22.12
N LEU C 200 -30.57 -11.85 21.33
CA LEU C 200 -29.50 -12.75 20.98
C LEU C 200 -28.61 -12.16 19.88
N PHE C 201 -29.24 -11.48 18.93
CA PHE C 201 -28.54 -10.86 17.82
C PHE C 201 -27.64 -9.70 18.30
N ARG C 202 -28.04 -9.06 19.40
CA ARG C 202 -27.27 -7.96 19.94
C ARG C 202 -26.09 -8.47 20.77
N ARG C 203 -26.32 -9.50 21.58
CA ARG C 203 -25.24 -10.05 22.39
C ARG C 203 -24.08 -10.50 21.50
N VAL C 204 -24.39 -11.24 20.44
CA VAL C 204 -23.36 -11.72 19.53
C VAL C 204 -22.78 -10.56 18.75
N MSE C 205 -23.60 -9.59 18.36
CA MSE C 205 -23.11 -8.45 17.61
C MSE C 205 -22.08 -7.64 18.41
O MSE C 205 -21.22 -6.96 17.84
CB MSE C 205 -24.26 -7.53 17.20
CG MSE C 205 -25.07 -8.04 16.01
SE MSE C 205 -24.06 -8.18 14.37
CE MSE C 205 -23.34 -9.96 14.61
N ASP C 206 -22.16 -7.69 19.74
CA ASP C 206 -21.23 -6.95 20.57
C ASP C 206 -19.94 -7.69 20.75
N ARG C 207 -20.03 -9.00 20.86
CA ARG C 207 -18.87 -9.85 21.03
C ARG C 207 -18.10 -10.08 19.73
N THR C 208 -18.61 -9.58 18.60
CA THR C 208 -17.92 -9.80 17.32
C THR C 208 -17.70 -8.57 16.45
N PHE C 209 -18.70 -8.20 15.66
CA PHE C 209 -18.56 -7.04 14.78
C PHE C 209 -18.26 -5.73 15.50
N ASN C 210 -18.89 -5.50 16.65
CA ASN C 210 -18.62 -4.29 17.42
C ASN C 210 -17.39 -4.55 18.28
N ALA C 211 -16.62 -5.57 17.87
CA ALA C 211 -15.41 -5.97 18.56
C ALA C 211 -14.23 -6.01 17.62
N VAL C 212 -14.41 -5.47 16.41
CA VAL C 212 -13.32 -5.43 15.44
C VAL C 212 -13.04 -4.00 15.00
N SER C 213 -11.75 -3.72 14.76
CA SER C 213 -11.32 -2.40 14.34
C SER C 213 -10.08 -2.45 13.44
N ILE C 214 -10.21 -1.97 12.21
CA ILE C 214 -9.08 -1.93 11.27
C ILE C 214 -8.37 -0.58 11.44
N ASP C 215 -9.09 0.49 11.11
CA ASP C 215 -8.57 1.85 11.19
C ASP C 215 -9.30 2.86 12.10
N THR C 216 -10.22 2.38 12.93
CA THR C 216 -11.00 3.21 13.88
C THR C 216 -11.98 4.20 13.23
N ASP C 217 -12.12 4.15 11.91
CA ASP C 217 -13.00 5.07 11.19
C ASP C 217 -14.44 4.60 11.00
N THR C 218 -15.19 4.43 12.10
CA THR C 218 -16.57 4.00 12.05
C THR C 218 -17.31 4.69 10.90
N SER C 219 -17.72 3.90 9.90
CA SER C 219 -18.41 4.41 8.73
C SER C 219 -19.74 5.05 9.04
N THR C 220 -20.28 5.72 8.03
CA THR C 220 -21.56 6.41 8.10
C THR C 220 -22.63 5.53 7.50
N SER C 221 -22.30 4.26 7.30
CA SER C 221 -23.24 3.36 6.64
C SER C 221 -23.22 1.94 7.15
N ASP C 222 -22.45 1.69 8.21
CA ASP C 222 -22.37 0.35 8.76
C ASP C 222 -23.76 -0.25 8.97
N THR C 223 -23.93 -1.52 8.60
CA THR C 223 -25.22 -2.21 8.75
C THR C 223 -25.07 -3.72 8.96
N ALA C 224 -25.85 -4.26 9.89
CA ALA C 224 -25.78 -5.68 10.16
C ALA C 224 -27.21 -6.19 10.34
N VAL C 225 -27.60 -7.16 9.55
CA VAL C 225 -28.97 -7.65 9.66
C VAL C 225 -29.11 -9.16 9.82
N LEU C 226 -30.20 -9.55 10.46
CA LEU C 226 -30.54 -10.95 10.67
C LEU C 226 -31.96 -11.16 10.16
N PHE C 227 -32.12 -12.10 9.24
CA PHE C 227 -33.42 -12.41 8.66
C PHE C 227 -33.78 -13.84 9.05
N ALA C 228 -35.05 -14.06 9.38
CA ALA C 228 -35.48 -15.40 9.75
C ALA C 228 -36.95 -15.73 9.47
N ASN C 229 -37.15 -16.73 8.61
CA ASN C 229 -38.48 -17.22 8.27
C ASN C 229 -38.57 -18.62 8.90
N GLY C 230 -39.66 -18.91 9.60
CA GLY C 230 -39.79 -20.19 10.25
C GLY C 230 -39.50 -21.42 9.41
N LEU C 231 -39.75 -21.31 8.10
CA LEU C 231 -39.58 -22.40 7.11
C LEU C 231 -38.84 -23.69 7.45
N ALA C 232 -38.06 -23.73 8.53
CA ALA C 232 -37.32 -24.93 8.88
C ALA C 232 -37.62 -25.49 10.25
N GLY C 233 -38.60 -24.90 10.92
CA GLY C 233 -38.94 -25.38 12.25
C GLY C 233 -38.28 -24.59 13.35
N GLU C 234 -39.02 -24.37 14.45
CA GLU C 234 -38.51 -23.61 15.57
C GLU C 234 -37.34 -24.35 16.21
N VAL C 235 -36.13 -23.80 16.02
CA VAL C 235 -34.93 -24.38 16.59
C VAL C 235 -34.66 -23.75 17.95
N ASP C 236 -33.86 -24.43 18.76
CA ASP C 236 -33.52 -23.96 20.10
C ASP C 236 -32.83 -22.59 20.11
N ALA C 237 -33.26 -21.72 21.02
CA ALA C 237 -32.70 -20.38 21.16
C ALA C 237 -31.22 -20.45 21.59
N GLY C 238 -30.96 -21.05 22.74
CA GLY C 238 -29.59 -21.16 23.20
C GLY C 238 -28.72 -21.77 22.12
N GLU C 239 -29.13 -22.94 21.63
CA GLU C 239 -28.40 -23.65 20.59
C GLU C 239 -28.10 -22.74 19.41
N PHE C 240 -29.13 -22.05 18.92
CA PHE C 240 -28.97 -21.16 17.78
C PHE C 240 -28.00 -20.02 18.05
N GLU C 241 -27.69 -19.77 19.32
CA GLU C 241 -26.77 -18.69 19.63
C GLU C 241 -25.34 -19.13 19.37
N GLU C 242 -24.88 -20.16 20.07
CA GLU C 242 -23.53 -20.66 19.87
C GLU C 242 -23.29 -20.70 18.37
N ALA C 243 -24.37 -20.89 17.63
CA ALA C 243 -24.32 -20.93 16.18
C ALA C 243 -23.88 -19.56 15.67
N LEU C 244 -24.83 -18.63 15.63
CA LEU C 244 -24.60 -17.26 15.16
C LEU C 244 -23.26 -16.68 15.60
N HIS C 245 -22.82 -17.02 16.80
CA HIS C 245 -21.55 -16.51 17.29
C HIS C 245 -20.43 -17.01 16.38
N THR C 246 -20.50 -18.29 16.01
CA THR C 246 -19.50 -18.89 15.14
C THR C 246 -19.58 -18.25 13.75
N ALA C 247 -20.78 -18.12 13.23
CA ALA C 247 -20.99 -17.52 11.91
C ALA C 247 -20.45 -16.10 11.89
N ALA C 248 -20.73 -15.36 12.97
CA ALA C 248 -20.25 -14.00 13.08
C ALA C 248 -18.74 -13.96 13.23
N LEU C 249 -18.20 -14.65 14.23
CA LEU C 249 -16.76 -14.65 14.45
C LEU C 249 -15.97 -15.08 13.21
N ALA C 250 -16.57 -15.93 12.38
CA ALA C 250 -15.88 -16.33 11.18
C ALA C 250 -15.66 -15.04 10.40
N LEU C 251 -16.74 -14.49 9.84
CA LEU C 251 -16.70 -13.26 9.05
C LEU C 251 -15.86 -12.13 9.67
N VAL C 252 -15.72 -12.13 10.99
CA VAL C 252 -14.95 -11.09 11.65
C VAL C 252 -13.46 -11.29 11.41
N LYS C 253 -13.01 -12.54 11.51
CA LYS C 253 -11.61 -12.85 11.27
C LYS C 253 -11.32 -12.73 9.77
N ASP C 254 -12.34 -12.98 8.96
CA ASP C 254 -12.20 -12.88 7.52
C ASP C 254 -11.98 -11.40 7.17
N ILE C 255 -12.49 -10.53 8.03
CA ILE C 255 -12.36 -9.08 7.86
C ILE C 255 -11.01 -8.57 8.41
N ALA C 256 -10.67 -9.00 9.61
CA ALA C 256 -9.42 -8.57 10.22
C ALA C 256 -8.23 -9.00 9.37
N SER C 257 -8.30 -10.21 8.81
CA SER C 257 -7.24 -10.75 7.97
C SER C 257 -7.22 -10.15 6.58
N ASP C 258 -8.37 -9.68 6.12
CA ASP C 258 -8.48 -9.10 4.79
C ASP C 258 -8.46 -7.58 4.87
N GLY C 259 -8.02 -7.08 6.03
CA GLY C 259 -7.94 -5.64 6.21
C GLY C 259 -7.16 -5.01 5.07
N GLU C 260 -7.50 -3.77 4.72
CA GLU C 260 -6.79 -3.07 3.64
C GLU C 260 -5.29 -3.03 3.96
N GLY C 261 -4.50 -3.77 3.18
CA GLY C 261 -3.06 -3.81 3.40
C GLY C 261 -2.61 -4.76 4.51
N ALA C 262 -3.55 -5.28 5.31
CA ALA C 262 -3.22 -6.18 6.41
C ALA C 262 -2.23 -7.29 5.99
N ALA C 263 -1.28 -7.58 6.85
CA ALA C 263 -0.30 -8.63 6.57
C ALA C 263 -0.44 -9.68 7.63
N LYS C 264 -1.08 -9.29 8.74
CA LYS C 264 -1.32 -10.20 9.83
C LYS C 264 -2.44 -9.70 10.74
N LEU C 265 -3.41 -10.58 10.98
CA LEU C 265 -4.54 -10.29 11.82
C LEU C 265 -4.08 -10.22 13.27
N ILE C 266 -4.53 -9.19 13.98
CA ILE C 266 -4.17 -9.04 15.37
C ILE C 266 -5.37 -9.31 16.26
N GLU C 267 -5.13 -10.05 17.34
CA GLU C 267 -6.17 -10.42 18.29
C GLU C 267 -5.72 -10.04 19.70
N VAL C 268 -6.50 -9.21 20.37
CA VAL C 268 -6.16 -8.81 21.73
C VAL C 268 -7.06 -9.52 22.74
N GLN C 269 -6.45 -10.33 23.61
CA GLN C 269 -7.19 -11.05 24.64
C GLN C 269 -6.93 -10.39 25.98
N VAL C 270 -7.93 -9.69 26.49
CA VAL C 270 -7.77 -9.02 27.78
C VAL C 270 -8.50 -9.74 28.91
N THR C 271 -7.81 -9.91 30.02
CA THR C 271 -8.40 -10.59 31.18
C THR C 271 -7.98 -9.92 32.48
N GLY C 272 -8.76 -10.17 33.54
CA GLY C 272 -8.45 -9.59 34.84
C GLY C 272 -8.87 -8.14 34.94
N ALA C 273 -9.64 -7.70 33.95
CA ALA C 273 -10.14 -6.33 33.90
C ALA C 273 -11.14 -6.20 35.03
N ARG C 274 -11.40 -4.97 35.47
CA ARG C 274 -12.35 -4.78 36.55
C ARG C 274 -13.74 -5.21 36.09
N ASP C 275 -13.91 -5.32 34.78
CA ASP C 275 -15.18 -5.78 34.21
C ASP C 275 -15.03 -5.92 32.69
N ASP C 276 -16.09 -6.39 32.05
CA ASP C 276 -16.05 -6.59 30.61
C ASP C 276 -15.89 -5.31 29.83
N ALA C 277 -16.54 -4.26 30.30
CA ALA C 277 -16.48 -2.96 29.63
C ALA C 277 -15.03 -2.49 29.51
N GLN C 278 -14.31 -2.58 30.62
CA GLN C 278 -12.91 -2.16 30.67
C GLN C 278 -12.01 -3.03 29.79
N ALA C 279 -12.27 -4.33 29.76
CA ALA C 279 -11.43 -5.22 28.96
C ALA C 279 -11.49 -4.79 27.50
N LYS C 280 -12.70 -4.60 26.99
CA LYS C 280 -12.88 -4.21 25.59
C LYS C 280 -12.20 -2.87 25.41
N ARG C 281 -12.31 -2.03 26.42
CA ARG C 281 -11.70 -0.70 26.41
C ARG C 281 -10.17 -0.77 26.20
N VAL C 282 -9.47 -1.49 27.08
CA VAL C 282 -8.02 -1.63 26.97
C VAL C 282 -7.71 -2.30 25.64
N GLY C 283 -8.54 -3.28 25.29
CA GLY C 283 -8.36 -4.01 24.05
C GLY C 283 -8.24 -3.13 22.82
N LYS C 284 -9.23 -2.27 22.61
CA LYS C 284 -9.23 -1.39 21.45
C LYS C 284 -8.06 -0.42 21.44
N THR C 285 -7.74 0.13 22.61
CA THR C 285 -6.64 1.08 22.74
C THR C 285 -5.35 0.50 22.21
N VAL C 286 -5.14 -0.79 22.48
CA VAL C 286 -3.96 -1.53 22.02
C VAL C 286 -4.07 -1.75 20.50
N VAL C 287 -5.06 -2.55 20.11
CA VAL C 287 -5.33 -2.90 18.71
C VAL C 287 -5.39 -1.72 17.77
N ASN C 288 -5.68 -0.53 18.30
CA ASN C 288 -5.75 0.65 17.46
C ASN C 288 -4.50 1.53 17.55
N SER C 289 -3.60 1.22 18.47
CA SER C 289 -2.36 1.99 18.61
C SER C 289 -1.45 1.82 17.39
N PRO C 290 -1.28 2.88 16.60
CA PRO C 290 -0.42 2.75 15.42
C PRO C 290 0.96 2.13 15.73
N LEU C 291 1.58 2.54 16.85
CA LEU C 291 2.88 2.00 17.19
C LEU C 291 2.78 0.50 17.49
N VAL C 292 1.71 0.07 18.14
CA VAL C 292 1.55 -1.35 18.37
C VAL C 292 1.34 -1.93 16.98
N LYS C 293 0.35 -1.39 16.28
CA LYS C 293 0.01 -1.81 14.91
C LYS C 293 1.20 -2.00 13.96
N THR C 294 2.14 -1.05 13.97
CA THR C 294 3.31 -1.15 13.10
C THR C 294 4.40 -2.10 13.63
N ALA C 295 4.40 -2.34 14.94
CA ALA C 295 5.39 -3.25 15.50
C ALA C 295 5.07 -4.66 15.00
N VAL C 296 3.81 -5.05 15.15
CA VAL C 296 3.38 -6.36 14.70
C VAL C 296 3.65 -6.50 13.20
N HIS C 297 3.51 -5.39 12.46
CA HIS C 297 3.78 -5.42 11.03
C HIS C 297 5.22 -5.75 10.77
N GLY C 298 6.10 -5.18 11.59
CA GLY C 298 7.53 -5.42 11.44
C GLY C 298 8.00 -6.66 12.15
N CYS C 299 7.08 -7.52 12.57
CA CYS C 299 7.40 -8.76 13.27
C CYS C 299 8.15 -8.54 14.60
N ASP C 300 8.06 -7.33 15.14
CA ASP C 300 8.72 -6.99 16.40
C ASP C 300 7.75 -7.24 17.54
N PRO C 301 8.09 -8.18 18.44
CA PRO C 301 7.20 -8.47 19.58
C PRO C 301 7.21 -7.34 20.62
N ASN C 302 7.74 -6.19 20.21
CA ASN C 302 7.86 -4.99 21.03
C ASN C 302 6.76 -4.89 22.10
N TRP C 303 6.97 -5.47 23.28
CA TRP C 303 5.94 -5.44 24.31
C TRP C 303 5.86 -4.09 25.05
N GLY C 304 6.89 -3.28 24.89
CA GLY C 304 6.91 -1.99 25.55
C GLY C 304 5.89 -1.03 24.99
N ARG C 305 5.50 -1.25 23.74
CA ARG C 305 4.50 -0.41 23.11
C ARG C 305 3.10 -0.86 23.54
N VAL C 306 2.93 -2.16 23.70
CA VAL C 306 1.65 -2.68 24.16
C VAL C 306 1.37 -2.03 25.51
N ALA C 307 2.40 -1.97 26.35
CA ALA C 307 2.29 -1.39 27.69
C ALA C 307 1.86 0.06 27.59
N MSE C 308 2.55 0.81 26.73
CA MSE C 308 2.23 2.22 26.50
C MSE C 308 0.76 2.36 26.15
O MSE C 308 0.04 3.16 26.71
CB MSE C 308 3.10 2.75 25.36
CG MSE C 308 2.78 4.20 24.85
SE MSE C 308 1.29 4.31 23.60
CE MSE C 308 2.14 3.45 22.08
N ALA C 309 0.33 1.55 25.20
CA ALA C 309 -1.06 1.61 24.77
C ALA C 309 -1.98 1.41 25.96
N ILE C 310 -1.69 0.45 26.81
CA ILE C 310 -2.54 0.19 27.96
C ILE C 310 -2.63 1.44 28.83
N GLY C 311 -1.49 2.09 29.03
CA GLY C 311 -1.44 3.28 29.85
C GLY C 311 -2.12 4.50 29.26
N LYS C 312 -2.75 4.35 28.10
CA LYS C 312 -3.42 5.51 27.53
C LYS C 312 -4.79 5.56 28.16
N CYS C 313 -5.15 4.49 28.88
CA CYS C 313 -6.45 4.46 29.54
C CYS C 313 -6.29 5.14 30.87
N SER C 314 -5.62 6.29 30.83
CA SER C 314 -5.34 7.10 32.02
C SER C 314 -6.49 7.26 33.02
N ASP C 315 -7.73 7.11 32.57
CA ASP C 315 -8.86 7.23 33.48
C ASP C 315 -9.13 5.98 34.30
N ASP C 316 -8.63 4.83 33.86
CA ASP C 316 -8.83 3.61 34.63
C ASP C 316 -7.67 3.51 35.59
N THR C 317 -7.85 4.08 36.78
CA THR C 317 -6.80 4.11 37.79
C THR C 317 -6.57 2.80 38.55
N ASP C 318 -7.46 1.82 38.39
CA ASP C 318 -7.29 0.55 39.05
C ASP C 318 -6.39 -0.38 38.22
N ILE C 319 -5.74 0.19 37.20
CA ILE C 319 -4.81 -0.55 36.35
C ILE C 319 -3.40 -0.24 36.85
N ASP C 320 -2.82 -1.20 37.57
CA ASP C 320 -1.48 -1.01 38.11
C ASP C 320 -0.37 -1.48 37.20
N GLN C 321 0.48 -0.53 36.82
CA GLN C 321 1.64 -0.73 35.96
C GLN C 321 2.43 -1.98 36.34
N GLU C 322 2.20 -2.49 37.55
CA GLU C 322 2.95 -3.65 38.03
C GLU C 322 2.17 -4.95 38.24
N ARG C 323 0.85 -4.89 38.13
CA ARG C 323 0.05 -6.08 38.31
C ARG C 323 -0.27 -6.56 36.90
N VAL C 324 -0.01 -5.70 35.93
CA VAL C 324 -0.28 -6.00 34.53
C VAL C 324 0.72 -6.98 33.94
N THR C 325 0.22 -7.90 33.15
CA THR C 325 1.08 -8.86 32.49
C THR C 325 0.69 -8.91 31.01
N ILE C 326 1.69 -8.94 30.13
CA ILE C 326 1.48 -8.98 28.68
C ILE C 326 2.14 -10.22 28.09
N ARG C 327 1.44 -10.92 27.22
CA ARG C 327 2.02 -12.11 26.60
C ARG C 327 1.72 -12.15 25.10
N PHE C 328 2.67 -12.69 24.33
CA PHE C 328 2.54 -12.84 22.87
C PHE C 328 2.41 -14.33 22.61
N GLY C 329 1.24 -14.74 22.12
CA GLY C 329 1.01 -16.15 21.88
C GLY C 329 0.68 -16.83 23.21
N GLU C 330 1.72 -17.14 23.98
CA GLU C 330 1.54 -17.78 25.29
C GLU C 330 2.64 -17.25 26.19
N VAL C 331 3.80 -17.03 25.60
CA VAL C 331 4.96 -16.54 26.33
C VAL C 331 4.71 -15.15 26.91
N GLU C 332 4.94 -15.03 28.22
CA GLU C 332 4.76 -13.77 28.90
C GLU C 332 6.05 -12.98 28.77
N VAL C 333 5.97 -11.79 28.19
CA VAL C 333 7.14 -10.96 27.99
C VAL C 333 7.19 -9.80 28.96
N TYR C 334 6.16 -9.69 29.79
CA TYR C 334 6.07 -8.65 30.82
C TYR C 334 5.29 -9.17 32.03
N PRO C 335 5.90 -9.12 33.21
CA PRO C 335 7.25 -8.64 33.52
C PRO C 335 8.37 -9.46 32.87
N PRO C 336 9.49 -8.81 32.50
CA PRO C 336 10.63 -9.47 31.87
C PRO C 336 11.09 -10.74 32.62
N ASP C 344 16.34 -19.97 28.15
CA ASP C 344 15.43 -18.89 27.78
C ASP C 344 15.18 -18.92 26.26
N ASP C 345 16.28 -18.92 25.51
CA ASP C 345 16.27 -18.95 24.05
C ASP C 345 14.97 -19.48 23.42
N ALA C 346 14.65 -20.74 23.70
CA ALA C 346 13.46 -21.38 23.17
C ALA C 346 12.21 -20.50 23.16
N LEU C 347 11.79 -20.05 24.33
CA LEU C 347 10.61 -19.21 24.43
C LEU C 347 10.81 -17.90 23.67
N ARG C 348 11.97 -17.28 23.84
CA ARG C 348 12.26 -16.04 23.14
C ARG C 348 12.13 -16.28 21.63
N ALA C 349 12.40 -17.52 21.22
CA ALA C 349 12.31 -17.90 19.81
C ALA C 349 10.89 -18.30 19.43
N ALA C 350 10.11 -18.75 20.41
CA ALA C 350 8.73 -19.14 20.15
C ALA C 350 7.89 -17.93 19.77
N VAL C 351 8.22 -16.80 20.38
CA VAL C 351 7.54 -15.53 20.13
C VAL C 351 7.91 -15.04 18.73
N ALA C 352 9.22 -14.86 18.51
CA ALA C 352 9.75 -14.42 17.22
C ALA C 352 9.03 -15.08 16.05
N GLU C 353 8.75 -16.38 16.17
CA GLU C 353 8.04 -17.10 15.12
C GLU C 353 6.60 -16.68 15.11
N HIS C 354 6.00 -16.64 16.30
CA HIS C 354 4.61 -16.23 16.45
C HIS C 354 4.36 -14.88 15.73
N LEU C 355 5.32 -13.97 15.81
CA LEU C 355 5.20 -12.68 15.17
C LEU C 355 5.40 -12.71 13.65
N ARG C 356 6.06 -13.76 13.16
CA ARG C 356 6.30 -13.91 11.72
C ARG C 356 5.05 -14.44 11.02
N GLY C 357 4.09 -14.96 11.81
CA GLY C 357 2.86 -15.52 11.27
C GLY C 357 1.73 -14.53 11.08
N ASP C 358 0.72 -14.90 10.29
CA ASP C 358 -0.40 -14.01 10.01
C ASP C 358 -1.51 -13.95 11.04
N GLU C 359 -1.20 -14.28 12.29
CA GLU C 359 -2.18 -14.22 13.37
C GLU C 359 -1.45 -14.04 14.69
N VAL C 360 -1.36 -12.79 15.15
CA VAL C 360 -0.67 -12.50 16.40
C VAL C 360 -1.62 -12.19 17.55
N VAL C 361 -1.58 -13.05 18.55
CA VAL C 361 -2.41 -12.89 19.74
C VAL C 361 -1.59 -12.13 20.78
N ILE C 362 -2.23 -11.20 21.48
CA ILE C 362 -1.57 -10.43 22.52
C ILE C 362 -2.43 -10.61 23.77
N GLY C 363 -1.88 -11.29 24.77
CA GLY C 363 -2.63 -11.51 25.99
C GLY C 363 -2.27 -10.45 27.00
N ILE C 364 -3.27 -9.89 27.67
CA ILE C 364 -3.03 -8.86 28.67
C ILE C 364 -3.90 -9.11 29.90
N ASP C 365 -3.27 -9.12 31.07
CA ASP C 365 -4.01 -9.31 32.31
C ASP C 365 -3.71 -8.18 33.27
N LEU C 366 -4.76 -7.45 33.62
CA LEU C 366 -4.66 -6.28 34.49
C LEU C 366 -4.67 -6.54 36.00
N ALA C 367 -4.98 -7.77 36.38
CA ALA C 367 -4.98 -8.13 37.79
C ALA C 367 -5.90 -7.24 38.64
N ILE C 368 -7.17 -7.20 38.27
CA ILE C 368 -8.13 -6.40 39.02
C ILE C 368 -9.29 -7.29 39.48
N ALA C 369 -9.99 -7.89 38.52
CA ALA C 369 -11.12 -8.76 38.82
C ALA C 369 -11.30 -9.81 37.73
N ASP C 370 -12.52 -10.31 37.55
CA ASP C 370 -12.75 -11.35 36.55
C ASP C 370 -13.35 -10.87 35.22
N GLY C 371 -13.05 -9.63 34.85
CA GLY C 371 -13.57 -9.08 33.60
C GLY C 371 -12.66 -9.35 32.40
N ALA C 372 -13.25 -9.75 31.28
CA ALA C 372 -12.46 -10.03 30.09
C ALA C 372 -13.17 -9.71 28.77
N PHE C 373 -12.38 -9.40 27.75
CA PHE C 373 -12.92 -9.09 26.41
C PHE C 373 -11.84 -9.16 25.33
N THR C 374 -12.24 -9.60 24.15
CA THR C 374 -11.31 -9.74 23.05
C THR C 374 -11.70 -8.94 21.83
N VAL C 375 -10.78 -8.16 21.28
CA VAL C 375 -11.10 -7.42 20.06
C VAL C 375 -10.22 -7.91 18.92
N TYR C 376 -10.60 -7.56 17.71
CA TYR C 376 -9.83 -8.00 16.57
C TYR C 376 -9.37 -6.86 15.73
N GLY C 377 -8.20 -7.01 15.12
CA GLY C 377 -7.70 -5.96 14.28
C GLY C 377 -6.64 -6.47 13.36
N CYS C 378 -5.82 -5.57 12.87
CA CYS C 378 -4.75 -5.96 11.99
C CYS C 378 -3.59 -4.99 12.18
N ASP C 379 -2.55 -5.20 11.39
CA ASP C 379 -1.38 -4.38 11.47
C ASP C 379 -1.47 -3.20 10.51
N LEU C 380 -0.65 -2.18 10.74
CA LEU C 380 -0.61 -1.01 9.89
C LEU C 380 0.51 -1.22 8.86
N THR C 381 0.17 -1.14 7.58
CA THR C 381 1.15 -1.37 6.52
C THR C 381 1.27 -0.22 5.52
N GLU C 382 2.37 -0.21 4.78
CA GLU C 382 2.59 0.82 3.77
C GLU C 382 1.42 0.69 2.82
N GLY C 383 1.00 -0.55 2.59
CA GLY C 383 -0.13 -0.81 1.71
C GLY C 383 -1.32 0.04 2.10
N TYR C 384 -1.86 -0.15 3.31
CA TYR C 384 -2.99 0.65 3.76
C TYR C 384 -2.77 2.11 3.41
N VAL C 385 -1.60 2.63 3.75
CA VAL C 385 -1.29 4.03 3.48
C VAL C 385 -1.35 4.31 1.99
N ARG C 386 -0.61 3.55 1.22
CA ARG C 386 -0.59 3.76 -0.23
C ARG C 386 -1.98 3.60 -0.88
N LEU C 387 -2.80 2.67 -0.38
CA LEU C 387 -4.12 2.50 -0.97
C LEU C 387 -5.01 3.70 -0.73
N ASN C 388 -5.12 4.10 0.55
CA ASN C 388 -5.97 5.21 0.95
C ASN C 388 -5.42 6.58 0.56
N SER C 389 -4.24 6.60 -0.04
CA SER C 389 -3.65 7.86 -0.49
C SER C 389 -3.88 7.98 -2.00
N GLU C 390 -4.22 6.88 -2.65
CA GLU C 390 -4.42 6.94 -4.09
C GLU C 390 -5.81 6.57 -4.64
N TYR C 391 -6.66 5.95 -3.82
CA TYR C 391 -8.06 5.59 -4.21
C TYR C 391 -8.96 6.11 -3.09
N THR C 392 -9.50 7.31 -3.29
CA THR C 392 -10.31 8.00 -2.29
C THR C 392 -11.81 7.78 -1.96
N THR C 393 -12.06 7.84 -0.65
CA THR C 393 -13.32 7.67 0.10
C THR C 393 -13.43 6.28 0.68
N THR D 8 20.32 33.20 25.36
CA THR D 8 19.85 34.61 25.21
C THR D 8 19.22 35.17 26.48
N PRO D 9 18.49 34.33 27.25
CA PRO D 9 17.85 34.80 28.49
C PRO D 9 18.76 34.83 29.72
N ARG D 10 18.53 35.85 30.56
CA ARG D 10 19.30 36.10 31.79
C ARG D 10 19.28 34.99 32.82
N GLY D 11 20.45 34.74 33.40
CA GLY D 11 20.59 33.71 34.42
C GLY D 11 20.39 32.28 33.95
N PHE D 12 20.22 32.10 32.65
CA PHE D 12 19.99 30.78 32.11
C PHE D 12 21.15 30.15 31.35
N VAL D 13 21.83 29.22 32.03
CA VAL D 13 22.96 28.50 31.48
C VAL D 13 22.45 27.17 30.91
N VAL D 14 23.26 26.50 30.10
CA VAL D 14 22.87 25.22 29.50
C VAL D 14 24.02 24.22 29.48
N HIS D 15 23.71 22.93 29.57
CA HIS D 15 24.74 21.91 29.53
C HIS D 15 24.34 20.73 28.64
N THR D 16 25.01 20.57 27.49
CA THR D 16 24.73 19.45 26.60
C THR D 16 25.97 18.56 26.58
N ALA D 17 25.78 17.25 26.57
CA ALA D 17 26.90 16.33 26.57
C ALA D 17 26.58 14.93 26.02
N PRO D 18 27.58 14.24 25.44
CA PRO D 18 27.39 12.90 24.87
C PRO D 18 27.64 11.76 25.86
N VAL D 19 26.71 11.60 26.80
CA VAL D 19 26.82 10.54 27.79
C VAL D 19 27.04 9.18 27.16
N GLY D 20 26.42 8.97 26.00
CA GLY D 20 26.53 7.70 25.32
C GLY D 20 25.32 6.85 25.65
N LEU D 21 24.15 7.49 25.64
CA LEU D 21 22.91 6.80 25.93
C LEU D 21 22.62 5.73 24.89
N ALA D 22 23.07 5.98 23.67
CA ALA D 22 22.88 5.03 22.57
C ALA D 22 24.17 4.90 21.77
N ASP D 23 24.89 3.79 21.95
CA ASP D 23 26.16 3.54 21.26
C ASP D 23 26.27 4.26 19.92
N ASP D 24 26.55 5.57 19.99
CA ASP D 24 26.68 6.40 18.80
C ASP D 24 27.44 7.66 19.17
N GLY D 25 27.52 7.91 20.48
CA GLY D 25 28.22 9.08 20.99
C GLY D 25 27.67 10.41 20.53
N ARG D 26 26.42 10.69 20.87
CA ARG D 26 25.80 11.95 20.49
C ARG D 26 25.35 12.69 21.74
N ASP D 27 24.96 13.95 21.56
CA ASP D 27 24.48 14.77 22.67
C ASP D 27 23.07 14.32 23.02
N ASP D 28 22.97 13.51 24.07
CA ASP D 28 21.70 12.97 24.51
C ASP D 28 21.44 13.28 25.98
N PHE D 29 22.51 13.61 26.70
CA PHE D 29 22.43 13.91 28.13
C PHE D 29 22.51 15.41 28.41
N THR D 30 21.38 16.10 28.24
CA THR D 30 21.32 17.54 28.48
C THR D 30 20.96 17.73 29.96
N VAL D 31 21.30 18.89 30.51
CA VAL D 31 20.99 19.24 31.90
C VAL D 31 20.91 20.76 31.99
N LEU D 32 19.69 21.27 32.14
CA LEU D 32 19.46 22.71 32.22
C LEU D 32 19.59 23.13 33.67
N ALA D 33 19.80 24.43 33.89
CA ALA D 33 19.93 24.98 35.23
C ALA D 33 19.96 26.50 35.28
N SER D 34 19.05 27.07 36.05
CA SER D 34 18.99 28.50 36.23
C SER D 34 19.98 28.87 37.33
N THR D 35 20.77 29.91 37.08
CA THR D 35 21.76 30.36 38.04
C THR D 35 21.08 30.92 39.30
N ALA D 36 19.90 31.52 39.13
CA ALA D 36 19.15 32.10 40.25
C ALA D 36 17.81 31.35 40.44
N PRO D 37 17.26 31.36 41.67
CA PRO D 37 15.99 30.66 41.88
C PRO D 37 14.87 31.12 40.93
N ALA D 38 13.96 30.20 40.60
CA ALA D 38 12.84 30.49 39.70
C ALA D 38 11.57 29.79 40.18
N THR D 39 10.42 30.28 39.72
CA THR D 39 9.11 29.71 40.06
C THR D 39 8.71 28.69 38.99
N VAL D 40 8.82 27.41 39.31
CA VAL D 40 8.51 26.36 38.35
C VAL D 40 7.02 26.04 38.14
N SER D 41 6.72 25.58 36.93
CA SER D 41 5.36 25.17 36.52
C SER D 41 5.52 23.94 35.63
N ALA D 42 4.73 22.90 35.86
CA ALA D 42 4.82 21.71 35.04
C ALA D 42 3.52 20.94 34.91
N VAL D 43 3.52 20.00 33.97
CA VAL D 43 2.40 19.10 33.68
C VAL D 43 3.04 17.84 33.10
N PHE D 44 2.53 16.68 33.48
CA PHE D 44 3.11 15.44 33.00
C PHE D 44 2.04 14.46 32.53
N THR D 45 2.45 13.48 31.73
CA THR D 45 1.51 12.49 31.25
C THR D 45 0.81 11.86 32.44
N ARG D 46 -0.32 11.21 32.17
CA ARG D 46 -1.11 10.54 33.20
C ARG D 46 -1.22 9.06 32.84
N SER D 47 -0.23 8.57 32.11
CA SER D 47 -0.21 7.17 31.68
C SER D 47 -0.14 6.15 32.82
N ARG D 48 -1.02 5.16 32.76
CA ARG D 48 -1.05 4.11 33.78
C ARG D 48 0.30 3.37 33.80
N PHE D 49 1.22 3.81 32.94
CA PHE D 49 2.56 3.23 32.85
C PHE D 49 3.60 4.35 32.89
N ALA D 50 3.24 5.46 33.49
CA ALA D 50 4.13 6.60 33.61
C ALA D 50 5.45 6.10 34.24
N GLY D 51 6.58 6.61 33.76
CA GLY D 51 7.87 6.17 34.31
C GLY D 51 8.29 6.93 35.54
N PRO D 52 9.18 6.36 36.38
CA PRO D 52 9.63 7.05 37.60
C PRO D 52 10.07 8.50 37.43
N SER D 53 10.73 8.83 36.33
CA SER D 53 11.15 10.22 36.13
C SER D 53 9.99 11.18 36.43
N VAL D 54 8.78 10.74 36.07
CA VAL D 54 7.55 11.50 36.27
C VAL D 54 7.20 11.66 37.74
N VAL D 55 7.20 10.56 38.48
CA VAL D 55 6.89 10.63 39.90
C VAL D 55 7.80 11.66 40.57
N LEU D 56 9.10 11.56 40.31
CA LEU D 56 10.04 12.49 40.91
C LEU D 56 9.72 13.92 40.51
N CYS D 57 9.31 14.11 39.25
CA CYS D 57 8.98 15.46 38.76
C CYS D 57 7.76 16.09 39.42
N ARG D 58 6.77 15.28 39.77
CA ARG D 58 5.59 15.80 40.44
C ARG D 58 6.04 16.26 41.83
N GLU D 59 6.57 15.31 42.60
CA GLU D 59 7.06 15.57 43.95
C GLU D 59 7.99 16.76 43.92
N ALA D 60 8.67 16.92 42.79
CA ALA D 60 9.60 17.99 42.59
C ALA D 60 8.98 19.37 42.47
N VAL D 61 8.20 19.60 41.42
CA VAL D 61 7.59 20.92 41.22
C VAL D 61 6.38 21.27 42.10
N ALA D 62 6.07 20.43 43.08
CA ALA D 62 4.94 20.66 43.98
C ALA D 62 5.01 21.95 44.82
N ASP D 63 6.22 22.38 45.17
CA ASP D 63 6.42 23.60 45.97
C ASP D 63 6.44 24.85 45.10
N GLY D 64 6.33 24.66 43.78
CA GLY D 64 6.33 25.78 42.87
C GLY D 64 7.72 26.32 42.65
N GLN D 65 8.70 25.70 43.31
CA GLN D 65 10.08 26.13 43.17
C GLN D 65 11.01 25.02 42.70
N ALA D 66 11.95 25.41 41.86
CA ALA D 66 12.94 24.50 41.28
C ALA D 66 13.87 25.38 40.45
N ARG D 67 15.05 24.86 40.12
CA ARG D 67 16.00 25.65 39.34
C ARG D 67 16.57 24.99 38.09
N GLY D 68 16.02 23.84 37.71
CA GLY D 68 16.50 23.16 36.52
C GLY D 68 15.84 21.84 36.17
N VAL D 69 16.56 21.06 35.36
CA VAL D 69 16.12 19.73 34.89
C VAL D 69 17.27 18.97 34.20
N VAL D 70 17.23 17.63 34.29
CA VAL D 70 18.24 16.75 33.68
C VAL D 70 17.58 15.73 32.74
N VAL D 71 17.69 15.97 31.43
CA VAL D 71 17.08 15.11 30.42
C VAL D 71 18.04 14.11 29.74
N LEU D 72 17.64 12.85 29.69
CA LEU D 72 18.46 11.81 29.08
C LEU D 72 17.72 11.11 27.94
N ALA D 73 18.12 11.40 26.70
CA ALA D 73 17.47 10.83 25.52
C ALA D 73 17.94 9.44 25.09
N ARG D 74 17.11 8.78 24.27
CA ARG D 74 17.33 7.43 23.72
C ARG D 74 16.97 6.29 24.65
N ASN D 75 16.41 6.64 25.81
CA ASN D 75 15.95 5.66 26.78
C ASN D 75 15.01 6.40 27.71
N ALA D 76 13.71 6.13 27.60
CA ALA D 76 12.73 6.79 28.44
C ALA D 76 12.81 6.34 29.89
N ASN D 77 13.54 5.25 30.13
CA ASN D 77 13.68 4.70 31.47
C ASN D 77 12.30 4.44 32.03
N VAL D 78 11.62 3.49 31.40
CA VAL D 78 10.25 3.12 31.78
C VAL D 78 10.11 1.61 31.85
N ALA D 79 9.32 1.13 32.79
CA ALA D 79 9.12 -0.30 32.95
C ALA D 79 10.48 -0.88 33.25
N THR D 80 11.25 -0.15 34.05
CA THR D 80 12.60 -0.56 34.43
C THR D 80 12.70 -0.98 35.91
N GLY D 81 11.62 -1.59 36.41
CA GLY D 81 11.58 -2.07 37.79
C GLY D 81 12.09 -1.17 38.90
N LEU D 82 12.36 -1.77 40.07
CA LEU D 82 12.86 -1.00 41.21
C LEU D 82 14.18 -0.38 40.83
N GLU D 83 14.94 -1.12 40.02
CA GLU D 83 16.23 -0.65 39.57
C GLU D 83 16.07 0.71 38.90
N GLY D 84 15.06 0.81 38.04
CA GLY D 84 14.81 2.06 37.33
C GLY D 84 14.62 3.24 38.26
N GLU D 85 13.85 3.02 39.32
CA GLU D 85 13.60 4.05 40.31
C GLU D 85 14.95 4.53 40.84
N GLU D 86 15.65 3.61 41.50
CA GLU D 86 16.95 3.89 42.08
C GLU D 86 17.83 4.70 41.14
N ASN D 87 17.91 4.28 39.89
CA ASN D 87 18.72 4.98 38.90
C ASN D 87 18.28 6.42 38.66
N ALA D 88 16.97 6.64 38.58
CA ALA D 88 16.41 7.97 38.32
C ALA D 88 16.66 8.97 39.45
N ARG D 89 16.87 8.46 40.66
CA ARG D 89 17.16 9.35 41.79
C ARG D 89 18.65 9.66 41.70
N GLU D 90 19.43 8.60 41.53
CA GLU D 90 20.88 8.69 41.43
C GLU D 90 21.32 9.82 40.52
N VAL D 91 20.70 9.92 39.35
CA VAL D 91 21.03 10.96 38.37
C VAL D 91 20.67 12.36 38.87
N ARG D 92 19.41 12.51 39.24
CA ARG D 92 18.89 13.76 39.75
C ARG D 92 19.66 14.13 41.04
N GLU D 93 19.59 13.28 42.05
CA GLU D 93 20.27 13.52 43.33
C GLU D 93 21.73 13.95 43.16
N ALA D 94 22.37 13.43 42.13
CA ALA D 94 23.76 13.76 41.86
C ALA D 94 23.87 15.12 41.20
N VAL D 95 23.24 15.27 40.04
CA VAL D 95 23.25 16.51 39.28
C VAL D 95 23.25 17.73 40.22
N ALA D 96 22.33 17.72 41.19
CA ALA D 96 22.25 18.82 42.14
C ALA D 96 23.61 18.94 42.86
N ARG D 97 24.04 17.85 43.49
CA ARG D 97 25.32 17.83 44.20
C ARG D 97 26.49 18.03 43.23
N ALA D 98 26.28 18.88 42.22
CA ALA D 98 27.30 19.16 41.22
C ALA D 98 27.21 20.63 40.81
N LEU D 99 26.15 21.28 41.25
CA LEU D 99 25.92 22.69 40.96
C LEU D 99 25.61 23.43 42.24
N GLY D 100 25.56 22.71 43.35
CA GLY D 100 25.26 23.34 44.62
C GLY D 100 23.77 23.46 44.82
N LEU D 101 23.03 23.05 43.80
CA LEU D 101 21.57 23.10 43.80
C LEU D 101 20.92 22.01 44.65
N PRO D 102 19.80 22.36 45.30
CA PRO D 102 19.03 21.45 46.17
C PRO D 102 18.21 20.44 45.35
N GLU D 103 18.15 19.21 45.84
CA GLU D 103 17.40 18.15 45.14
C GLU D 103 15.99 18.56 44.69
N GLY D 104 15.17 19.03 45.63
CA GLY D 104 13.81 19.43 45.30
C GLY D 104 13.65 20.57 44.30
N GLU D 105 14.72 20.88 43.58
CA GLU D 105 14.71 21.92 42.57
C GLU D 105 15.47 21.42 41.37
N MSE D 106 15.39 20.12 41.16
CA MSE D 106 16.05 19.46 40.05
C MSE D 106 15.14 18.41 39.45
O MSE D 106 14.76 17.43 40.09
CB MSE D 106 17.36 18.81 40.52
CG MSE D 106 18.25 18.30 39.39
SE MSE D 106 18.38 19.61 37.94
CE MSE D 106 18.84 21.20 38.96
N LEU D 107 14.75 18.62 38.19
CA LEU D 107 13.87 17.69 37.50
C LEU D 107 14.64 16.70 36.65
N ILE D 108 14.13 15.48 36.56
CA ILE D 108 14.76 14.45 35.74
C ILE D 108 13.79 13.96 34.65
N ALA D 109 13.91 14.53 33.46
CA ALA D 109 13.05 14.17 32.32
C ALA D 109 13.69 13.05 31.49
N SER D 110 12.88 12.10 31.03
CA SER D 110 13.42 11.00 30.25
C SER D 110 12.59 10.59 29.02
N THR D 111 13.25 10.44 27.88
CA THR D 111 12.58 10.05 26.64
C THR D 111 13.40 9.02 25.86
N GLY D 112 12.77 7.91 25.51
CA GLY D 112 13.46 6.89 24.75
C GLY D 112 12.82 5.52 24.71
N VAL D 113 13.65 4.48 24.68
CA VAL D 113 13.17 3.12 24.64
C VAL D 113 12.58 2.70 25.98
N ILE D 114 11.54 1.87 25.92
CA ILE D 114 10.90 1.37 27.13
C ILE D 114 11.47 0.02 27.49
N GLY D 115 11.46 -0.31 28.78
CA GLY D 115 11.95 -1.59 29.24
C GLY D 115 13.47 -1.79 29.24
N ARG D 116 14.22 -0.77 28.80
CA ARG D 116 15.67 -0.89 28.76
C ARG D 116 16.34 -0.06 29.86
N GLN D 117 17.02 -0.75 30.77
CA GLN D 117 17.72 -0.13 31.88
C GLN D 117 18.64 0.95 31.38
N TYR D 118 19.00 1.89 32.24
CA TYR D 118 19.89 2.99 31.87
C TYR D 118 21.33 2.48 31.72
N PRO D 119 22.11 3.08 30.81
CA PRO D 119 23.51 2.63 30.65
C PRO D 119 24.27 3.29 31.81
N MSE D 120 23.93 2.88 33.03
CA MSE D 120 24.50 3.45 34.25
C MSE D 120 26.01 3.55 34.35
O MSE D 120 26.54 4.67 34.50
CB MSE D 120 23.95 2.72 35.47
CG MSE D 120 22.48 3.09 35.78
SE MSE D 120 22.18 5.04 35.82
CE MSE D 120 22.14 5.33 37.73
N GLU D 121 26.71 2.42 34.31
CA GLU D 121 28.16 2.43 34.39
C GLU D 121 28.63 3.69 33.65
N SER D 122 28.22 3.79 32.39
CA SER D 122 28.53 4.93 31.53
C SER D 122 28.35 6.27 32.25
N ILE D 123 27.15 6.83 32.16
CA ILE D 123 26.77 8.11 32.76
C ILE D 123 27.54 8.53 34.03
N ARG D 124 27.54 7.67 35.05
CA ARG D 124 28.26 7.96 36.30
C ARG D 124 29.54 8.73 36.01
N GLU D 125 30.31 8.20 35.06
CA GLU D 125 31.56 8.81 34.66
C GLU D 125 31.34 10.29 34.35
N HIS D 126 30.33 10.57 33.53
CA HIS D 126 30.02 11.95 33.19
C HIS D 126 29.62 12.71 34.45
N LEU D 127 28.99 12.00 35.39
CA LEU D 127 28.55 12.60 36.65
C LEU D 127 29.76 13.13 37.42
N LYS D 128 30.89 12.46 37.24
CA LYS D 128 32.14 12.83 37.89
C LYS D 128 32.63 14.21 37.44
N THR D 129 32.36 14.57 36.17
CA THR D 129 32.79 15.86 35.62
C THR D 129 31.68 16.94 35.48
N LEU D 130 30.66 16.87 36.31
CA LEU D 130 29.55 17.84 36.24
C LEU D 130 29.85 19.15 36.97
N GLU D 131 30.21 20.18 36.20
CA GLU D 131 30.51 21.49 36.76
C GLU D 131 29.54 22.49 36.17
N TRP D 132 29.66 23.75 36.57
CA TRP D 132 28.75 24.75 36.01
C TRP D 132 29.18 25.16 34.61
N PRO D 133 28.21 25.30 33.69
CA PRO D 133 28.50 25.69 32.32
C PRO D 133 29.05 27.10 32.23
N ALA D 134 30.32 27.19 31.83
CA ALA D 134 31.00 28.47 31.69
C ALA D 134 30.21 29.33 30.72
N GLY D 135 29.47 30.30 31.26
CA GLY D 135 28.68 31.17 30.42
C GLY D 135 27.19 30.83 30.39
N GLU D 136 26.38 31.87 30.20
CA GLU D 136 24.92 31.73 30.14
C GLU D 136 24.52 31.50 28.67
N GLY D 137 23.41 30.78 28.45
CA GLY D 137 22.94 30.53 27.11
C GLY D 137 23.28 29.15 26.56
N GLY D 138 22.89 28.89 25.32
CA GLY D 138 23.17 27.61 24.71
C GLY D 138 21.90 26.78 24.55
N PHE D 139 20.78 27.46 24.33
CA PHE D 139 19.48 26.80 24.16
C PHE D 139 19.39 26.23 22.76
N ASP D 140 20.42 26.48 21.96
CA ASP D 140 20.47 25.99 20.60
C ASP D 140 21.06 24.59 20.64
N ARG D 141 22.12 24.41 21.41
CA ARG D 141 22.74 23.10 21.51
C ARG D 141 21.94 22.19 22.43
N ALA D 142 21.11 22.78 23.28
CA ALA D 142 20.27 22.02 24.18
C ALA D 142 19.18 21.33 23.37
N ALA D 143 18.43 22.17 22.65
CA ALA D 143 17.32 21.73 21.80
C ALA D 143 17.66 20.52 20.94
N ARG D 144 18.96 20.22 20.84
CA ARG D 144 19.44 19.09 20.05
C ARG D 144 19.73 17.88 20.92
N ALA D 145 20.41 18.10 22.03
CA ALA D 145 20.77 17.01 22.93
C ALA D 145 19.60 16.15 23.41
N ILE D 146 18.37 16.60 23.14
CA ILE D 146 17.18 15.84 23.57
C ILE D 146 16.29 15.30 22.43
N MSE D 147 16.85 15.15 21.23
CA MSE D 147 16.09 14.64 20.10
C MSE D 147 16.08 13.11 20.19
O MSE D 147 16.98 12.53 20.80
CB MSE D 147 16.74 15.09 18.78
CG MSE D 147 16.62 16.58 18.49
SE MSE D 147 17.10 17.13 16.67
CE MSE D 147 18.68 18.15 17.09
N THR D 148 15.06 12.46 19.62
CA THR D 148 14.98 10.99 19.63
C THR D 148 14.71 10.43 18.25
N THR D 149 13.85 11.10 17.50
CA THR D 149 13.50 10.67 16.15
C THR D 149 13.19 11.91 15.32
N ASP D 150 13.51 13.06 15.89
CA ASP D 150 13.27 14.34 15.23
C ASP D 150 14.35 14.54 14.15
N THR D 151 14.02 15.28 13.09
CA THR D 151 14.97 15.54 12.01
C THR D 151 15.38 17.02 11.99
N ARG D 152 15.18 17.71 13.10
CA ARG D 152 15.54 19.10 13.23
C ARG D 152 15.12 19.62 14.60
N PRO D 153 16.09 20.10 15.39
CA PRO D 153 15.88 20.63 16.75
C PRO D 153 14.83 21.70 16.79
N LYS D 154 14.16 21.84 17.92
CA LYS D 154 13.12 22.83 18.03
C LYS D 154 13.42 23.79 19.16
N GLU D 155 13.83 25.01 18.78
CA GLU D 155 14.18 26.07 19.71
C GLU D 155 13.35 27.29 19.36
N VAL D 156 13.36 28.28 20.24
CA VAL D 156 12.62 29.52 20.02
C VAL D 156 13.04 30.55 21.08
N ARG D 157 12.78 31.83 20.80
CA ARG D 157 13.13 32.93 21.72
C ARG D 157 12.27 34.16 21.44
N VAL D 158 11.50 34.60 22.43
CA VAL D 158 10.62 35.76 22.31
C VAL D 158 10.96 36.91 23.24
N SER D 159 10.72 38.13 22.79
CA SER D 159 10.99 39.33 23.58
C SER D 159 9.68 39.84 24.16
N VAL D 160 9.63 40.03 25.48
CA VAL D 160 8.44 40.52 26.19
C VAL D 160 8.77 41.35 27.45
N GLY D 161 8.18 42.53 27.54
CA GLY D 161 8.39 43.38 28.70
C GLY D 161 9.84 43.53 29.17
N GLY D 162 10.79 43.13 28.33
CA GLY D 162 12.19 43.23 28.71
C GLY D 162 12.76 41.93 29.21
N ALA D 163 11.94 40.89 29.23
CA ALA D 163 12.37 39.57 29.69
C ALA D 163 12.55 38.65 28.48
N THR D 164 13.53 37.76 28.54
CA THR D 164 13.74 36.84 27.42
C THR D 164 13.21 35.43 27.67
N LEU D 165 12.22 35.06 26.86
CA LEU D 165 11.62 33.73 26.94
C LEU D 165 12.26 32.90 25.85
N VAL D 166 12.47 31.62 26.16
CA VAL D 166 13.07 30.71 25.20
C VAL D 166 12.39 29.35 25.39
N GLY D 167 12.31 28.55 24.34
CA GLY D 167 11.67 27.25 24.44
C GLY D 167 12.22 26.16 23.54
N ILE D 168 12.51 25.00 24.13
CA ILE D 168 13.04 23.87 23.38
C ILE D 168 12.22 22.61 23.59
N ALA D 169 11.57 22.16 22.52
CA ALA D 169 10.74 20.96 22.58
C ALA D 169 11.21 19.83 21.67
N LYS D 170 11.02 18.61 22.16
CA LYS D 170 11.37 17.40 21.45
C LYS D 170 10.19 16.42 21.45
N GLY D 171 9.92 15.83 20.29
CA GLY D 171 8.84 14.87 20.18
C GLY D 171 8.16 14.86 18.82
N VAL D 172 8.23 13.72 18.13
CA VAL D 172 7.60 13.58 16.82
C VAL D 172 6.99 12.19 16.65
N GLY D 173 7.06 11.38 17.71
CA GLY D 173 6.52 10.03 17.67
C GLY D 173 5.91 9.65 19.02
N MSE D 174 4.94 8.74 19.01
CA MSE D 174 4.29 8.34 20.27
C MSE D 174 3.91 9.65 20.91
O MSE D 174 4.29 9.93 22.05
CB MSE D 174 5.28 7.60 21.16
CG MSE D 174 4.67 7.06 22.44
SE MSE D 174 5.96 6.32 23.65
CE MSE D 174 6.03 4.50 23.07
N LEU D 175 3.15 10.44 20.15
CA LEU D 175 2.80 11.77 20.60
C LEU D 175 1.40 12.31 20.33
N GLU D 176 0.73 12.62 21.43
CA GLU D 176 -0.61 13.23 21.50
C GLU D 176 -0.72 13.52 23.00
N PRO D 177 0.00 14.56 23.47
CA PRO D 177 -0.04 14.90 24.90
C PRO D 177 -1.40 15.10 25.54
N ASP D 178 -1.47 14.71 26.81
CA ASP D 178 -2.70 14.79 27.60
C ASP D 178 -2.18 15.01 29.03
N MSE D 179 -1.45 16.12 29.21
CA MSE D 179 -0.81 16.45 30.49
C MSE D 179 -1.53 17.31 31.52
O MSE D 179 -2.32 18.19 31.20
CB MSE D 179 0.55 17.10 30.20
CG MSE D 179 1.37 16.33 29.18
SE MSE D 179 2.82 17.34 28.40
CE MSE D 179 4.17 16.47 29.34
N ALA D 180 -1.20 17.02 32.79
CA ALA D 180 -1.76 17.73 33.93
C ALA D 180 -0.74 17.69 35.06
N THR D 181 7.25 10.23 22.76
CA THR D 181 7.38 10.89 24.06
C THR D 181 7.66 12.38 23.82
N LEU D 182 6.89 13.24 24.49
CA LEU D 182 7.05 14.69 24.33
C LEU D 182 7.73 15.36 25.52
N LEU D 183 8.77 16.16 25.22
CA LEU D 183 9.53 16.90 26.24
C LEU D 183 9.72 18.34 25.79
N THR D 184 9.25 19.27 26.61
CA THR D 184 9.36 20.69 26.30
C THR D 184 9.61 21.45 27.60
N PHE D 185 10.55 22.39 27.55
CA PHE D 185 10.88 23.20 28.71
C PHE D 185 11.11 24.62 28.23
N PHE D 186 10.61 25.60 28.97
CA PHE D 186 10.81 26.98 28.60
C PHE D 186 11.61 27.69 29.70
N ALA D 187 12.38 28.71 29.30
CA ALA D 187 13.18 29.49 30.25
C ALA D 187 13.00 30.98 30.02
N THR D 188 12.51 31.68 31.05
CA THR D 188 12.27 33.12 30.99
C THR D 188 12.92 33.76 32.20
N ASP D 189 13.34 35.01 32.05
CA ASP D 189 13.95 35.73 33.15
C ASP D 189 12.99 36.74 33.78
N ALA D 190 11.73 36.71 33.35
CA ALA D 190 10.72 37.61 33.88
C ALA D 190 10.32 37.27 35.31
N ARG D 191 9.96 38.29 36.08
CA ARG D 191 9.52 38.11 37.45
C ARG D 191 8.01 37.92 37.33
N LEU D 192 7.54 36.71 37.66
CA LEU D 192 6.12 36.39 37.57
C LEU D 192 5.53 35.80 38.85
N ASP D 193 4.31 36.22 39.15
CA ASP D 193 3.58 35.75 40.32
C ASP D 193 3.40 34.25 40.29
N PRO D 194 4.02 33.51 41.23
CA PRO D 194 3.91 32.05 41.28
C PRO D 194 2.56 31.55 40.79
N ALA D 195 1.52 31.75 41.60
CA ALA D 195 0.18 31.31 41.25
C ALA D 195 -0.15 31.72 39.82
N GLU D 196 -0.44 33.01 39.61
CA GLU D 196 -0.79 33.54 38.29
C GLU D 196 0.01 32.94 37.13
N GLN D 197 1.21 32.44 37.43
CA GLN D 197 2.06 31.85 36.41
C GLN D 197 1.51 30.51 35.91
N ASP D 198 1.00 29.71 36.82
CA ASP D 198 0.45 28.41 36.46
C ASP D 198 -0.84 28.57 35.67
N ARG D 199 -1.78 29.34 36.21
CA ARG D 199 -3.05 29.56 35.52
C ARG D 199 -2.72 29.88 34.06
N LEU D 200 -1.55 30.48 33.87
CA LEU D 200 -1.05 30.86 32.56
C LEU D 200 -0.45 29.62 31.88
N PHE D 201 0.58 29.05 32.48
CA PHE D 201 1.22 27.87 31.91
C PHE D 201 0.17 26.83 31.54
N ARG D 202 -0.75 26.59 32.46
CA ARG D 202 -1.81 25.61 32.23
C ARG D 202 -2.59 25.98 31.01
N ARG D 203 -3.01 27.24 30.94
CA ARG D 203 -3.79 27.72 29.80
C ARG D 203 -3.09 27.64 28.46
N VAL D 204 -1.80 27.90 28.44
CA VAL D 204 -1.08 27.82 27.17
C VAL D 204 -0.95 26.35 26.79
N MSE D 205 -0.53 25.54 27.76
CA MSE D 205 -0.36 24.11 27.53
C MSE D 205 -1.58 23.47 26.87
O MSE D 205 -1.46 22.83 25.81
CB MSE D 205 -0.04 23.37 28.85
CG MSE D 205 1.37 23.57 29.45
SE MSE D 205 2.98 23.07 28.37
CE MSE D 205 3.26 24.80 27.54
N ASP D 206 -2.76 23.64 27.48
CA ASP D 206 -3.99 23.05 26.94
C ASP D 206 -4.31 23.44 25.52
N ARG D 207 -3.95 24.67 25.13
CA ARG D 207 -4.24 25.14 23.77
C ARG D 207 -3.09 24.95 22.78
N THR D 208 -1.92 24.58 23.29
CA THR D 208 -0.76 24.34 22.43
C THR D 208 -0.38 22.86 22.35
N PHE D 209 0.43 22.38 23.29
CA PHE D 209 0.87 20.98 23.28
C PHE D 209 -0.24 19.95 23.53
N ASN D 210 -1.14 20.24 24.46
CA ASN D 210 -2.25 19.31 24.72
C ASN D 210 -3.21 19.38 23.53
N ALA D 211 -2.78 20.02 22.44
CA ALA D 211 -3.62 20.17 21.25
C ALA D 211 -3.08 19.62 19.93
N VAL D 212 -1.85 19.10 19.94
CA VAL D 212 -1.26 18.53 18.72
C VAL D 212 -1.31 17.01 18.85
N SER D 213 -1.42 16.32 17.72
CA SER D 213 -1.48 14.87 17.74
C SER D 213 -0.89 14.19 16.50
N ILE D 214 0.15 13.39 16.70
CA ILE D 214 0.77 12.70 15.58
C ILE D 214 0.17 11.31 15.34
N ASP D 215 0.42 10.37 16.26
CA ASP D 215 -0.10 9.02 16.11
C ASP D 215 -1.09 8.59 17.18
N THR D 216 -1.56 9.55 17.97
CA THR D 216 -2.52 9.33 19.07
C THR D 216 -1.97 8.44 20.15
N ASP D 217 -0.66 8.15 20.13
CA ASP D 217 -0.13 7.26 21.16
C ASP D 217 0.51 8.00 22.32
N THR D 218 -0.33 8.37 23.28
CA THR D 218 0.13 9.08 24.46
C THR D 218 1.24 8.36 25.21
N SER D 219 2.34 9.08 25.37
CA SER D 219 3.53 8.60 26.02
C SER D 219 3.45 8.31 27.52
N THR D 220 4.39 7.49 27.95
CA THR D 220 4.51 7.11 29.35
C THR D 220 5.54 8.04 29.97
N SER D 221 5.97 9.04 29.22
CA SER D 221 7.00 9.93 29.73
C SER D 221 6.90 11.41 29.34
N ASP D 222 5.72 11.86 28.95
CA ASP D 222 5.56 13.27 28.55
C ASP D 222 5.83 14.23 29.71
N THR D 223 6.67 15.24 29.47
CA THR D 223 7.00 16.27 30.48
C THR D 223 7.05 17.70 29.89
N ALA D 224 6.46 18.67 30.58
CA ALA D 224 6.48 20.07 30.14
C ALA D 224 6.82 20.97 31.35
N VAL D 225 7.69 21.96 31.16
CA VAL D 225 8.09 22.83 32.27
C VAL D 225 8.37 24.31 31.92
N LEU D 226 8.24 25.17 32.92
CA LEU D 226 8.51 26.61 32.80
C LEU D 226 9.44 26.99 33.95
N PHE D 227 10.26 28.02 33.75
CA PHE D 227 11.22 28.51 34.76
C PHE D 227 11.33 30.04 34.65
N ALA D 228 11.01 30.77 35.72
CA ALA D 228 11.07 32.23 35.64
C ALA D 228 11.79 32.99 36.77
N ASN D 229 13.12 33.01 36.72
CA ASN D 229 13.90 33.77 37.72
C ASN D 229 13.81 35.24 37.32
N GLY D 230 12.90 35.98 37.94
CA GLY D 230 12.69 37.39 37.59
C GLY D 230 13.85 38.39 37.50
N LEU D 231 14.97 37.97 36.92
CA LEU D 231 16.17 38.79 36.77
C LEU D 231 16.08 39.93 35.75
N ALA D 232 14.97 40.03 35.02
CA ALA D 232 14.79 41.11 34.05
C ALA D 232 13.59 41.98 34.45
N GLY D 233 13.26 41.88 35.75
CA GLY D 233 12.15 42.65 36.31
C GLY D 233 10.79 42.04 36.09
N GLU D 234 9.80 42.56 36.80
CA GLU D 234 8.44 42.08 36.66
C GLU D 234 8.04 42.23 35.19
N VAL D 235 7.07 41.43 34.76
CA VAL D 235 6.59 41.49 33.39
C VAL D 235 5.09 41.22 33.36
N ASP D 236 4.35 42.11 32.68
CA ASP D 236 2.90 41.97 32.56
C ASP D 236 2.50 40.57 32.09
N ALA D 237 1.78 39.83 32.93
CA ALA D 237 1.36 38.48 32.60
C ALA D 237 0.64 38.47 31.26
N GLY D 238 -0.28 39.42 31.09
CA GLY D 238 -1.04 39.52 29.85
C GLY D 238 -0.15 39.56 28.62
N GLU D 239 0.98 40.24 28.72
CA GLU D 239 1.90 40.33 27.59
C GLU D 239 2.69 39.04 27.51
N PHE D 240 3.13 38.56 28.68
CA PHE D 240 3.91 37.32 28.77
C PHE D 240 3.15 36.10 28.28
N GLU D 241 1.90 35.95 28.70
CA GLU D 241 1.11 34.81 28.27
C GLU D 241 1.04 34.78 26.75
N GLU D 242 0.62 35.90 26.17
CA GLU D 242 0.52 36.03 24.71
C GLU D 242 1.86 35.75 24.04
N ALA D 243 2.94 35.79 24.83
CA ALA D 243 4.27 35.55 24.30
C ALA D 243 4.55 34.06 24.36
N LEU D 244 4.20 33.46 25.49
CA LEU D 244 4.41 32.04 25.68
C LEU D 244 3.47 31.30 24.73
N HIS D 245 2.29 31.86 24.48
CA HIS D 245 1.36 31.24 23.56
C HIS D 245 1.98 31.27 22.16
N THR D 246 2.75 32.31 21.86
CA THR D 246 3.40 32.44 20.55
C THR D 246 4.55 31.44 20.49
N ALA D 247 5.29 31.33 21.58
CA ALA D 247 6.41 30.40 21.65
C ALA D 247 5.90 28.96 21.59
N ALA D 248 5.00 28.61 22.51
CA ALA D 248 4.46 27.25 22.57
C ALA D 248 3.84 26.82 21.25
N LEU D 249 3.10 27.73 20.59
CA LEU D 249 2.47 27.43 19.31
C LEU D 249 3.51 27.41 18.20
N ALA D 250 4.76 27.64 18.57
CA ALA D 250 5.85 27.61 17.61
C ALA D 250 6.30 26.17 17.52
N LEU D 251 6.80 25.65 18.64
CA LEU D 251 7.28 24.27 18.69
C LEU D 251 6.20 23.25 18.31
N VAL D 252 4.95 23.57 18.61
CA VAL D 252 3.86 22.66 18.26
C VAL D 252 3.88 22.46 16.75
N LYS D 253 3.86 23.56 16.00
CA LYS D 253 3.91 23.48 14.55
C LYS D 253 5.22 22.77 14.16
N ASP D 254 6.32 23.16 14.80
CA ASP D 254 7.60 22.53 14.53
C ASP D 254 7.42 21.02 14.68
N ILE D 255 6.56 20.62 15.62
CA ILE D 255 6.30 19.21 15.89
C ILE D 255 5.43 18.45 14.88
N ALA D 256 4.32 19.04 14.46
CA ALA D 256 3.44 18.41 13.49
C ALA D 256 4.11 18.31 12.13
N SER D 257 5.01 19.24 11.85
CA SER D 257 5.73 19.27 10.58
C SER D 257 6.84 18.23 10.57
N ASP D 258 7.40 17.98 11.75
CA ASP D 258 8.47 17.02 11.90
C ASP D 258 7.92 15.66 12.30
N GLY D 259 6.63 15.45 12.02
CA GLY D 259 6.02 14.17 12.35
C GLY D 259 6.79 13.06 11.66
N GLU D 260 7.00 11.95 12.37
CA GLU D 260 7.75 10.82 11.81
C GLU D 260 7.30 10.53 10.38
N GLY D 261 8.24 10.69 9.45
CA GLY D 261 7.95 10.43 8.05
C GLY D 261 6.83 11.28 7.47
N ALA D 262 6.37 12.28 8.22
CA ALA D 262 5.28 13.14 7.73
C ALA D 262 5.69 14.12 6.63
N ALA D 263 4.73 14.48 5.78
CA ALA D 263 5.00 15.41 4.68
C ALA D 263 4.32 16.75 4.92
N LYS D 264 3.02 16.72 5.14
CA LYS D 264 2.34 17.97 5.38
C LYS D 264 1.78 18.11 6.79
N LEU D 265 1.74 19.35 7.26
CA LEU D 265 1.21 19.63 8.58
C LEU D 265 -0.28 19.85 8.38
N ILE D 266 -1.08 19.32 9.31
CA ILE D 266 -2.53 19.48 9.22
C ILE D 266 -3.02 20.29 10.42
N GLU D 267 -3.82 21.31 10.12
CA GLU D 267 -4.36 22.16 11.18
C GLU D 267 -5.90 22.09 11.11
N VAL D 268 -6.52 21.57 12.16
CA VAL D 268 -7.97 21.46 12.17
C VAL D 268 -8.55 22.55 13.02
N GLN D 269 -9.28 23.46 12.39
CA GLN D 269 -9.91 24.58 13.07
C GLN D 269 -11.41 24.37 13.24
N VAL D 270 -11.81 24.00 14.44
CA VAL D 270 -13.21 23.76 14.73
C VAL D 270 -13.79 24.99 15.42
N THR D 271 -14.96 25.40 14.96
CA THR D 271 -15.68 26.55 15.48
C THR D 271 -17.16 26.23 15.34
N GLY D 272 -17.97 26.89 16.17
CA GLY D 272 -19.40 26.62 16.11
C GLY D 272 -19.80 25.53 17.07
N ALA D 273 -18.81 24.89 17.71
CA ALA D 273 -19.10 23.82 18.65
C ALA D 273 -19.99 24.41 19.75
N ARG D 274 -20.74 23.57 20.45
CA ARG D 274 -21.59 24.09 21.51
C ARG D 274 -20.70 24.60 22.63
N ASP D 275 -19.43 24.26 22.55
CA ASP D 275 -18.43 24.68 23.54
C ASP D 275 -17.04 24.23 23.11
N ASP D 276 -16.03 24.82 23.72
CA ASP D 276 -14.64 24.50 23.40
C ASP D 276 -14.36 23.01 23.42
N ALA D 277 -14.55 22.39 24.57
CA ALA D 277 -14.31 20.96 24.73
C ALA D 277 -14.77 20.17 23.51
N GLN D 278 -15.99 20.42 23.04
CA GLN D 278 -16.50 19.70 21.89
C GLN D 278 -15.65 20.03 20.70
N ALA D 279 -15.29 21.30 20.57
CA ALA D 279 -14.43 21.73 19.46
C ALA D 279 -13.20 20.84 19.42
N LYS D 280 -12.44 20.82 20.52
CA LYS D 280 -11.23 20.00 20.60
C LYS D 280 -11.54 18.53 20.33
N ARG D 281 -12.72 18.07 20.73
CA ARG D 281 -13.11 16.68 20.53
C ARG D 281 -13.26 16.37 19.04
N VAL D 282 -14.07 17.17 18.34
CA VAL D 282 -14.28 16.95 16.91
C VAL D 282 -12.98 17.25 16.16
N GLY D 283 -12.17 18.13 16.74
CA GLY D 283 -10.92 18.48 16.11
C GLY D 283 -9.99 17.29 16.07
N LYS D 284 -9.64 16.78 17.25
CA LYS D 284 -8.77 15.63 17.37
C LYS D 284 -9.28 14.45 16.54
N THR D 285 -10.55 14.10 16.71
CA THR D 285 -11.12 12.97 15.95
C THR D 285 -10.82 13.04 14.45
N VAL D 286 -10.93 14.24 13.88
CA VAL D 286 -10.67 14.46 12.46
C VAL D 286 -9.17 14.28 12.17
N VAL D 287 -8.34 15.03 12.89
CA VAL D 287 -6.91 15.01 12.68
C VAL D 287 -6.27 13.65 12.96
N ASN D 288 -6.94 12.77 13.69
CA ASN D 288 -6.36 11.45 13.96
C ASN D 288 -6.83 10.42 12.94
N SER D 289 -8.01 10.62 12.36
CA SER D 289 -8.56 9.68 11.38
C SER D 289 -7.55 9.13 10.37
N PRO D 290 -7.32 7.81 10.38
CA PRO D 290 -6.35 7.28 9.42
C PRO D 290 -6.74 7.57 7.97
N LEU D 291 -8.04 7.60 7.69
CA LEU D 291 -8.49 7.91 6.34
C LEU D 291 -8.31 9.39 6.01
N VAL D 292 -8.36 10.25 7.01
CA VAL D 292 -8.16 11.68 6.76
C VAL D 292 -6.69 11.94 6.49
N LYS D 293 -5.84 11.42 7.36
CA LYS D 293 -4.39 11.62 7.21
C LYS D 293 -3.81 11.05 5.90
N THR D 294 -4.36 9.94 5.40
CA THR D 294 -3.87 9.34 4.17
C THR D 294 -4.34 10.14 2.96
N ALA D 295 -5.57 10.66 3.01
CA ALA D 295 -6.09 11.46 1.91
C ALA D 295 -5.27 12.76 1.82
N VAL D 296 -5.06 13.41 2.97
CA VAL D 296 -4.26 14.62 2.97
C VAL D 296 -2.87 14.24 2.46
N HIS D 297 -2.46 13.00 2.70
CA HIS D 297 -1.16 12.59 2.23
C HIS D 297 -1.16 12.55 0.71
N GLY D 298 -2.31 12.21 0.13
CA GLY D 298 -2.42 12.15 -1.31
C GLY D 298 -2.88 13.46 -1.94
N CYS D 299 -2.57 14.57 -1.29
CA CYS D 299 -2.94 15.90 -1.79
C CYS D 299 -4.38 15.97 -2.29
N ASP D 300 -5.26 15.21 -1.66
CA ASP D 300 -6.66 15.15 -2.05
C ASP D 300 -7.59 15.75 -0.99
N PRO D 301 -8.35 16.79 -1.36
CA PRO D 301 -9.28 17.45 -0.44
C PRO D 301 -10.56 16.64 -0.26
N ASN D 302 -10.40 15.46 0.33
CA ASN D 302 -11.53 14.57 0.57
C ASN D 302 -12.34 15.12 1.74
N TRP D 303 -13.57 15.51 1.50
CA TRP D 303 -14.37 16.04 2.60
C TRP D 303 -15.32 14.94 3.06
N GLY D 304 -15.47 13.92 2.24
CA GLY D 304 -16.31 12.79 2.59
C GLY D 304 -15.68 12.05 3.75
N ARG D 305 -14.35 12.07 3.81
CA ARG D 305 -13.67 11.41 4.92
C ARG D 305 -13.71 12.34 6.11
N VAL D 306 -13.53 13.64 5.87
CA VAL D 306 -13.61 14.61 6.96
C VAL D 306 -14.97 14.47 7.64
N ALA D 307 -16.03 14.41 6.83
CA ALA D 307 -17.37 14.26 7.38
C ALA D 307 -17.41 12.94 8.18
N MSE D 308 -17.19 11.82 7.47
CA MSE D 308 -17.15 10.50 8.07
C MSE D 308 -16.60 10.65 9.48
O MSE D 308 -17.23 10.25 10.46
CB MSE D 308 -16.25 9.60 7.22
CG MSE D 308 -15.95 8.20 7.73
SE MSE D 308 -14.78 8.01 9.29
CE MSE D 308 -13.07 8.43 8.46
N ALA D 309 -15.42 11.27 9.54
CA ALA D 309 -14.72 11.51 10.80
C ALA D 309 -15.55 12.31 11.79
N ILE D 310 -16.07 13.46 11.38
CA ILE D 310 -16.89 14.25 12.27
C ILE D 310 -18.00 13.35 12.80
N GLY D 311 -18.65 12.62 11.90
CA GLY D 311 -19.72 11.71 12.29
C GLY D 311 -19.30 10.68 13.33
N LYS D 312 -18.00 10.55 13.58
CA LYS D 312 -17.49 9.59 14.56
C LYS D 312 -17.81 10.05 15.98
N CYS D 313 -18.03 11.35 16.14
CA CYS D 313 -18.40 11.85 17.46
C CYS D 313 -19.93 11.64 17.43
N SER D 314 -20.31 10.37 17.58
CA SER D 314 -21.70 9.93 17.53
C SER D 314 -22.64 10.31 18.68
N ASP D 315 -22.09 10.77 19.80
CA ASP D 315 -22.93 11.15 20.93
C ASP D 315 -23.25 12.63 20.90
N ASP D 316 -22.36 13.39 20.28
CA ASP D 316 -22.58 14.82 20.18
C ASP D 316 -23.69 15.04 19.16
N THR D 317 -24.88 14.61 19.55
CA THR D 317 -26.07 14.70 18.71
C THR D 317 -26.45 16.11 18.31
N ASP D 318 -25.80 17.11 18.87
CA ASP D 318 -26.14 18.47 18.48
C ASP D 318 -25.34 18.83 17.23
N ILE D 319 -24.59 17.86 16.69
CA ILE D 319 -23.83 18.08 15.48
C ILE D 319 -24.72 17.56 14.36
N ASP D 320 -25.16 18.46 13.49
CA ASP D 320 -26.06 18.08 12.41
C ASP D 320 -25.39 17.94 11.05
N GLN D 321 -25.66 16.80 10.42
CA GLN D 321 -25.10 16.50 9.11
C GLN D 321 -25.29 17.62 8.10
N GLU D 322 -26.46 18.26 8.13
CA GLU D 322 -26.75 19.35 7.19
C GLU D 322 -26.09 20.68 7.55
N ARG D 323 -26.12 21.03 8.83
CA ARG D 323 -25.57 22.32 9.28
C ARG D 323 -24.05 22.43 9.31
N VAL D 324 -23.35 21.32 9.17
CA VAL D 324 -21.90 21.37 9.23
C VAL D 324 -21.29 21.85 7.93
N THR D 325 -20.15 22.55 8.03
CA THR D 325 -19.47 23.00 6.82
C THR D 325 -17.98 22.75 6.93
N ILE D 326 -17.46 22.04 5.95
CA ILE D 326 -16.06 21.69 5.86
C ILE D 326 -15.45 22.54 4.76
N ARG D 327 -14.19 22.89 4.91
CA ARG D 327 -13.53 23.71 3.91
C ARG D 327 -12.01 23.56 4.02
N PHE D 328 -11.37 23.47 2.87
CA PHE D 328 -9.92 23.33 2.82
C PHE D 328 -9.32 24.69 2.55
N GLY D 329 -8.17 24.96 3.17
CA GLY D 329 -7.54 26.26 2.99
C GLY D 329 -8.48 27.31 3.55
N GLU D 330 -9.10 28.08 2.66
CA GLU D 330 -10.07 29.09 3.08
C GLU D 330 -11.30 28.84 2.21
N VAL D 331 -11.14 27.95 1.25
CA VAL D 331 -12.22 27.60 0.33
C VAL D 331 -13.14 26.55 0.94
N GLU D 332 -14.45 26.77 0.86
CA GLU D 332 -15.40 25.81 1.41
C GLU D 332 -15.67 24.76 0.36
N VAL D 333 -16.07 23.57 0.79
CA VAL D 333 -16.36 22.49 -0.15
C VAL D 333 -17.60 21.68 0.23
N TYR D 334 -18.09 21.86 1.45
CA TYR D 334 -19.27 21.14 1.89
C TYR D 334 -20.26 22.11 2.51
N PRO D 335 -21.52 22.10 2.05
CA PRO D 335 -22.03 21.23 0.98
C PRO D 335 -21.60 21.73 -0.39
N PRO D 336 -21.61 20.86 -1.41
CA PRO D 336 -21.22 21.24 -2.78
C PRO D 336 -22.06 22.36 -3.36
N ASP D 344 -17.01 27.06 -9.72
CA ASP D 344 -16.33 25.86 -10.20
C ASP D 344 -14.89 26.18 -10.61
N ASP D 345 -14.35 25.39 -11.52
CA ASP D 345 -12.98 25.55 -12.05
C ASP D 345 -11.96 26.23 -11.15
N ALA D 346 -11.55 27.44 -11.53
CA ALA D 346 -10.54 28.23 -10.80
C ALA D 346 -10.53 28.08 -9.28
N LEU D 347 -11.63 27.62 -8.70
CA LEU D 347 -11.73 27.42 -7.24
C LEU D 347 -11.12 26.09 -6.81
N ARG D 348 -11.62 25.00 -7.38
CA ARG D 348 -11.13 23.68 -7.07
C ARG D 348 -9.61 23.69 -7.21
N ALA D 349 -9.12 24.46 -8.17
CA ALA D 349 -7.69 24.57 -8.44
C ALA D 349 -6.86 25.10 -7.27
N ALA D 350 -7.42 26.03 -6.49
CA ALA D 350 -6.69 26.59 -5.37
C ALA D 350 -6.69 25.58 -4.23
N VAL D 351 -7.81 24.88 -4.07
CA VAL D 351 -7.92 23.85 -3.04
C VAL D 351 -6.85 22.81 -3.36
N ALA D 352 -6.83 22.39 -4.62
CA ALA D 352 -5.87 21.41 -5.09
C ALA D 352 -4.45 21.89 -4.75
N GLU D 353 -4.16 23.13 -5.10
CA GLU D 353 -2.85 23.71 -4.83
C GLU D 353 -2.56 23.75 -3.34
N HIS D 354 -3.61 23.98 -2.54
CA HIS D 354 -3.43 24.02 -1.10
C HIS D 354 -3.05 22.65 -0.55
N LEU D 355 -3.80 21.62 -0.93
CA LEU D 355 -3.52 20.28 -0.47
C LEU D 355 -2.17 19.76 -0.94
N ARG D 356 -1.62 20.40 -1.96
CA ARG D 356 -0.30 20.01 -2.45
C ARG D 356 0.73 20.73 -1.56
N GLY D 357 0.24 21.73 -0.83
CA GLY D 357 1.11 22.49 0.07
C GLY D 357 1.52 21.69 1.28
N ASP D 358 2.59 22.09 1.96
CA ASP D 358 3.05 21.35 3.13
C ASP D 358 2.32 21.71 4.42
N GLU D 359 1.27 22.52 4.30
CA GLU D 359 0.48 22.89 5.47
C GLU D 359 -0.99 23.02 5.12
N VAL D 360 -1.72 21.92 5.26
CA VAL D 360 -3.16 21.89 4.97
C VAL D 360 -3.99 22.29 6.18
N VAL D 361 -5.08 22.99 5.93
CA VAL D 361 -6.00 23.44 6.97
C VAL D 361 -7.42 22.96 6.74
N ILE D 362 -7.88 22.05 7.59
CA ILE D 362 -9.24 21.58 7.47
C ILE D 362 -10.05 22.42 8.47
N GLY D 363 -10.90 23.29 7.95
CA GLY D 363 -11.72 24.11 8.83
C GLY D 363 -13.11 23.53 8.91
N ILE D 364 -13.57 23.28 10.13
CA ILE D 364 -14.91 22.73 10.33
C ILE D 364 -15.71 23.67 11.22
N ASP D 365 -16.99 23.82 10.88
CA ASP D 365 -17.88 24.66 11.64
C ASP D 365 -19.15 23.86 11.88
N LEU D 366 -19.42 23.59 13.15
CA LEU D 366 -20.59 22.80 13.52
C LEU D 366 -21.89 23.58 13.60
N ALA D 367 -21.79 24.91 13.63
CA ALA D 367 -22.97 25.75 13.71
C ALA D 367 -23.89 25.37 14.90
N ILE D 368 -23.38 25.55 16.11
CA ILE D 368 -24.15 25.22 17.30
C ILE D 368 -24.04 26.30 18.37
N ALA D 369 -22.85 26.91 18.48
CA ALA D 369 -22.62 27.95 19.47
C ALA D 369 -21.32 28.66 19.15
N ASP D 370 -20.67 29.23 20.16
CA ASP D 370 -19.42 29.93 19.95
C ASP D 370 -18.22 29.06 20.34
N GLY D 371 -18.49 27.77 20.54
CA GLY D 371 -17.44 26.84 20.91
C GLY D 371 -16.46 26.62 19.77
N ALA D 372 -15.18 26.81 20.06
CA ALA D 372 -14.16 26.64 19.04
C ALA D 372 -12.80 26.30 19.64
N PHE D 373 -12.01 25.51 18.91
CA PHE D 373 -10.70 25.07 19.35
C PHE D 373 -9.94 24.58 18.11
N THR D 374 -8.61 24.53 18.19
CA THR D 374 -7.79 24.08 17.06
C THR D 374 -6.78 23.03 17.50
N VAL D 375 -6.57 22.00 16.67
CA VAL D 375 -5.60 20.92 16.97
C VAL D 375 -4.57 20.77 15.85
N TYR D 376 -3.41 20.21 16.18
CA TYR D 376 -2.33 20.04 15.21
C TYR D 376 -1.91 18.61 14.93
N GLY D 377 -1.66 18.34 13.66
CA GLY D 377 -1.26 17.01 13.25
C GLY D 377 -0.54 16.97 11.91
N CYS D 378 -0.37 15.77 11.39
CA CYS D 378 0.30 15.58 10.12
C CYS D 378 -0.42 14.48 9.36
N ASP D 379 0.13 14.12 8.20
CA ASP D 379 -0.45 13.08 7.38
C ASP D 379 0.15 11.70 7.71
N LEU D 380 -0.53 10.63 7.32
CA LEU D 380 0.00 9.29 7.55
C LEU D 380 0.73 8.93 6.26
N THR D 381 1.90 8.32 6.39
CA THR D 381 2.69 7.97 5.22
C THR D 381 3.46 6.67 5.34
N GLU D 382 3.99 6.20 4.22
CA GLU D 382 4.76 4.98 4.21
C GLU D 382 5.98 5.16 5.12
N GLY D 383 6.46 6.41 5.18
CA GLY D 383 7.59 6.71 6.03
C GLY D 383 7.29 6.32 7.47
N TYR D 384 6.15 6.73 7.97
CA TYR D 384 5.77 6.40 9.34
C TYR D 384 5.80 4.90 9.53
N VAL D 385 5.17 4.16 8.63
CA VAL D 385 5.16 2.71 8.77
C VAL D 385 6.55 2.12 8.69
N ARG D 386 7.38 2.68 7.80
CA ARG D 386 8.76 2.24 7.60
C ARG D 386 9.59 2.38 8.87
N LEU D 387 9.58 3.58 9.44
CA LEU D 387 10.33 3.88 10.66
C LEU D 387 9.92 3.07 11.86
N ASN D 388 8.61 3.01 12.13
CA ASN D 388 8.14 2.28 13.29
C ASN D 388 8.01 0.78 13.09
N SER D 389 8.42 0.28 11.93
CA SER D 389 8.32 -1.15 11.66
C SER D 389 9.69 -1.82 11.60
N GLU D 390 10.76 -1.01 11.60
CA GLU D 390 12.12 -1.53 11.52
C GLU D 390 12.69 -1.98 12.85
S SO4 E . -4.01 -11.56 -30.77
O1 SO4 E . -4.06 -10.44 -29.82
O2 SO4 E . -2.98 -11.29 -31.81
O3 SO4 E . -3.68 -12.82 -30.07
O4 SO4 E . -5.32 -11.70 -31.43
S SO4 F . 15.80 -17.36 -30.95
O1 SO4 F . 16.74 -16.74 -29.95
O2 SO4 F . 14.38 -17.21 -30.49
O3 SO4 F . 15.95 -16.73 -32.29
O4 SO4 F . 16.10 -18.82 -31.05
S SO4 G . -30.30 -38.41 -15.97
O1 SO4 G . -29.24 -39.27 -15.32
O2 SO4 G . -31.59 -39.17 -16.05
O3 SO4 G . -30.45 -37.18 -15.15
O4 SO4 G . -29.90 -38.08 -17.38
S SO4 H . 24.44 -4.95 -12.55
O1 SO4 H . 23.37 -5.79 -11.98
O2 SO4 H . 25.09 -5.66 -13.68
O3 SO4 H . 23.87 -3.67 -13.03
O4 SO4 H . 25.44 -4.69 -11.52
S SO4 I . -16.26 1.06 1.86
O1 SO4 I . -16.04 2.24 2.71
O2 SO4 I . -15.57 1.22 0.56
O3 SO4 I . -15.73 -0.13 2.55
O4 SO4 I . -17.69 0.89 1.65
S SO4 J . 10.70 8.57 21.72
O1 SO4 J . 9.82 7.68 22.50
O2 SO4 J . 11.29 7.83 20.56
O3 SO4 J . 9.93 9.72 21.23
O4 SO4 J . 11.80 9.04 22.59
#